data_3N04
#
_entry.id   3N04
#
_cell.length_a   68.861
_cell.length_b   124.970
_cell.length_c   88.601
_cell.angle_alpha   90.00
_cell.angle_beta   107.74
_cell.angle_gamma   90.00
#
_symmetry.space_group_name_H-M   'P 1 21 1'
#
loop_
_entity.id
_entity.type
_entity.pdbx_description
1 polymer alpha-glucosidase
2 non-polymer GLYCEROL
3 water water
#
_entity_poly.entity_id   1
_entity_poly.type   'polypeptide(L)'
_entity_poly.pdbx_seq_one_letter_code
;SNA(MSE)IRKYRYGAPFDTEALTEKIETAEEAFPYGEISQKEGFAFTYI(MSE)DEDDIVYGLGESNRGINKRGYCYIS
NCTDDPIHTEDKRSLYGAHNFIIVSGKTTFGLFFDYPSKLTFDIGYTR(MSE)DTLKVSCENADLDIYVIEGENAYDIVK
QFRRVIGRSYIPPKFAFGFGQSRWGYTTKEDFRAVAKGYRENHIPID(MSE)IY(MSE)DIDY(MSE)QDFKDFTVNEKN
FPDFPEFVKE(MSE)KDQELRLIPIIDAGVKVEKGYEVYEEGVKNNYFCKREDGSDFVAAVWPGDTHFPD(MSE)LNPEA
RKWFGDKYRFLIDQGIEGFWND(MSE)NEPAIFYSSEGLAEAKEFAGEFAKDTEGKIHPWA(MSE)QAK(MSE)KDIVNS
PEDYKRFYHNVNGKKIRHDKVHNLFGYN(MSE)TRAAGEAFERIDPEKRFL(MSE)FSRSSYIG(MSE)HRYGGIW
(MSE)GDNKSWWSHILLNLK(MSE)LPSLN(MSE)CGF(MSE)YTGADLGGFGDDTTRDLLLRFLALGVFTPL(MSE)RD
HAAEGTREQECYQFENIEDFRSVINARYRLVPYLYSEY(MSE)KAALNDD(MSE)YFKPLGFVYPDDK(MSE)AIRVEDQ
L(MSE)LGNEI(MSE)IAPVYEQNARGRYVYLPEE(MSE)KFIKF(MSE)PDGSISEEVLEKGVHYVDVALNEVPLFIRS
GKCIPVAEAAECVKDIDTEN(MSE)QLIGYEGSSYTLYEDDGIHKDYDKKENYRVLTK
;
_entity_poly.pdbx_strand_id   A,B
#
loop_
_chem_comp.id
_chem_comp.type
_chem_comp.name
_chem_comp.formula
GOL non-polymer GLYCEROL 'C3 H8 O3'
#
# COMPACT_ATOMS: atom_id res chain seq x y z
N ALA A 3 -37.10 -17.27 14.73
CA ALA A 3 -37.47 -16.22 15.74
C ALA A 3 -36.28 -15.33 16.14
N MSE A 4 -35.08 -15.73 15.76
CA MSE A 4 -33.95 -14.83 15.93
C MSE A 4 -33.52 -14.39 14.54
O MSE A 4 -32.53 -13.64 14.39
CB MSE A 4 -32.81 -15.52 16.69
CG MSE A 4 -32.19 -14.68 17.78
SE MSE A 4 -32.82 -15.11 19.55
CE MSE A 4 -32.27 -13.49 20.50
N ILE A 5 -34.28 -14.86 13.53
CA ILE A 5 -34.06 -14.49 12.13
C ILE A 5 -35.37 -14.17 11.40
N ARG A 6 -35.42 -13.01 10.78
CA ARG A 6 -36.57 -12.61 9.99
C ARG A 6 -36.08 -12.34 8.59
N LYS A 7 -36.95 -12.54 7.61
CA LYS A 7 -36.60 -12.30 6.22
C LYS A 7 -37.58 -11.33 5.55
N TYR A 8 -37.05 -10.18 5.14
CA TYR A 8 -37.83 -9.18 4.44
C TYR A 8 -37.61 -9.25 2.94
N ARG A 9 -38.70 -9.31 2.19
CA ARG A 9 -38.63 -9.51 0.74
C ARG A 9 -39.05 -8.25 0.00
N TYR A 10 -38.24 -7.83 -0.98
CA TYR A 10 -38.59 -6.69 -1.81
C TYR A 10 -38.60 -7.13 -3.25
N GLY A 11 -39.64 -6.73 -4.00
CA GLY A 11 -39.78 -7.10 -5.40
C GLY A 11 -39.81 -8.60 -5.63
N ALA A 12 -39.09 -9.05 -6.65
CA ALA A 12 -39.04 -10.46 -7.04
C ALA A 12 -37.58 -10.91 -7.08
N PRO A 13 -37.03 -11.28 -5.91
CA PRO A 13 -35.58 -11.52 -5.85
C PRO A 13 -35.20 -12.75 -6.68
N PHE A 14 -34.02 -12.72 -7.27
CA PHE A 14 -33.45 -13.90 -7.89
C PHE A 14 -33.04 -14.89 -6.79
N ASP A 15 -33.34 -16.16 -7.04
CA ASP A 15 -33.03 -17.24 -6.13
C ASP A 15 -31.55 -17.63 -6.16
N THR A 16 -30.77 -17.15 -5.21
CA THR A 16 -29.33 -17.43 -5.21
C THR A 16 -28.94 -18.77 -4.59
N GLU A 17 -29.83 -19.36 -3.77
CA GLU A 17 -29.48 -20.56 -2.95
C GLU A 17 -28.40 -20.35 -1.88
N ALA A 18 -28.14 -19.12 -1.50
CA ALA A 18 -27.17 -18.83 -0.45
C ALA A 18 -27.50 -19.60 0.84
N LEU A 19 -28.76 -19.59 1.25
CA LEU A 19 -29.23 -20.28 2.47
C LEU A 19 -29.72 -21.70 2.19
N THR A 20 -29.47 -22.59 3.14
CA THR A 20 -30.08 -23.93 3.07
C THR A 20 -31.34 -24.00 3.92
N GLU A 21 -31.49 -23.08 4.87
CA GLU A 21 -32.65 -23.12 5.75
C GLU A 21 -33.77 -22.19 5.24
N LYS A 22 -35.00 -22.66 5.26
CA LYS A 22 -36.16 -21.84 4.86
C LYS A 22 -36.59 -20.90 5.98
N ILE A 23 -36.75 -19.63 5.65
CA ILE A 23 -37.25 -18.63 6.62
C ILE A 23 -38.51 -18.00 6.03
N GLU A 24 -39.57 -17.88 6.84
CA GLU A 24 -40.82 -17.28 6.35
C GLU A 24 -40.61 -15.78 6.10
N THR A 25 -41.41 -15.22 5.21
CA THR A 25 -41.39 -13.79 4.92
C THR A 25 -42.03 -13.00 6.04
N ALA A 26 -41.31 -11.99 6.54
CA ALA A 26 -41.84 -11.13 7.61
C ALA A 26 -42.77 -10.08 7.01
N GLU A 27 -43.87 -9.77 7.69
CA GLU A 27 -44.81 -8.79 7.17
C GLU A 27 -44.87 -7.50 8.01
N GLU A 28 -44.11 -7.48 9.09
CA GLU A 28 -44.08 -6.34 9.99
CA GLU A 28 -44.04 -6.36 10.02
C GLU A 28 -43.06 -5.29 9.52
N ALA A 29 -43.04 -4.13 10.18
CA ALA A 29 -42.09 -3.07 9.90
C ALA A 29 -40.64 -3.61 9.88
N PHE A 30 -39.81 -3.09 8.99
CA PHE A 30 -38.37 -3.34 9.03
C PHE A 30 -37.80 -2.74 10.32
N PRO A 31 -37.03 -3.53 11.10
CA PRO A 31 -36.75 -3.17 12.51
C PRO A 31 -35.66 -2.14 12.79
N TYR A 32 -34.74 -1.92 11.85
CA TYR A 32 -33.62 -0.98 12.05
C TYR A 32 -33.49 -0.03 10.89
N GLY A 33 -33.16 1.22 11.19
CA GLY A 33 -32.89 2.20 10.16
C GLY A 33 -34.10 2.47 9.28
N GLU A 34 -33.84 2.88 8.04
CA GLU A 34 -34.85 3.28 7.09
C GLU A 34 -34.60 2.61 5.75
N ILE A 35 -35.68 2.14 5.14
CA ILE A 35 -35.64 1.52 3.83
C ILE A 35 -36.27 2.48 2.84
N SER A 36 -35.60 2.72 1.71
CA SER A 36 -36.15 3.54 0.64
C SER A 36 -36.14 2.76 -0.66
N GLN A 37 -37.26 2.80 -1.38
CA GLN A 37 -37.36 2.18 -2.69
C GLN A 37 -37.54 3.28 -3.73
N LYS A 38 -37.14 4.49 -3.33
CA LYS A 38 -37.32 5.70 -4.12
C LYS A 38 -36.54 5.68 -5.43
N GLU A 39 -35.22 5.47 -5.36
CA GLU A 39 -34.39 5.44 -6.59
C GLU A 39 -33.59 4.14 -6.69
N GLY A 40 -34.28 3.02 -6.87
CA GLY A 40 -33.67 1.71 -6.69
C GLY A 40 -33.95 1.29 -5.26
N PHE A 41 -32.92 0.87 -4.53
CA PHE A 41 -33.08 0.43 -3.14
C PHE A 41 -31.98 1.00 -2.26
N ALA A 42 -32.34 1.43 -1.05
CA ALA A 42 -31.36 1.88 -0.05
C ALA A 42 -31.77 1.57 1.40
N PHE A 43 -30.84 1.02 2.17
CA PHE A 43 -30.98 0.92 3.61
C PHE A 43 -30.02 1.91 4.29
N THR A 44 -30.57 2.73 5.20
CA THR A 44 -29.82 3.80 5.85
C THR A 44 -29.95 3.67 7.37
N TYR A 45 -28.82 3.67 8.06
CA TYR A 45 -28.78 3.49 9.50
C TYR A 45 -27.80 4.46 10.12
N ILE A 46 -28.23 5.16 11.17
CA ILE A 46 -27.34 6.04 11.90
C ILE A 46 -26.69 5.26 13.04
N MSE A 47 -25.36 5.21 13.03
CA MSE A 47 -24.63 4.42 13.99
C MSE A 47 -24.24 5.26 15.21
O MSE A 47 -24.04 6.47 15.11
CB MSE A 47 -23.34 3.86 13.38
CG MSE A 47 -23.51 2.96 12.16
SE MSE A 47 -21.78 2.41 11.40
CE MSE A 47 -21.35 4.00 10.36
N ASP A 48 -24.13 4.58 16.34
CA ASP A 48 -23.54 5.18 17.53
C ASP A 48 -22.03 5.27 17.33
N GLU A 49 -21.42 6.26 17.98
CA GLU A 49 -19.98 6.55 17.87
C GLU A 49 -19.07 5.35 18.18
N ASP A 50 -19.48 4.52 19.14
CA ASP A 50 -18.69 3.36 19.50
C ASP A 50 -18.98 2.05 18.71
N ASP A 51 -19.97 2.09 17.82
CA ASP A 51 -20.34 0.90 17.01
C ASP A 51 -19.17 0.43 16.20
N ILE A 52 -19.04 -0.89 16.11
CA ILE A 52 -18.09 -1.54 15.23
C ILE A 52 -18.95 -2.25 14.19
N VAL A 53 -18.48 -2.28 12.94
CA VAL A 53 -19.15 -3.03 11.88
C VAL A 53 -18.25 -4.19 11.46
N TYR A 54 -18.73 -5.42 11.66
CA TYR A 54 -18.02 -6.60 11.21
C TYR A 54 -18.59 -7.12 9.90
N GLY A 55 -17.80 -7.87 9.15
CA GLY A 55 -18.38 -8.63 8.02
C GLY A 55 -17.76 -8.36 6.68
N LEU A 56 -18.53 -8.64 5.63
CA LEU A 56 -18.14 -8.45 4.23
C LEU A 56 -17.06 -9.41 3.74
N GLY A 57 -16.80 -10.46 4.53
CA GLY A 57 -15.87 -11.52 4.15
C GLY A 57 -14.65 -11.02 3.41
N GLU A 58 -14.51 -11.44 2.16
CA GLU A 58 -13.42 -10.98 1.31
C GLU A 58 -13.66 -9.54 0.81
N SER A 59 -13.29 -8.59 1.65
CA SER A 59 -13.33 -7.18 1.29
C SER A 59 -12.10 -6.50 1.85
N ASN A 60 -11.83 -5.31 1.32
CA ASN A 60 -10.70 -4.50 1.70
C ASN A 60 -10.69 -4.00 3.15
N ARG A 61 -9.50 -3.56 3.59
CA ARG A 61 -9.25 -2.89 4.88
C ARG A 61 -9.44 -3.81 6.08
N GLY A 62 -9.92 -3.30 7.20
CA GLY A 62 -9.74 -3.99 8.49
C GLY A 62 -10.92 -4.81 8.97
N ILE A 63 -10.81 -5.31 10.20
CA ILE A 63 -11.86 -6.10 10.83
C ILE A 63 -13.09 -5.22 11.07
N ASN A 64 -12.87 -4.07 11.70
CA ASN A 64 -13.86 -2.99 11.80
C ASN A 64 -13.97 -2.29 10.45
N LYS A 65 -15.11 -2.45 9.79
CA LYS A 65 -15.29 -1.96 8.41
C LYS A 65 -15.57 -0.47 8.30
N ARG A 66 -15.92 0.17 9.42
CA ARG A 66 -16.22 1.60 9.42
C ARG A 66 -15.13 2.44 8.75
N GLY A 67 -15.59 3.48 8.05
CA GLY A 67 -14.72 4.50 7.47
C GLY A 67 -14.31 4.26 6.03
N TYR A 68 -15.04 3.39 5.33
CA TYR A 68 -14.77 3.22 3.91
C TYR A 68 -16.00 2.74 3.17
N CYS A 69 -15.83 2.58 1.85
CA CYS A 69 -16.89 2.18 0.94
C CYS A 69 -16.46 0.90 0.21
N TYR A 70 -17.37 -0.07 0.18
CA TYR A 70 -17.10 -1.39 -0.37
C TYR A 70 -18.20 -1.67 -1.37
N ILE A 71 -17.83 -2.17 -2.54
CA ILE A 71 -18.83 -2.59 -3.52
C ILE A 71 -18.70 -4.10 -3.76
N SER A 72 -19.78 -4.85 -3.55
CA SER A 72 -19.82 -6.28 -3.87
C SER A 72 -20.00 -6.45 -5.37
N ASN A 73 -18.93 -6.84 -6.05
CA ASN A 73 -18.90 -6.84 -7.51
C ASN A 73 -17.64 -7.59 -7.91
N CYS A 74 -17.77 -8.91 -8.07
CA CYS A 74 -16.63 -9.80 -8.29
C CYS A 74 -15.78 -9.30 -9.45
N THR A 75 -14.59 -8.82 -9.14
CA THR A 75 -13.74 -8.26 -10.18
C THR A 75 -12.25 -8.44 -9.91
N ASP A 76 -11.49 -8.58 -11.00
CA ASP A 76 -10.03 -8.67 -10.97
C ASP A 76 -9.46 -7.36 -11.51
N ASP A 77 -9.26 -6.42 -10.61
CA ASP A 77 -8.88 -5.05 -10.92
C ASP A 77 -7.35 -4.97 -10.81
N PRO A 78 -6.66 -4.66 -11.94
CA PRO A 78 -5.19 -4.78 -11.98
C PRO A 78 -4.44 -3.58 -11.34
N ILE A 79 -4.67 -3.38 -10.04
CA ILE A 79 -4.14 -2.23 -9.31
C ILE A 79 -3.72 -2.66 -7.89
N HIS A 80 -3.00 -1.79 -7.20
CA HIS A 80 -2.65 -2.02 -5.80
C HIS A 80 -3.96 -2.12 -4.99
N THR A 81 -3.98 -3.07 -4.08
CA THR A 81 -5.15 -3.35 -3.23
C THR A 81 -5.68 -2.12 -2.49
N GLU A 82 -4.79 -1.21 -2.10
CA GLU A 82 -5.19 -0.05 -1.29
C GLU A 82 -6.26 0.84 -1.99
N ASP A 83 -6.31 0.77 -3.33
CA ASP A 83 -7.27 1.57 -4.09
C ASP A 83 -8.58 0.85 -4.46
N LYS A 84 -8.66 -0.44 -4.13
CA LYS A 84 -9.80 -1.25 -4.56
C LYS A 84 -11.12 -1.01 -3.79
N ARG A 85 -12.19 -0.77 -4.54
CA ARG A 85 -13.57 -0.76 -4.03
C ARG A 85 -14.07 -2.18 -3.86
N SER A 86 -13.64 -3.07 -4.76
CA SER A 86 -14.14 -4.44 -4.86
C SER A 86 -13.00 -5.43 -4.99
N LEU A 87 -13.13 -6.57 -4.32
CA LEU A 87 -12.23 -7.70 -4.53
C LEU A 87 -12.97 -8.80 -5.31
N TYR A 88 -12.52 -10.06 -5.20
CA TYR A 88 -13.08 -11.17 -5.98
C TYR A 88 -14.39 -11.74 -5.42
N GLY A 89 -14.67 -11.48 -4.15
CA GLY A 89 -15.83 -12.10 -3.49
C GLY A 89 -16.94 -11.11 -3.22
N ALA A 90 -18.18 -11.60 -3.20
CA ALA A 90 -19.32 -10.78 -2.83
C ALA A 90 -19.98 -11.46 -1.63
N HIS A 91 -19.66 -10.97 -0.43
CA HIS A 91 -20.09 -11.62 0.80
C HIS A 91 -20.94 -10.64 1.61
N ASN A 92 -22.23 -10.58 1.27
CA ASN A 92 -23.11 -9.48 1.68
C ASN A 92 -23.65 -9.54 3.12
N PHE A 93 -22.81 -9.98 4.05
CA PHE A 93 -23.22 -10.15 5.46
C PHE A 93 -22.45 -9.12 6.29
N ILE A 94 -23.18 -8.28 7.03
CA ILE A 94 -22.58 -7.37 8.02
C ILE A 94 -23.24 -7.46 9.39
N ILE A 95 -22.47 -7.14 10.44
CA ILE A 95 -22.99 -7.03 11.78
C ILE A 95 -22.62 -5.65 12.37
N VAL A 96 -23.65 -4.91 12.83
CA VAL A 96 -23.45 -3.70 13.61
C VAL A 96 -23.37 -4.15 15.06
N SER A 97 -22.25 -3.86 15.70
CA SER A 97 -22.00 -4.26 17.09
C SER A 97 -21.74 -3.05 18.00
N GLY A 98 -22.62 -2.86 18.97
CA GLY A 98 -22.49 -1.75 19.93
C GLY A 98 -23.63 -1.79 20.92
N LYS A 99 -24.10 -0.62 21.33
CA LYS A 99 -25.25 -0.52 22.25
C LYS A 99 -26.47 -1.26 21.68
N THR A 100 -26.67 -1.11 20.36
CA THR A 100 -27.62 -1.91 19.59
C THR A 100 -26.84 -2.81 18.61
N THR A 101 -27.12 -4.11 18.65
CA THR A 101 -26.37 -5.09 17.86
C THR A 101 -27.34 -5.92 17.02
N PHE A 102 -27.02 -6.12 15.74
CA PHE A 102 -27.82 -6.96 14.86
C PHE A 102 -27.01 -7.29 13.61
N GLY A 103 -27.41 -8.38 12.95
CA GLY A 103 -26.80 -8.74 11.71
C GLY A 103 -27.76 -8.60 10.54
N LEU A 104 -27.19 -8.37 9.36
CA LEU A 104 -27.93 -8.22 8.12
C LEU A 104 -27.27 -9.00 7.00
N PHE A 105 -28.05 -9.84 6.32
CA PHE A 105 -27.57 -10.44 5.06
C PHE A 105 -28.41 -9.93 3.89
N PHE A 106 -27.77 -9.29 2.91
CA PHE A 106 -28.45 -8.80 1.72
C PHE A 106 -28.29 -9.85 0.61
N ASP A 107 -29.35 -10.62 0.38
CA ASP A 107 -29.34 -11.68 -0.62
C ASP A 107 -29.74 -11.06 -1.96
N TYR A 108 -28.73 -10.63 -2.70
CA TYR A 108 -28.86 -9.84 -3.92
C TYR A 108 -27.62 -10.16 -4.77
N PRO A 109 -27.82 -10.56 -6.03
CA PRO A 109 -26.75 -11.14 -6.85
C PRO A 109 -25.92 -10.15 -7.67
N SER A 110 -26.24 -8.87 -7.59
CA SER A 110 -25.67 -7.88 -8.50
C SER A 110 -24.91 -6.83 -7.68
N LYS A 111 -24.61 -5.71 -8.31
CA LYS A 111 -23.76 -4.69 -7.69
C LYS A 111 -24.36 -4.04 -6.44
N LEU A 112 -23.76 -4.29 -5.29
CA LEU A 112 -24.26 -3.80 -4.00
C LEU A 112 -23.21 -2.94 -3.30
N THR A 113 -23.57 -1.69 -3.02
CA THR A 113 -22.68 -0.71 -2.38
C THR A 113 -22.88 -0.53 -0.86
N PHE A 114 -21.82 -0.79 -0.09
CA PHE A 114 -21.80 -0.56 1.36
C PHE A 114 -20.98 0.71 1.68
N ASP A 115 -21.68 1.82 1.88
CA ASP A 115 -21.09 3.08 2.32
C ASP A 115 -21.11 3.09 3.86
N ILE A 116 -19.99 2.71 4.48
CA ILE A 116 -19.95 2.45 5.93
C ILE A 116 -19.17 3.57 6.62
N GLY A 117 -19.82 4.70 6.81
CA GLY A 117 -19.18 5.90 7.38
C GLY A 117 -18.22 6.61 6.45
N TYR A 118 -18.34 6.33 5.16
CA TYR A 118 -17.45 6.96 4.17
C TYR A 118 -17.95 8.35 3.81
N THR A 119 -19.21 8.46 3.41
CA THR A 119 -19.83 9.76 3.07
C THR A 119 -20.01 10.64 4.30
N ARG A 120 -20.61 10.06 5.34
CA ARG A 120 -20.88 10.73 6.58
C ARG A 120 -20.50 9.75 7.67
N MSE A 121 -19.65 10.19 8.60
CA MSE A 121 -19.05 9.29 9.59
C MSE A 121 -20.05 8.41 10.39
O MSE A 121 -19.73 7.26 10.72
CB MSE A 121 -18.14 10.08 10.54
CG MSE A 121 -18.42 9.86 12.04
SE MSE A 121 -17.44 11.04 13.24
CE MSE A 121 -18.27 12.79 12.89
N ASP A 122 -21.22 8.96 10.71
CA ASP A 122 -22.19 8.26 11.55
C ASP A 122 -23.21 7.42 10.74
N THR A 123 -23.09 7.43 9.40
CA THR A 123 -24.09 6.81 8.53
C THR A 123 -23.61 5.61 7.76
N LEU A 124 -24.37 4.53 7.91
CA LEU A 124 -24.25 3.35 7.11
C LEU A 124 -25.38 3.33 6.07
N LYS A 125 -25.01 3.17 4.80
CA LYS A 125 -25.97 3.15 3.71
C LYS A 125 -25.61 2.01 2.77
N VAL A 126 -26.58 1.12 2.58
CA VAL A 126 -26.42 -0.03 1.69
C VAL A 126 -27.41 0.19 0.52
N SER A 127 -26.89 0.17 -0.69
CA SER A 127 -27.73 0.52 -1.83
C SER A 127 -27.46 -0.30 -3.07
N CYS A 128 -28.50 -0.42 -3.91
CA CYS A 128 -28.43 -1.10 -5.19
C CYS A 128 -29.50 -0.56 -6.17
N GLU A 129 -29.33 -0.91 -7.45
CA GLU A 129 -30.10 -0.25 -8.51
C GLU A 129 -31.53 -0.79 -8.62
N ASN A 130 -31.77 -2.00 -8.09
CA ASN A 130 -33.08 -2.67 -8.17
C ASN A 130 -33.53 -3.20 -6.82
N ALA A 131 -34.74 -2.81 -6.42
CA ALA A 131 -35.32 -3.29 -5.16
C ALA A 131 -35.91 -4.70 -5.34
N ASP A 132 -35.04 -5.66 -5.66
CA ASP A 132 -35.37 -7.07 -5.83
C ASP A 132 -34.34 -7.89 -5.03
N LEU A 133 -34.62 -8.09 -3.75
CA LEU A 133 -33.67 -8.74 -2.86
C LEU A 133 -34.41 -9.19 -1.61
N ASP A 134 -33.80 -10.12 -0.89
CA ASP A 134 -34.21 -10.50 0.46
C ASP A 134 -33.18 -9.93 1.42
N ILE A 135 -33.66 -9.37 2.53
CA ILE A 135 -32.78 -8.93 3.59
C ILE A 135 -33.11 -9.73 4.82
N TYR A 136 -32.12 -10.48 5.30
CA TYR A 136 -32.28 -11.23 6.54
C TYR A 136 -31.77 -10.41 7.71
N VAL A 137 -32.60 -10.28 8.75
CA VAL A 137 -32.20 -9.59 9.98
C VAL A 137 -31.99 -10.65 11.04
N ILE A 138 -30.82 -10.62 11.68
CA ILE A 138 -30.46 -11.59 12.69
C ILE A 138 -30.20 -10.87 14.01
N GLU A 139 -30.88 -11.33 15.06
CA GLU A 139 -30.76 -10.75 16.40
C GLU A 139 -29.90 -11.62 17.26
N GLY A 140 -29.26 -11.02 18.25
CA GLY A 140 -28.52 -11.78 19.26
C GLY A 140 -27.98 -10.83 20.30
N GLU A 141 -27.42 -11.38 21.36
CA GLU A 141 -26.88 -10.54 22.41
C GLU A 141 -25.48 -10.04 22.07
N ASN A 142 -24.82 -10.68 21.09
CA ASN A 142 -23.52 -10.20 20.60
C ASN A 142 -23.18 -10.69 19.20
N ALA A 143 -22.12 -10.12 18.63
CA ALA A 143 -21.75 -10.37 17.24
C ALA A 143 -21.48 -11.86 17.03
N TYR A 144 -20.80 -12.49 17.99
CA TYR A 144 -20.44 -13.90 17.85
C TYR A 144 -21.69 -14.81 17.77
N ASP A 145 -22.67 -14.54 18.63
CA ASP A 145 -23.95 -15.25 18.63
C ASP A 145 -24.68 -15.08 17.31
N ILE A 146 -24.66 -13.86 16.78
CA ILE A 146 -25.25 -13.58 15.46
C ILE A 146 -24.56 -14.35 14.34
N VAL A 147 -23.23 -14.43 14.37
CA VAL A 147 -22.49 -15.18 13.37
C VAL A 147 -22.84 -16.67 13.38
N LYS A 148 -22.96 -17.25 14.57
CA LYS A 148 -23.30 -18.68 14.67
C LYS A 148 -24.69 -18.97 14.10
N GLN A 149 -25.65 -18.08 14.34
CA GLN A 149 -26.97 -18.22 13.71
C GLN A 149 -26.85 -18.15 12.19
N PHE A 150 -26.05 -17.22 11.68
CA PHE A 150 -25.85 -17.12 10.22
C PHE A 150 -25.22 -18.39 9.65
N ARG A 151 -24.19 -18.90 10.32
CA ARG A 151 -23.51 -20.11 9.90
C ARG A 151 -24.43 -21.35 9.84
N ARG A 152 -25.42 -21.41 10.74
CA ARG A 152 -26.41 -22.49 10.71
C ARG A 152 -27.27 -22.43 9.44
N VAL A 153 -27.80 -21.26 9.12
CA VAL A 153 -28.72 -21.18 7.97
C VAL A 153 -28.08 -21.29 6.59
N ILE A 154 -26.81 -20.96 6.47
CA ILE A 154 -26.16 -21.06 5.17
C ILE A 154 -25.64 -22.48 4.88
N GLY A 155 -25.68 -23.33 5.90
CA GLY A 155 -25.28 -24.74 5.78
C GLY A 155 -23.81 -25.01 6.01
N ARG A 156 -23.49 -26.27 6.28
CA ARG A 156 -22.14 -26.69 6.64
C ARG A 156 -21.08 -26.27 5.61
N SER A 157 -19.98 -25.70 6.10
CA SER A 157 -18.84 -25.34 5.27
C SER A 157 -18.17 -26.55 4.65
N TYR A 158 -17.62 -26.32 3.46
CA TYR A 158 -16.76 -27.26 2.76
C TYR A 158 -15.66 -27.81 3.70
N ILE A 159 -15.44 -29.11 3.61
CA ILE A 159 -14.37 -29.75 4.36
C ILE A 159 -13.37 -30.37 3.38
N PRO A 160 -12.10 -29.95 3.43
CA PRO A 160 -11.07 -30.53 2.55
C PRO A 160 -10.47 -31.85 3.07
N PRO A 161 -9.79 -32.62 2.19
CA PRO A 161 -9.09 -33.80 2.68
C PRO A 161 -7.91 -33.35 3.51
N LYS A 162 -7.48 -34.21 4.43
CA LYS A 162 -6.39 -33.89 5.35
C LYS A 162 -5.07 -33.50 4.66
N PHE A 163 -4.78 -34.11 3.50
CA PHE A 163 -3.51 -33.78 2.80
C PHE A 163 -3.40 -32.30 2.47
N ALA A 164 -4.56 -31.63 2.32
CA ALA A 164 -4.60 -30.21 1.97
C ALA A 164 -4.22 -29.29 3.13
N PHE A 165 -4.04 -29.87 4.32
CA PHE A 165 -3.48 -29.18 5.48
C PHE A 165 -1.96 -29.26 5.55
N GLY A 166 -1.35 -29.85 4.52
CA GLY A 166 0.10 -29.79 4.37
C GLY A 166 0.51 -28.51 3.67
N PHE A 167 1.71 -28.50 3.10
CA PHE A 167 2.24 -27.34 2.42
C PHE A 167 2.37 -27.63 0.93
N GLY A 168 2.14 -26.60 0.10
CA GLY A 168 2.16 -26.74 -1.35
C GLY A 168 3.01 -25.69 -2.04
N GLN A 169 3.64 -26.11 -3.15
CA GLN A 169 4.47 -25.26 -3.99
C GLN A 169 3.89 -25.22 -5.42
N SER A 170 3.98 -24.07 -6.06
CA SER A 170 3.63 -23.98 -7.45
C SER A 170 4.43 -22.86 -8.12
N ARG A 171 4.13 -22.64 -9.40
CA ARG A 171 4.70 -21.55 -10.17
C ARG A 171 4.01 -21.47 -11.52
N TRP A 172 3.59 -20.28 -11.89
CA TRP A 172 3.14 -20.03 -13.25
C TRP A 172 4.38 -20.13 -14.13
N GLY A 173 4.51 -21.25 -14.84
CA GLY A 173 5.75 -21.54 -15.56
C GLY A 173 6.20 -22.99 -15.54
N TYR A 174 5.83 -23.76 -14.51
CA TYR A 174 6.15 -25.21 -14.50
C TYR A 174 5.38 -25.83 -15.65
N THR A 175 6.11 -26.49 -16.54
CA THR A 175 5.58 -26.91 -17.85
C THR A 175 5.87 -28.38 -18.15
N THR A 176 7.08 -28.82 -17.82
CA THR A 176 7.53 -30.16 -18.17
C THR A 176 7.60 -31.07 -16.96
N LYS A 177 7.64 -32.37 -17.21
CA LYS A 177 7.91 -33.35 -16.17
C LYS A 177 9.15 -32.98 -15.33
N GLU A 178 10.19 -32.47 -15.98
CA GLU A 178 11.42 -32.09 -15.27
C GLU A 178 11.27 -30.91 -14.30
N ASP A 179 10.46 -29.92 -14.68
CA ASP A 179 10.08 -28.82 -13.75
C ASP A 179 9.56 -29.40 -12.43
N PHE A 180 8.61 -30.33 -12.52
CA PHE A 180 7.99 -30.91 -11.32
C PHE A 180 8.92 -31.85 -10.55
N ARG A 181 9.74 -32.58 -11.30
CA ARG A 181 10.71 -33.49 -10.68
C ARG A 181 11.76 -32.73 -9.86
N ALA A 182 12.18 -31.58 -10.39
CA ALA A 182 13.16 -30.72 -9.72
C ALA A 182 12.58 -30.15 -8.42
N VAL A 183 11.30 -29.79 -8.43
CA VAL A 183 10.63 -29.31 -7.23
C VAL A 183 10.58 -30.43 -6.19
N ALA A 184 10.25 -31.64 -6.64
CA ALA A 184 10.16 -32.78 -5.73
C ALA A 184 11.51 -33.12 -5.11
N LYS A 185 12.57 -33.12 -5.92
CA LYS A 185 13.92 -33.30 -5.45
C LYS A 185 14.37 -32.19 -4.48
N GLY A 186 14.10 -30.94 -4.85
CA GLY A 186 14.52 -29.79 -4.04
C GLY A 186 13.99 -29.85 -2.61
N TYR A 187 12.70 -30.11 -2.45
CA TYR A 187 12.11 -30.27 -1.11
C TYR A 187 12.57 -31.54 -0.38
N ARG A 188 12.36 -32.68 -1.03
CA ARG A 188 12.55 -33.98 -0.40
C ARG A 188 14.00 -34.21 0.01
N GLU A 189 14.96 -33.87 -0.84
CA GLU A 189 16.39 -34.06 -0.53
C GLU A 189 16.91 -33.09 0.53
N ASN A 190 16.28 -31.93 0.64
CA ASN A 190 16.59 -30.98 1.71
C ASN A 190 15.71 -31.19 2.95
N HIS A 191 14.92 -32.28 2.93
CA HIS A 191 14.00 -32.65 4.02
C HIS A 191 13.01 -31.54 4.45
N ILE A 192 12.54 -30.75 3.48
CA ILE A 192 11.50 -29.75 3.73
C ILE A 192 10.16 -30.39 3.43
N PRO A 193 9.26 -30.36 4.42
CA PRO A 193 7.95 -31.00 4.28
C PRO A 193 7.13 -30.37 3.14
N ILE A 194 6.35 -31.21 2.47
CA ILE A 194 5.53 -30.81 1.35
C ILE A 194 4.56 -31.95 1.02
N ASP A 195 3.33 -31.59 0.64
CA ASP A 195 2.33 -32.57 0.25
C ASP A 195 1.79 -32.34 -1.15
N MSE A 196 1.95 -31.12 -1.69
CA MSE A 196 1.27 -30.73 -2.93
C MSE A 196 2.14 -29.95 -3.90
O MSE A 196 2.95 -29.12 -3.48
CB MSE A 196 0.05 -29.85 -2.61
CG MSE A 196 -1.18 -30.60 -2.16
SE MSE A 196 -2.45 -29.45 -1.26
CE MSE A 196 -1.41 -29.04 0.36
N ILE A 197 2.01 -30.23 -5.19
CA ILE A 197 2.57 -29.36 -6.21
C ILE A 197 1.45 -28.93 -7.13
N TYR A 198 1.24 -27.62 -7.24
CA TYR A 198 0.20 -27.05 -8.09
C TYR A 198 0.62 -26.98 -9.55
N MSE A 199 -0.31 -27.25 -10.44
CA MSE A 199 -0.08 -27.15 -11.88
C MSE A 199 -0.84 -25.94 -12.39
O MSE A 199 -2.08 -25.91 -12.36
CB MSE A 199 -0.55 -28.40 -12.62
CG MSE A 199 -0.17 -29.72 -11.97
SE MSE A 199 -0.51 -31.22 -13.15
CE MSE A 199 1.09 -31.10 -14.26
N ASP A 200 -0.09 -24.94 -12.86
CA ASP A 200 -0.70 -23.74 -13.43
C ASP A 200 -0.99 -23.98 -14.91
N ILE A 201 -1.56 -22.97 -15.59
CA ILE A 201 -2.13 -23.12 -16.94
C ILE A 201 -1.28 -23.78 -18.03
N ASP A 202 0.03 -23.81 -17.85
CA ASP A 202 0.89 -24.43 -18.86
C ASP A 202 0.81 -25.95 -18.97
N TYR A 203 0.15 -26.64 -18.02
CA TYR A 203 -0.01 -28.11 -18.15
C TYR A 203 -1.03 -28.53 -19.20
N MSE A 204 -1.91 -27.60 -19.58
CA MSE A 204 -2.92 -27.88 -20.61
C MSE A 204 -2.32 -27.91 -22.02
O MSE A 204 -1.21 -27.40 -22.25
CB MSE A 204 -4.05 -26.85 -20.55
CG MSE A 204 -4.86 -26.91 -19.27
SE MSE A 204 -6.24 -25.53 -19.17
CE MSE A 204 -5.48 -24.50 -17.74
N GLN A 205 -3.06 -28.50 -22.94
CA GLN A 205 -2.83 -28.33 -24.37
C GLN A 205 -3.40 -26.97 -24.80
N ASP A 206 -2.53 -26.03 -25.16
CA ASP A 206 -2.95 -24.72 -25.68
C ASP A 206 -4.02 -24.06 -24.81
N PHE A 207 -3.87 -24.17 -23.49
CA PHE A 207 -4.80 -23.57 -22.52
C PHE A 207 -6.25 -24.11 -22.61
N LYS A 208 -6.42 -25.32 -23.12
CA LYS A 208 -7.76 -25.91 -23.23
C LYS A 208 -8.16 -26.67 -21.97
N ASP A 209 -9.21 -26.21 -21.30
CA ASP A 209 -9.73 -26.92 -20.14
C ASP A 209 -9.89 -28.42 -20.42
N PHE A 210 -9.53 -29.23 -19.42
CA PHE A 210 -9.76 -30.67 -19.42
C PHE A 210 -8.96 -31.37 -20.52
N THR A 211 -7.80 -30.80 -20.84
CA THR A 211 -6.74 -31.46 -21.63
C THR A 211 -5.46 -31.41 -20.81
N VAL A 212 -4.50 -32.26 -21.17
CA VAL A 212 -3.12 -32.11 -20.77
C VAL A 212 -2.24 -31.99 -22.02
N ASN A 213 -1.16 -31.22 -21.94
CA ASN A 213 -0.20 -31.10 -23.03
C ASN A 213 0.36 -32.49 -23.41
N GLU A 214 0.00 -32.94 -24.61
CA GLU A 214 0.29 -34.31 -25.06
C GLU A 214 1.81 -34.56 -25.21
N LYS A 215 2.53 -33.57 -25.73
CA LYS A 215 3.98 -33.69 -25.89
C LYS A 215 4.70 -33.75 -24.54
N ASN A 216 4.31 -32.88 -23.61
CA ASN A 216 4.94 -32.86 -22.28
C ASN A 216 4.54 -34.00 -21.36
N PHE A 217 3.30 -34.47 -21.47
CA PHE A 217 2.81 -35.55 -20.60
C PHE A 217 2.18 -36.71 -21.37
N PRO A 218 3.00 -37.57 -22.01
CA PRO A 218 2.43 -38.65 -22.83
C PRO A 218 1.77 -39.79 -22.02
N ASP A 219 2.29 -40.10 -20.83
CA ASP A 219 1.63 -41.02 -19.91
C ASP A 219 1.35 -40.29 -18.59
N PHE A 220 0.40 -39.37 -18.66
CA PHE A 220 0.03 -38.54 -17.52
C PHE A 220 -0.34 -39.35 -16.26
N PRO A 221 -1.18 -40.39 -16.38
CA PRO A 221 -1.48 -41.16 -15.17
C PRO A 221 -0.26 -41.77 -14.48
N GLU A 222 0.73 -42.23 -15.27
CA GLU A 222 1.98 -42.77 -14.70
C GLU A 222 2.77 -41.69 -13.96
N PHE A 223 2.87 -40.50 -14.53
CA PHE A 223 3.53 -39.39 -13.84
C PHE A 223 2.79 -38.94 -12.56
N VAL A 224 1.46 -38.82 -12.61
CA VAL A 224 0.67 -38.55 -11.39
C VAL A 224 1.05 -39.55 -10.30
N LYS A 225 1.09 -40.83 -10.67
CA LYS A 225 1.48 -41.90 -9.76
C LYS A 225 2.91 -41.73 -9.24
N GLU A 226 3.85 -41.38 -10.14
CA GLU A 226 5.25 -41.10 -9.77
C GLU A 226 5.35 -40.05 -8.67
N MSE A 227 4.56 -38.99 -8.81
CA MSE A 227 4.45 -37.95 -7.79
C MSE A 227 3.77 -38.48 -6.52
O MSE A 227 4.28 -38.29 -5.41
CB MSE A 227 3.70 -36.74 -8.34
CG MSE A 227 4.46 -35.95 -9.42
SE MSE A 227 6.17 -35.19 -8.85
CE MSE A 227 7.31 -36.58 -9.50
N LYS A 228 2.64 -39.18 -6.70
CA LYS A 228 1.88 -39.68 -5.55
C LYS A 228 2.68 -40.67 -4.71
N ASP A 229 3.49 -41.52 -5.35
CA ASP A 229 4.39 -42.44 -4.65
C ASP A 229 5.38 -41.75 -3.70
N GLN A 230 5.61 -40.45 -3.87
CA GLN A 230 6.50 -39.68 -3.00
C GLN A 230 5.68 -38.75 -2.10
N GLU A 231 4.40 -39.09 -1.92
CA GLU A 231 3.44 -38.26 -1.19
C GLU A 231 3.32 -36.82 -1.71
N LEU A 232 3.28 -36.68 -3.03
CA LEU A 232 3.10 -35.39 -3.67
C LEU A 232 1.90 -35.44 -4.59
N ARG A 233 0.89 -34.63 -4.26
CA ARG A 233 -0.33 -34.61 -5.03
C ARG A 233 -0.36 -33.38 -5.94
N LEU A 234 -0.55 -33.63 -7.23
CA LEU A 234 -0.62 -32.57 -8.24
C LEU A 234 -2.01 -31.98 -8.24
N ILE A 235 -2.08 -30.65 -8.20
CA ILE A 235 -3.33 -29.91 -8.07
C ILE A 235 -3.45 -28.96 -9.27
N PRO A 236 -4.20 -29.35 -10.30
CA PRO A 236 -4.30 -28.51 -11.50
C PRO A 236 -5.39 -27.45 -11.51
N ILE A 237 -5.11 -26.36 -12.21
CA ILE A 237 -6.02 -25.24 -12.40
C ILE A 237 -7.06 -25.53 -13.51
N ILE A 238 -8.26 -25.01 -13.33
CA ILE A 238 -9.30 -25.05 -14.36
C ILE A 238 -9.83 -23.61 -14.51
N ASP A 239 -9.93 -23.12 -15.75
CA ASP A 239 -10.41 -21.78 -16.01
C ASP A 239 -11.87 -21.68 -16.50
N ALA A 240 -12.51 -20.54 -16.25
CA ALA A 240 -13.87 -20.33 -16.71
C ALA A 240 -14.04 -20.40 -18.24
N GLY A 241 -13.10 -19.84 -18.99
CA GLY A 241 -13.23 -19.78 -20.45
C GLY A 241 -12.86 -21.05 -21.19
N VAL A 242 -13.78 -21.54 -22.02
CA VAL A 242 -13.52 -22.69 -22.89
C VAL A 242 -13.10 -22.24 -24.30
N LYS A 243 -11.87 -22.58 -24.69
CA LYS A 243 -11.30 -22.19 -25.99
C LYS A 243 -12.21 -22.51 -27.16
N VAL A 244 -12.40 -21.51 -28.03
CA VAL A 244 -13.03 -21.71 -29.35
C VAL A 244 -12.02 -22.38 -30.29
N GLU A 245 -12.25 -23.65 -30.60
CA GLU A 245 -11.38 -24.44 -31.48
C GLU A 245 -12.15 -25.64 -32.06
N LYS A 246 -12.29 -25.67 -33.38
CA LYS A 246 -12.93 -26.80 -34.08
C LYS A 246 -12.24 -28.12 -33.70
N GLY A 247 -13.04 -29.13 -33.33
CA GLY A 247 -12.50 -30.46 -33.00
C GLY A 247 -12.23 -30.69 -31.52
N TYR A 248 -12.13 -29.61 -30.76
CA TYR A 248 -12.01 -29.68 -29.31
C TYR A 248 -13.39 -30.06 -28.76
N GLU A 249 -13.48 -31.24 -28.15
CA GLU A 249 -14.74 -31.85 -27.71
C GLU A 249 -15.56 -30.97 -26.76
N VAL A 250 -14.91 -30.42 -25.74
CA VAL A 250 -15.58 -29.54 -24.78
C VAL A 250 -16.28 -28.40 -25.54
N TYR A 251 -15.53 -27.74 -26.44
CA TYR A 251 -16.08 -26.70 -27.30
C TYR A 251 -17.24 -27.22 -28.17
N GLU A 252 -17.03 -28.35 -28.84
CA GLU A 252 -18.04 -28.91 -29.75
C GLU A 252 -19.31 -29.28 -29.01
N GLU A 253 -19.16 -29.95 -27.88
CA GLU A 253 -20.30 -30.29 -27.03
C GLU A 253 -21.07 -29.05 -26.56
N GLY A 254 -20.34 -28.00 -26.18
CA GLY A 254 -20.98 -26.78 -25.68
C GLY A 254 -21.79 -26.03 -26.72
N VAL A 255 -21.27 -25.99 -27.95
CA VAL A 255 -21.98 -25.34 -29.05
C VAL A 255 -23.24 -26.15 -29.38
N LYS A 256 -23.05 -27.43 -29.73
CA LYS A 256 -24.17 -28.32 -30.07
C LYS A 256 -25.34 -28.31 -29.07
N ASN A 257 -25.02 -28.25 -27.77
CA ASN A 257 -26.04 -28.44 -26.74
C ASN A 257 -26.48 -27.12 -26.09
N ASN A 258 -25.99 -26.00 -26.63
CA ASN A 258 -26.35 -24.66 -26.14
C ASN A 258 -26.01 -24.50 -24.65
N TYR A 259 -24.80 -24.95 -24.29
CA TYR A 259 -24.32 -24.91 -22.91
C TYR A 259 -23.50 -23.64 -22.62
N PHE A 260 -23.25 -22.82 -23.64
CA PHE A 260 -22.52 -21.57 -23.43
C PHE A 260 -23.46 -20.39 -23.27
N CYS A 261 -22.94 -19.32 -22.66
CA CYS A 261 -23.67 -18.07 -22.51
C CYS A 261 -23.80 -17.40 -23.88
N LYS A 262 -25.00 -16.87 -24.13
CA LYS A 262 -25.35 -16.35 -25.44
C LYS A 262 -25.51 -14.84 -25.48
N ARG A 263 -25.25 -14.25 -26.64
CA ARG A 263 -25.62 -12.87 -26.92
C ARG A 263 -27.13 -12.75 -27.06
N GLU A 264 -27.62 -11.52 -27.20
CA GLU A 264 -29.06 -11.29 -27.39
C GLU A 264 -29.61 -11.99 -28.65
N ASP A 265 -28.81 -12.09 -29.71
CA ASP A 265 -29.23 -12.80 -30.93
C ASP A 265 -29.10 -14.33 -30.85
N GLY A 266 -28.67 -14.85 -29.70
CA GLY A 266 -28.52 -16.29 -29.52
C GLY A 266 -27.20 -16.89 -30.01
N SER A 267 -26.29 -16.08 -30.55
CA SER A 267 -24.95 -16.55 -30.83
C SER A 267 -24.13 -16.68 -29.54
N ASP A 268 -23.16 -17.57 -29.55
CA ASP A 268 -22.30 -17.79 -28.40
C ASP A 268 -21.33 -16.61 -28.20
N PHE A 269 -21.47 -15.93 -27.06
CA PHE A 269 -20.58 -14.83 -26.69
C PHE A 269 -19.08 -15.20 -26.66
N VAL A 270 -18.25 -14.32 -27.21
CA VAL A 270 -16.81 -14.55 -27.31
C VAL A 270 -16.05 -13.54 -26.45
N ALA A 271 -15.29 -14.08 -25.51
CA ALA A 271 -14.37 -13.30 -24.70
C ALA A 271 -12.97 -13.88 -24.83
N ALA A 272 -11.97 -13.01 -25.03
CA ALA A 272 -10.58 -13.44 -25.00
C ALA A 272 -10.06 -13.62 -23.56
N VAL A 273 -9.47 -14.77 -23.30
CA VAL A 273 -8.72 -15.03 -22.07
C VAL A 273 -7.41 -15.74 -22.48
N TRP A 274 -6.84 -16.58 -21.62
CA TRP A 274 -5.54 -17.24 -21.91
C TRP A 274 -5.39 -17.90 -23.30
N PRO A 275 -6.45 -18.59 -23.81
CA PRO A 275 -6.39 -19.23 -25.13
C PRO A 275 -6.75 -18.33 -26.32
N GLY A 276 -6.88 -17.02 -26.10
CA GLY A 276 -7.46 -16.15 -27.12
C GLY A 276 -8.97 -16.25 -26.95
N ASP A 277 -9.68 -16.41 -28.05
CA ASP A 277 -11.16 -16.49 -28.04
C ASP A 277 -11.72 -17.67 -27.22
N THR A 278 -12.63 -17.37 -26.28
CA THR A 278 -13.34 -18.40 -25.52
C THR A 278 -14.87 -18.18 -25.46
N HIS A 279 -15.59 -19.23 -25.05
CA HIS A 279 -16.97 -19.14 -24.61
C HIS A 279 -17.02 -19.48 -23.12
N PHE A 280 -17.97 -18.89 -22.39
CA PHE A 280 -18.19 -19.21 -20.98
C PHE A 280 -19.33 -20.22 -20.86
N PRO A 281 -19.11 -21.33 -20.15
CA PRO A 281 -20.23 -22.23 -19.83
C PRO A 281 -21.29 -21.49 -19.03
N ASP A 282 -22.55 -21.82 -19.26
CA ASP A 282 -23.67 -21.15 -18.63
C ASP A 282 -23.86 -21.71 -17.22
N MSE A 283 -23.13 -21.15 -16.26
CA MSE A 283 -23.10 -21.70 -14.91
C MSE A 283 -24.43 -21.60 -14.15
O MSE A 283 -24.60 -22.26 -13.14
CB MSE A 283 -21.96 -21.07 -14.12
CG MSE A 283 -20.61 -21.25 -14.81
SE MSE A 283 -19.93 -23.06 -14.93
CE MSE A 283 -21.36 -24.15 -15.68
N LEU A 284 -25.37 -20.79 -14.65
CA LEU A 284 -26.70 -20.72 -14.03
CA LEU A 284 -26.70 -20.73 -14.02
C LEU A 284 -27.71 -21.68 -14.65
N ASN A 285 -27.29 -22.38 -15.72
CA ASN A 285 -28.15 -23.40 -16.30
C ASN A 285 -27.80 -24.76 -15.70
N PRO A 286 -28.79 -25.42 -15.05
CA PRO A 286 -28.55 -26.72 -14.38
C PRO A 286 -27.95 -27.79 -15.32
N GLU A 287 -28.47 -27.92 -16.54
CA GLU A 287 -27.95 -28.91 -17.50
C GLU A 287 -26.47 -28.60 -17.86
N ALA A 288 -26.19 -27.33 -18.13
CA ALA A 288 -24.84 -26.86 -18.41
C ALA A 288 -23.91 -27.11 -17.22
N ARG A 289 -24.40 -26.84 -16.01
CA ARG A 289 -23.62 -27.12 -14.78
C ARG A 289 -23.23 -28.57 -14.68
N LYS A 290 -24.20 -29.47 -14.86
CA LYS A 290 -23.91 -30.90 -14.72
C LYS A 290 -22.86 -31.37 -15.76
N TRP A 291 -22.97 -30.85 -16.98
CA TRP A 291 -22.02 -31.16 -18.06
C TRP A 291 -20.60 -30.67 -17.78
N PHE A 292 -20.47 -29.42 -17.32
CA PHE A 292 -19.16 -28.86 -17.03
C PHE A 292 -18.50 -29.58 -15.87
N GLY A 293 -19.26 -29.75 -14.78
CA GLY A 293 -18.74 -30.48 -13.63
C GLY A 293 -18.32 -31.91 -13.93
N ASP A 294 -19.11 -32.59 -14.77
CA ASP A 294 -18.79 -33.98 -15.15
C ASP A 294 -17.43 -34.05 -15.85
N LYS A 295 -16.99 -32.95 -16.45
CA LYS A 295 -15.72 -32.96 -17.18
C LYS A 295 -14.49 -33.14 -16.29
N TYR A 296 -14.64 -32.86 -15.00
CA TYR A 296 -13.54 -33.06 -14.05
C TYR A 296 -13.17 -34.54 -13.92
N ARG A 297 -14.08 -35.42 -14.31
CA ARG A 297 -13.82 -36.87 -14.36
C ARG A 297 -12.56 -37.16 -15.17
N PHE A 298 -12.32 -36.36 -16.21
CA PHE A 298 -11.14 -36.51 -17.05
C PHE A 298 -9.84 -36.56 -16.22
N LEU A 299 -9.74 -35.66 -15.24
CA LEU A 299 -8.55 -35.63 -14.39
C LEU A 299 -8.65 -36.57 -13.18
N ILE A 300 -9.84 -36.71 -12.61
CA ILE A 300 -10.01 -37.61 -11.46
C ILE A 300 -9.62 -39.04 -11.86
N ASP A 301 -10.10 -39.48 -13.02
CA ASP A 301 -9.77 -40.83 -13.54
C ASP A 301 -8.26 -41.03 -13.81
N GLN A 302 -7.47 -39.96 -13.73
CA GLN A 302 -6.03 -40.05 -13.91
C GLN A 302 -5.26 -39.96 -12.59
N GLY A 303 -6.00 -39.92 -11.48
CA GLY A 303 -5.42 -39.96 -10.12
C GLY A 303 -5.33 -38.60 -9.43
N ILE A 304 -6.00 -37.60 -9.98
CA ILE A 304 -5.99 -36.27 -9.40
C ILE A 304 -7.04 -36.18 -8.31
N GLU A 305 -6.67 -35.58 -7.19
CA GLU A 305 -7.52 -35.50 -6.00
C GLU A 305 -7.89 -34.07 -5.59
N GLY A 306 -7.57 -33.09 -6.41
CA GLY A 306 -7.90 -31.70 -6.08
C GLY A 306 -7.69 -30.73 -7.22
N PHE A 307 -8.31 -29.56 -7.12
CA PHE A 307 -8.32 -28.60 -8.22
C PHE A 307 -8.41 -27.18 -7.69
N TRP A 308 -8.13 -26.24 -8.56
CA TRP A 308 -8.53 -24.87 -8.29
C TRP A 308 -9.10 -24.16 -9.50
N ASN A 309 -10.12 -23.35 -9.25
CA ASN A 309 -10.88 -22.69 -10.31
C ASN A 309 -10.46 -21.24 -10.35
N ASP A 310 -10.15 -20.73 -11.55
CA ASP A 310 -9.60 -19.41 -11.63
C ASP A 310 -10.29 -18.62 -12.75
N MSE A 311 -10.07 -17.29 -12.78
CA MSE A 311 -10.56 -16.41 -13.86
C MSE A 311 -12.11 -16.41 -13.92
O MSE A 311 -12.72 -16.11 -14.97
CB MSE A 311 -10.01 -16.82 -15.24
CG MSE A 311 -8.47 -17.05 -15.31
SE MSE A 311 -7.45 -15.50 -14.66
CE MSE A 311 -7.66 -14.42 -16.23
N ASN A 312 -12.74 -16.74 -12.79
CA ASN A 312 -14.16 -17.06 -12.81
C ASN A 312 -15.11 -15.96 -12.35
N GLU A 313 -14.74 -14.70 -12.58
CA GLU A 313 -15.64 -13.57 -12.32
C GLU A 313 -16.88 -13.53 -13.25
N PRO A 314 -16.74 -13.83 -14.55
CA PRO A 314 -15.59 -14.30 -15.32
C PRO A 314 -14.69 -13.16 -15.82
N ALA A 315 -13.38 -13.42 -15.81
CA ALA A 315 -12.42 -12.46 -16.34
C ALA A 315 -12.56 -12.36 -17.87
N ILE A 316 -12.44 -11.13 -18.38
CA ILE A 316 -12.50 -10.87 -19.82
C ILE A 316 -11.38 -9.88 -20.18
N PHE A 317 -10.37 -10.36 -20.92
CA PHE A 317 -9.31 -9.47 -21.45
C PHE A 317 -9.88 -8.47 -22.44
N TYR A 318 -10.76 -8.96 -23.31
CA TYR A 318 -11.58 -8.13 -24.20
C TYR A 318 -12.64 -8.98 -24.88
N SER A 319 -13.68 -8.33 -25.38
CA SER A 319 -14.66 -8.97 -26.22
C SER A 319 -14.37 -8.62 -27.66
N SER A 320 -15.05 -9.30 -28.60
CA SER A 320 -14.96 -8.95 -30.01
C SER A 320 -15.42 -7.51 -30.22
N GLU A 321 -16.47 -7.14 -29.50
CA GLU A 321 -17.03 -5.78 -29.62
C GLU A 321 -16.05 -4.72 -29.08
N GLY A 322 -15.45 -4.99 -27.91
CA GLY A 322 -14.45 -4.10 -27.29
C GLY A 322 -13.17 -3.94 -28.10
N LEU A 323 -12.69 -5.05 -28.65
CA LEU A 323 -11.50 -5.03 -29.48
C LEU A 323 -11.74 -4.16 -30.73
N ALA A 324 -12.89 -4.34 -31.39
CA ALA A 324 -13.21 -3.50 -32.57
C ALA A 324 -13.24 -2.00 -32.27
N GLU A 325 -13.89 -1.62 -31.17
CA GLU A 325 -13.91 -0.22 -30.71
C GLU A 325 -12.50 0.31 -30.43
N ALA A 326 -11.69 -0.50 -29.77
CA ALA A 326 -10.32 -0.10 -29.46
C ALA A 326 -9.48 0.11 -30.71
N LYS A 327 -9.63 -0.77 -31.70
CA LYS A 327 -8.89 -0.64 -32.96
C LYS A 327 -9.39 0.60 -33.69
N GLU A 328 -10.70 0.84 -33.64
CA GLU A 328 -11.27 2.00 -34.32
C GLU A 328 -10.72 3.31 -33.73
N PHE A 329 -10.73 3.41 -32.41
CA PHE A 329 -10.18 4.55 -31.69
C PHE A 329 -8.68 4.76 -31.93
N ALA A 330 -7.89 3.67 -31.93
CA ALA A 330 -6.46 3.70 -32.25
C ALA A 330 -6.19 4.25 -33.65
N GLY A 331 -7.09 3.96 -34.58
CA GLY A 331 -7.01 4.46 -35.94
C GLY A 331 -7.22 5.96 -36.00
N GLU A 332 -8.11 6.48 -35.16
CA GLU A 332 -8.31 7.92 -35.04
C GLU A 332 -7.06 8.57 -34.44
N PHE A 333 -6.52 7.95 -33.39
CA PHE A 333 -5.29 8.43 -32.76
C PHE A 333 -4.16 8.52 -33.76
N ALA A 334 -3.98 7.45 -34.54
CA ALA A 334 -2.86 7.31 -35.48
C ALA A 334 -2.79 8.45 -36.48
N LYS A 335 -3.93 8.84 -37.05
CA LYS A 335 -3.92 9.89 -38.07
C LYS A 335 -4.30 11.30 -37.58
N ASP A 336 -4.46 11.45 -36.26
CA ASP A 336 -4.70 12.75 -35.65
C ASP A 336 -3.42 13.62 -35.73
N THR A 337 -3.53 14.76 -36.40
CA THR A 337 -2.39 15.67 -36.53
C THR A 337 -2.60 16.94 -35.70
N GLU A 338 -3.85 17.20 -35.32
CA GLU A 338 -4.23 18.43 -34.64
C GLU A 338 -4.37 18.33 -33.11
N GLY A 339 -3.75 17.31 -32.53
CA GLY A 339 -3.74 17.10 -31.07
C GLY A 339 -5.10 17.03 -30.39
N LYS A 340 -6.08 16.45 -31.07
CA LYS A 340 -7.43 16.30 -30.50
C LYS A 340 -7.57 15.08 -29.61
N ILE A 341 -6.85 14.00 -29.95
CA ILE A 341 -6.82 12.79 -29.13
C ILE A 341 -5.46 12.66 -28.45
N HIS A 342 -5.46 12.75 -27.13
CA HIS A 342 -4.25 12.67 -26.33
C HIS A 342 -3.88 11.24 -25.99
N PRO A 343 -2.58 10.97 -25.77
CA PRO A 343 -2.17 9.59 -25.50
C PRO A 343 -2.88 9.00 -24.27
N TRP A 344 -3.21 9.84 -23.29
CA TRP A 344 -3.89 9.36 -22.08
C TRP A 344 -5.32 8.89 -22.34
N ALA A 345 -6.00 9.50 -23.31
CA ALA A 345 -7.31 9.00 -23.76
C ALA A 345 -7.15 7.63 -24.44
N MSE A 346 -6.02 7.45 -25.14
CA MSE A 346 -5.65 6.18 -25.73
C MSE A 346 -5.38 5.11 -24.64
O MSE A 346 -5.91 3.99 -24.73
CB MSE A 346 -4.44 6.40 -26.68
CG MSE A 346 -4.10 5.26 -27.64
SE MSE A 346 -5.51 4.74 -28.86
CE MSE A 346 -6.33 6.45 -29.13
N GLN A 347 -4.62 5.46 -23.59
CA GLN A 347 -4.38 4.53 -22.46
C GLN A 347 -5.69 4.13 -21.77
N ALA A 348 -6.59 5.09 -21.53
CA ALA A 348 -7.86 4.84 -20.85
C ALA A 348 -8.75 3.87 -21.63
N LYS A 349 -8.86 4.08 -22.96
CA LYS A 349 -9.60 3.15 -23.83
C LYS A 349 -9.11 1.70 -23.70
N MSE A 350 -7.79 1.50 -23.74
CA MSE A 350 -7.18 0.16 -23.60
C MSE A 350 -7.45 -0.49 -22.21
O MSE A 350 -7.72 -1.70 -22.12
CB MSE A 350 -5.67 0.20 -23.86
CG MSE A 350 -5.27 0.80 -25.22
SE MSE A 350 -5.99 -0.11 -26.80
CE MSE A 350 -6.58 1.42 -27.82
N LYS A 351 -7.40 0.31 -21.15
CA LYS A 351 -7.74 -0.22 -19.83
C LYS A 351 -9.22 -0.59 -19.80
N ASP A 352 -10.03 0.24 -20.46
CA ASP A 352 -11.48 0.17 -20.39
C ASP A 352 -12.08 -1.11 -20.98
N ILE A 353 -11.35 -1.77 -21.87
CA ILE A 353 -11.90 -2.95 -22.53
C ILE A 353 -11.74 -4.24 -21.71
N VAL A 354 -10.95 -4.16 -20.64
CA VAL A 354 -10.69 -5.28 -19.72
C VAL A 354 -11.77 -5.34 -18.63
N ASN A 355 -12.46 -6.48 -18.51
CA ASN A 355 -13.55 -6.65 -17.52
C ASN A 355 -14.58 -5.53 -17.61
N SER A 356 -14.99 -5.21 -18.83
CA SER A 356 -15.80 -4.02 -19.09
C SER A 356 -17.26 -4.19 -18.60
N PRO A 357 -17.80 -3.18 -17.89
CA PRO A 357 -19.21 -3.23 -17.51
C PRO A 357 -20.14 -3.47 -18.71
N GLU A 358 -19.84 -2.85 -19.85
CA GLU A 358 -20.61 -3.07 -21.06
C GLU A 358 -20.56 -4.53 -21.51
N ASP A 359 -19.41 -5.19 -21.34
CA ASP A 359 -19.31 -6.58 -21.75
C ASP A 359 -20.22 -7.47 -20.91
N TYR A 360 -20.36 -7.14 -19.63
CA TYR A 360 -21.19 -7.96 -18.73
C TYR A 360 -22.68 -7.84 -19.05
N LYS A 361 -23.05 -6.88 -19.89
CA LYS A 361 -24.43 -6.84 -20.36
C LYS A 361 -24.62 -7.32 -21.79
N ARG A 362 -23.58 -7.91 -22.38
CA ARG A 362 -23.65 -8.45 -23.75
C ARG A 362 -24.02 -9.95 -23.80
N PHE A 363 -24.05 -10.62 -22.65
CA PHE A 363 -24.41 -12.04 -22.63
C PHE A 363 -25.40 -12.40 -21.54
N TYR A 364 -26.06 -13.54 -21.75
CA TYR A 364 -27.21 -13.97 -20.95
C TYR A 364 -27.01 -15.38 -20.42
N HIS A 365 -27.69 -15.68 -19.32
CA HIS A 365 -27.80 -17.02 -18.77
C HIS A 365 -29.19 -17.57 -19.06
N ASN A 366 -29.24 -18.87 -19.32
CA ASN A 366 -30.51 -19.56 -19.54
C ASN A 366 -30.91 -20.22 -18.22
N VAL A 367 -31.75 -19.55 -17.43
CA VAL A 367 -32.12 -20.08 -16.10
C VAL A 367 -33.49 -20.77 -16.19
N ASN A 368 -33.45 -22.09 -16.28
CA ASN A 368 -34.65 -22.91 -16.42
C ASN A 368 -35.57 -22.40 -17.54
N GLY A 369 -34.97 -21.95 -18.65
CA GLY A 369 -35.72 -21.40 -19.78
C GLY A 369 -35.88 -19.89 -19.81
N LYS A 370 -35.61 -19.21 -18.70
CA LYS A 370 -35.70 -17.73 -18.65
C LYS A 370 -34.33 -17.08 -18.92
N LYS A 371 -34.28 -16.19 -19.91
CA LYS A 371 -33.07 -15.45 -20.23
C LYS A 371 -32.81 -14.31 -19.24
N ILE A 372 -31.64 -14.35 -18.58
CA ILE A 372 -31.26 -13.31 -17.62
C ILE A 372 -29.93 -12.69 -18.07
N ARG A 373 -29.90 -11.36 -18.21
CA ARG A 373 -28.66 -10.66 -18.52
C ARG A 373 -27.61 -10.85 -17.43
N HIS A 374 -26.38 -11.12 -17.85
CA HIS A 374 -25.32 -11.51 -16.92
C HIS A 374 -25.11 -10.51 -15.77
N ASP A 375 -25.09 -9.22 -16.09
CA ASP A 375 -24.80 -8.20 -15.09
C ASP A 375 -25.80 -8.26 -13.93
N LYS A 376 -27.02 -8.68 -14.20
CA LYS A 376 -28.04 -8.83 -13.16
C LYS A 376 -27.72 -9.91 -12.13
N VAL A 377 -26.87 -10.86 -12.52
CA VAL A 377 -26.51 -11.98 -11.64
C VAL A 377 -24.98 -12.24 -11.62
N HIS A 378 -24.22 -11.19 -11.89
CA HIS A 378 -22.79 -11.28 -12.08
C HIS A 378 -22.07 -11.99 -10.94
N ASN A 379 -22.45 -11.67 -9.70
CA ASN A 379 -21.75 -12.21 -8.52
C ASN A 379 -22.02 -13.68 -8.25
N LEU A 380 -22.87 -14.29 -9.06
CA LEU A 380 -23.17 -15.72 -8.93
C LEU A 380 -22.31 -16.66 -9.80
N PHE A 381 -21.51 -16.10 -10.71
CA PHE A 381 -20.84 -16.93 -11.72
C PHE A 381 -19.79 -17.88 -11.11
N GLY A 382 -18.86 -17.35 -10.32
CA GLY A 382 -17.78 -18.18 -9.78
C GLY A 382 -18.31 -19.17 -8.76
N TYR A 383 -19.24 -18.70 -7.96
CA TYR A 383 -20.02 -19.55 -7.08
C TYR A 383 -20.57 -20.77 -7.82
N ASN A 384 -21.25 -20.55 -8.96
CA ASN A 384 -21.91 -21.63 -9.66
C ASN A 384 -20.95 -22.55 -10.41
N MSE A 385 -19.81 -22.02 -10.80
CA MSE A 385 -18.76 -22.86 -11.37
C MSE A 385 -18.21 -23.88 -10.35
O MSE A 385 -18.06 -25.07 -10.65
CB MSE A 385 -17.61 -22.00 -11.92
CG MSE A 385 -16.39 -22.81 -12.34
SE MSE A 385 -15.00 -21.71 -13.11
CE MSE A 385 -13.73 -23.11 -13.57
N THR A 386 -17.95 -23.41 -9.15
CA THR A 386 -17.43 -24.23 -8.06
C THR A 386 -18.50 -25.20 -7.55
N ARG A 387 -19.75 -24.73 -7.53
CA ARG A 387 -20.89 -25.61 -7.27
C ARG A 387 -21.01 -26.76 -8.28
N ALA A 388 -20.79 -26.45 -9.57
CA ALA A 388 -20.84 -27.47 -10.62
C ALA A 388 -19.79 -28.57 -10.38
N ALA A 389 -18.61 -28.15 -9.97
CA ALA A 389 -17.55 -29.11 -9.68
C ALA A 389 -17.88 -29.95 -8.43
N GLY A 390 -18.32 -29.27 -7.36
CA GLY A 390 -18.70 -29.90 -6.09
C GLY A 390 -19.78 -30.96 -6.23
N GLU A 391 -20.86 -30.61 -6.91
CA GLU A 391 -21.95 -31.55 -7.19
C GLU A 391 -21.48 -32.72 -8.04
N ALA A 392 -20.59 -32.45 -8.98
CA ALA A 392 -20.05 -33.52 -9.80
C ALA A 392 -19.21 -34.50 -8.97
N PHE A 393 -18.43 -33.99 -8.02
CA PHE A 393 -17.65 -34.85 -7.11
C PHE A 393 -18.59 -35.78 -6.34
N GLU A 394 -19.69 -35.22 -5.85
CA GLU A 394 -20.76 -35.97 -5.16
C GLU A 394 -21.34 -37.09 -6.04
N ARG A 395 -21.56 -36.82 -7.32
CA ARG A 395 -22.02 -37.84 -8.27
C ARG A 395 -20.94 -38.89 -8.54
N ILE A 396 -19.69 -38.46 -8.71
CA ILE A 396 -18.59 -39.38 -9.01
C ILE A 396 -18.23 -40.34 -7.85
N ASP A 397 -18.06 -39.78 -6.64
CA ASP A 397 -17.59 -40.55 -5.48
C ASP A 397 -18.12 -39.86 -4.22
N PRO A 398 -19.36 -40.17 -3.84
CA PRO A 398 -19.99 -39.37 -2.80
C PRO A 398 -19.28 -39.40 -1.44
N GLU A 399 -18.40 -40.39 -1.22
CA GLU A 399 -17.74 -40.52 0.09
C GLU A 399 -16.32 -39.93 0.15
N LYS A 400 -15.81 -39.46 -0.99
CA LYS A 400 -14.46 -38.94 -1.04
C LYS A 400 -14.43 -37.42 -1.07
N ARG A 401 -13.56 -36.85 -0.23
CA ARG A 401 -13.27 -35.42 -0.21
C ARG A 401 -12.25 -35.07 -1.28
N PHE A 402 -12.52 -34.00 -2.04
CA PHE A 402 -11.55 -33.48 -2.98
C PHE A 402 -11.11 -32.08 -2.54
N LEU A 403 -9.84 -31.74 -2.80
CA LEU A 403 -9.39 -30.37 -2.56
C LEU A 403 -10.02 -29.48 -3.63
N MSE A 404 -10.61 -28.37 -3.20
CA MSE A 404 -11.26 -27.45 -4.15
C MSE A 404 -11.25 -26.04 -3.59
O MSE A 404 -11.66 -25.81 -2.46
CB MSE A 404 -12.69 -27.94 -4.39
CG MSE A 404 -13.58 -26.99 -5.21
SE MSE A 404 -13.48 -27.28 -7.14
CE MSE A 404 -12.12 -25.98 -7.46
N PHE A 405 -10.76 -25.09 -4.37
CA PHE A 405 -10.89 -23.69 -4.00
C PHE A 405 -11.02 -22.78 -5.24
N SER A 406 -11.58 -21.59 -5.03
CA SER A 406 -11.98 -20.73 -6.15
C SER A 406 -11.44 -19.32 -5.93
N ARG A 407 -11.38 -18.55 -7.01
CA ARG A 407 -11.07 -17.14 -6.92
C ARG A 407 -12.33 -16.33 -6.59
N SER A 408 -13.33 -16.37 -7.46
CA SER A 408 -14.57 -15.60 -7.28
C SER A 408 -15.53 -16.38 -6.37
N SER A 409 -16.35 -15.69 -5.58
CA SER A 409 -17.36 -16.39 -4.79
C SER A 409 -18.50 -15.50 -4.32
N TYR A 410 -19.51 -16.17 -3.77
CA TYR A 410 -20.69 -15.58 -3.18
C TYR A 410 -21.09 -16.56 -2.08
N ILE A 411 -21.81 -16.07 -1.08
CA ILE A 411 -22.22 -16.90 0.07
C ILE A 411 -23.12 -18.02 -0.45
N GLY A 412 -22.84 -19.24 -0.02
CA GLY A 412 -23.43 -20.40 -0.67
C GLY A 412 -22.34 -21.27 -1.26
N MSE A 413 -21.35 -20.63 -1.88
CA MSE A 413 -20.21 -21.37 -2.44
C MSE A 413 -19.37 -22.00 -1.36
O MSE A 413 -18.63 -22.96 -1.63
CB MSE A 413 -19.32 -20.44 -3.27
CG MSE A 413 -18.55 -21.21 -4.34
SE MSE A 413 -16.98 -20.28 -4.91
CE MSE A 413 -15.90 -20.86 -3.39
N HIS A 414 -19.47 -21.47 -0.14
CA HIS A 414 -18.71 -21.95 1.01
C HIS A 414 -18.96 -23.44 1.31
N ARG A 415 -20.06 -23.97 0.79
CA ARG A 415 -20.40 -25.37 1.00
C ARG A 415 -19.62 -26.31 0.07
N TYR A 416 -19.04 -25.75 -1.00
CA TYR A 416 -18.46 -26.54 -2.10
C TYR A 416 -16.92 -26.47 -2.25
N GLY A 417 -16.31 -25.36 -1.81
CA GLY A 417 -14.87 -25.19 -1.93
C GLY A 417 -14.37 -24.06 -1.06
N GLY A 418 -13.04 -23.91 -0.96
CA GLY A 418 -12.42 -22.81 -0.26
C GLY A 418 -12.15 -21.59 -1.12
N ILE A 419 -11.39 -20.64 -0.57
CA ILE A 419 -11.13 -19.35 -1.21
C ILE A 419 -9.64 -19.08 -1.34
N TRP A 420 -9.22 -18.77 -2.56
CA TRP A 420 -7.93 -18.14 -2.84
C TRP A 420 -8.10 -16.66 -2.53
N MSE A 421 -7.36 -16.12 -1.57
CA MSE A 421 -7.68 -14.76 -1.08
C MSE A 421 -7.18 -13.58 -1.91
O MSE A 421 -7.73 -12.47 -1.79
CB MSE A 421 -7.24 -14.58 0.38
CG MSE A 421 -8.04 -15.45 1.35
SE MSE A 421 -7.10 -15.62 3.05
CE MSE A 421 -7.22 -13.76 3.53
N GLY A 422 -6.17 -13.81 -2.73
CA GLY A 422 -5.60 -12.75 -3.57
C GLY A 422 -4.10 -12.93 -3.69
N ASP A 423 -3.48 -12.11 -4.55
CA ASP A 423 -2.03 -12.17 -4.71
C ASP A 423 -1.38 -11.01 -3.96
N ASN A 424 -0.65 -11.36 -2.90
CA ASN A 424 0.17 -10.42 -2.14
C ASN A 424 1.36 -9.85 -2.92
N LYS A 425 1.62 -10.39 -4.11
CA LYS A 425 2.78 -10.01 -4.93
C LYS A 425 4.02 -10.01 -4.03
N SER A 426 4.72 -8.88 -3.89
CA SER A 426 5.85 -8.79 -2.96
C SER A 426 5.59 -7.70 -1.92
N TRP A 427 4.34 -7.55 -1.49
CA TRP A 427 3.95 -6.44 -0.62
C TRP A 427 3.97 -6.78 0.87
N TRP A 428 4.85 -6.15 1.62
CA TRP A 428 4.85 -6.28 3.07
C TRP A 428 3.48 -5.94 3.65
N SER A 429 2.81 -4.93 3.09
CA SER A 429 1.52 -4.46 3.62
C SER A 429 0.47 -5.57 3.63
N HIS A 430 0.67 -6.59 2.82
CA HIS A 430 -0.38 -7.59 2.64
C HIS A 430 -0.45 -8.72 3.64
N ILE A 431 0.63 -8.90 4.40
CA ILE A 431 0.61 -9.86 5.51
C ILE A 431 -0.48 -9.48 6.51
N LEU A 432 -0.48 -8.22 6.90
CA LEU A 432 -1.48 -7.68 7.81
C LEU A 432 -2.87 -7.69 7.15
N LEU A 433 -2.97 -7.37 5.86
CA LEU A 433 -4.26 -7.49 5.16
C LEU A 433 -4.83 -8.91 5.16
N ASN A 434 -3.98 -9.90 4.93
CA ASN A 434 -4.38 -11.32 5.00
C ASN A 434 -4.95 -11.62 6.39
N LEU A 435 -4.20 -11.26 7.42
CA LEU A 435 -4.63 -11.45 8.82
C LEU A 435 -6.06 -10.90 9.08
N LYS A 436 -6.28 -9.63 8.75
CA LYS A 436 -7.54 -8.94 8.98
C LYS A 436 -8.73 -9.62 8.29
N MSE A 437 -8.50 -10.09 7.06
CA MSE A 437 -9.54 -10.73 6.27
C MSE A 437 -10.00 -12.11 6.82
O MSE A 437 -11.17 -12.48 6.69
CB MSE A 437 -9.09 -10.84 4.81
CG MSE A 437 -10.17 -11.24 3.82
SE MSE A 437 -9.42 -11.31 2.01
CE MSE A 437 -8.73 -9.54 1.92
N LEU A 438 -9.10 -12.85 7.45
CA LEU A 438 -9.40 -14.23 7.88
C LEU A 438 -10.69 -14.41 8.72
N PRO A 439 -10.86 -13.65 9.84
CA PRO A 439 -12.10 -13.86 10.60
C PRO A 439 -13.37 -13.48 9.80
N SER A 440 -13.27 -12.44 8.98
CA SER A 440 -14.45 -11.97 8.23
C SER A 440 -14.92 -13.03 7.25
N LEU A 441 -13.95 -13.66 6.58
CA LEU A 441 -14.24 -14.84 5.78
C LEU A 441 -14.89 -15.98 6.59
N ASN A 442 -14.40 -16.26 7.79
CA ASN A 442 -15.00 -17.29 8.64
C ASN A 442 -16.48 -16.99 8.98
N MSE A 443 -16.79 -15.73 9.20
CA MSE A 443 -18.18 -15.32 9.48
C MSE A 443 -19.13 -15.68 8.34
O MSE A 443 -20.34 -15.85 8.57
CB MSE A 443 -18.28 -13.81 9.71
CG MSE A 443 -17.42 -13.30 10.83
SE MSE A 443 -17.50 -11.36 10.97
CE MSE A 443 -15.85 -11.08 11.96
N CYS A 444 -18.59 -15.76 7.13
CA CYS A 444 -19.39 -15.97 5.91
C CYS A 444 -19.36 -17.43 5.43
N GLY A 445 -18.72 -18.31 6.21
CA GLY A 445 -18.69 -19.73 5.91
C GLY A 445 -17.40 -20.24 5.28
N PHE A 446 -16.50 -19.34 4.90
CA PHE A 446 -15.31 -19.75 4.15
C PHE A 446 -14.20 -19.91 5.16
N MSE A 447 -13.87 -21.16 5.46
CA MSE A 447 -12.83 -21.47 6.44
C MSE A 447 -11.54 -21.94 5.77
O MSE A 447 -10.45 -21.62 6.25
CB MSE A 447 -13.32 -22.55 7.41
CG MSE A 447 -14.64 -22.22 8.19
SE MSE A 447 -15.37 -23.85 9.05
CE MSE A 447 -15.04 -25.12 7.64
N TYR A 448 -11.66 -22.70 4.69
CA TYR A 448 -10.46 -23.14 3.95
C TYR A 448 -9.94 -22.02 3.04
N THR A 449 -9.04 -21.20 3.58
CA THR A 449 -8.61 -19.98 2.87
C THR A 449 -7.13 -19.75 3.09
N GLY A 450 -6.56 -18.95 2.21
CA GLY A 450 -5.14 -18.58 2.25
C GLY A 450 -4.86 -17.71 1.05
N ALA A 451 -3.73 -17.02 1.08
CA ALA A 451 -3.37 -16.05 0.07
C ALA A 451 -2.06 -16.48 -0.57
N ASP A 452 -1.78 -15.90 -1.73
CA ASP A 452 -0.51 -16.12 -2.42
C ASP A 452 0.50 -15.00 -2.19
N LEU A 453 1.79 -15.37 -2.13
CA LEU A 453 2.87 -14.40 -2.36
C LEU A 453 3.47 -14.63 -3.76
N GLY A 454 2.78 -14.11 -4.78
CA GLY A 454 3.13 -14.37 -6.19
C GLY A 454 4.44 -13.75 -6.63
N GLY A 455 4.88 -12.73 -5.89
CA GLY A 455 6.10 -12.02 -6.25
C GLY A 455 5.84 -10.91 -7.25
N PHE A 456 6.87 -10.08 -7.44
CA PHE A 456 6.87 -8.97 -8.39
C PHE A 456 8.32 -8.70 -8.73
N GLY A 457 8.71 -9.01 -9.97
CA GLY A 457 10.12 -8.99 -10.36
C GLY A 457 10.96 -9.78 -9.35
N ASP A 458 12.02 -9.15 -8.84
CA ASP A 458 12.86 -9.77 -7.82
C ASP A 458 12.56 -9.27 -6.40
N ASP A 459 11.37 -8.69 -6.21
CA ASP A 459 11.07 -7.96 -4.98
C ASP A 459 10.88 -8.81 -3.74
N THR A 460 10.59 -10.11 -3.92
CA THR A 460 10.44 -11.01 -2.77
C THR A 460 11.81 -11.37 -2.21
N THR A 461 12.11 -10.75 -1.08
CA THR A 461 13.35 -11.02 -0.40
C THR A 461 13.12 -12.19 0.54
N ARG A 462 14.22 -12.80 0.95
CA ARG A 462 14.21 -13.91 1.89
C ARG A 462 13.30 -13.69 3.10
N ASP A 463 13.42 -12.52 3.72
CA ASP A 463 12.73 -12.21 4.94
C ASP A 463 11.23 -12.00 4.74
N LEU A 464 10.83 -11.43 3.59
CA LEU A 464 9.41 -11.31 3.29
C LEU A 464 8.77 -12.71 3.21
N LEU A 465 9.40 -13.62 2.46
CA LEU A 465 8.89 -14.98 2.34
C LEU A 465 8.78 -15.69 3.70
N LEU A 466 9.82 -15.60 4.55
CA LEU A 466 9.77 -16.24 5.87
CA LEU A 466 9.82 -16.18 5.91
C LEU A 466 8.63 -15.68 6.73
N ARG A 467 8.44 -14.36 6.75
CA ARG A 467 7.33 -13.77 7.50
C ARG A 467 5.98 -14.18 6.96
N PHE A 468 5.85 -14.26 5.64
CA PHE A 468 4.61 -14.66 5.00
C PHE A 468 4.24 -16.12 5.33
N LEU A 469 5.25 -17.00 5.33
CA LEU A 469 5.07 -18.41 5.62
C LEU A 469 4.69 -18.68 7.08
N ALA A 470 5.25 -17.88 7.98
CA ALA A 470 4.99 -17.98 9.40
C ALA A 470 3.54 -17.61 9.77
N LEU A 471 2.90 -16.76 8.96
CA LEU A 471 1.43 -16.60 8.99
C LEU A 471 0.72 -17.80 8.34
N GLY A 472 1.29 -18.26 7.23
CA GLY A 472 0.80 -19.38 6.46
C GLY A 472 0.68 -20.64 7.28
N VAL A 473 1.50 -20.76 8.33
CA VAL A 473 1.49 -21.90 9.23
C VAL A 473 0.06 -22.13 9.71
N PHE A 474 -0.66 -21.03 9.93
CA PHE A 474 -1.97 -21.08 10.53
C PHE A 474 -3.13 -21.05 9.53
N THR A 475 -2.87 -20.67 8.29
CA THR A 475 -3.98 -20.56 7.32
C THR A 475 -4.15 -21.94 6.67
N PRO A 476 -5.38 -22.46 6.62
CA PRO A 476 -5.56 -23.85 6.13
C PRO A 476 -4.93 -24.06 4.74
N LEU A 477 -5.12 -23.09 3.85
CA LEU A 477 -4.41 -23.08 2.57
C LEU A 477 -3.05 -22.38 2.71
N MSE A 478 -2.00 -23.20 2.74
CA MSE A 478 -0.63 -22.69 2.88
C MSE A 478 0.15 -23.08 1.63
O MSE A 478 0.47 -24.25 1.45
CB MSE A 478 0.02 -23.26 4.15
CG MSE A 478 1.41 -22.68 4.46
SE MSE A 478 2.38 -23.77 5.72
CE MSE A 478 4.07 -22.79 5.87
N ARG A 479 0.44 -22.12 0.77
CA ARG A 479 1.27 -22.40 -0.40
C ARG A 479 2.20 -21.25 -0.82
N ASP A 480 3.31 -21.65 -1.46
CA ASP A 480 4.30 -20.77 -2.07
C ASP A 480 4.14 -20.97 -3.58
N HIS A 481 3.51 -20.01 -4.25
CA HIS A 481 3.15 -20.12 -5.68
C HIS A 481 3.49 -18.84 -6.49
N ALA A 482 4.59 -18.88 -7.24
CA ALA A 482 5.06 -17.68 -7.95
C ALA A 482 4.14 -17.34 -9.13
N ALA A 483 3.89 -16.04 -9.32
CA ALA A 483 3.13 -15.56 -10.47
C ALA A 483 3.95 -14.57 -11.31
N GLU A 484 3.94 -13.29 -10.94
CA GLU A 484 4.73 -12.28 -11.65
C GLU A 484 6.19 -12.22 -11.19
N GLY A 485 6.49 -12.75 -10.01
CA GLY A 485 7.84 -12.82 -9.48
C GLY A 485 8.80 -13.59 -10.39
N THR A 486 9.99 -13.05 -10.58
CA THR A 486 11.00 -13.70 -11.41
C THR A 486 12.17 -14.29 -10.61
N ARG A 487 12.35 -13.83 -9.37
CA ARG A 487 13.32 -14.49 -8.48
C ARG A 487 12.78 -15.90 -8.17
N GLU A 488 13.63 -16.92 -8.31
CA GLU A 488 13.29 -18.28 -7.87
C GLU A 488 12.84 -18.18 -6.43
N GLN A 489 11.64 -18.70 -6.14
CA GLN A 489 11.09 -18.54 -4.79
C GLN A 489 10.71 -19.80 -4.02
N GLU A 490 11.03 -20.98 -4.59
CA GLU A 490 10.94 -22.25 -3.83
C GLU A 490 11.79 -22.14 -2.56
N CYS A 491 11.40 -22.85 -1.51
CA CYS A 491 12.08 -22.76 -0.21
C CYS A 491 13.54 -23.23 -0.20
N TYR A 492 13.97 -23.89 -1.27
CA TYR A 492 15.36 -24.38 -1.40
C TYR A 492 16.22 -23.43 -2.23
N GLN A 493 15.68 -22.27 -2.57
CA GLN A 493 16.35 -21.33 -3.49
C GLN A 493 17.02 -20.13 -2.81
N PHE A 494 16.94 -20.09 -1.48
CA PHE A 494 17.46 -18.97 -0.70
C PHE A 494 18.63 -19.39 0.20
N GLU A 495 19.39 -18.39 0.67
CA GLU A 495 20.45 -18.66 1.63
C GLU A 495 19.86 -19.12 2.96
N ASN A 496 20.63 -19.96 3.67
CA ASN A 496 20.21 -20.57 4.94
C ASN A 496 18.84 -21.26 4.90
N ILE A 497 18.74 -22.22 3.97
CA ILE A 497 17.59 -23.12 3.81
C ILE A 497 16.96 -23.63 5.12
N GLU A 498 17.78 -23.83 6.15
CA GLU A 498 17.31 -24.32 7.44
C GLU A 498 16.19 -23.46 8.09
N ASP A 499 16.20 -22.15 7.84
CA ASP A 499 15.13 -21.26 8.35
C ASP A 499 13.80 -21.57 7.67
N PHE A 500 13.83 -21.92 6.39
CA PHE A 500 12.59 -22.28 5.69
C PHE A 500 12.06 -23.64 6.20
N ARG A 501 12.97 -24.59 6.40
CA ARG A 501 12.64 -25.90 6.95
C ARG A 501 12.03 -25.77 8.35
N SER A 502 12.62 -24.91 9.17
CA SER A 502 12.10 -24.65 10.52
CA SER A 502 12.10 -24.65 10.51
C SER A 502 10.65 -24.13 10.48
N VAL A 503 10.38 -23.16 9.59
CA VAL A 503 9.03 -22.61 9.48
C VAL A 503 8.01 -23.66 8.98
N ILE A 504 8.33 -24.38 7.91
CA ILE A 504 7.43 -25.44 7.44
C ILE A 504 7.30 -26.60 8.45
N ASN A 505 8.38 -26.95 9.14
CA ASN A 505 8.27 -27.94 10.22
C ASN A 505 7.19 -27.58 11.26
N ALA A 506 7.12 -26.30 11.61
CA ALA A 506 6.16 -25.85 12.61
C ALA A 506 4.74 -26.14 12.13
N ARG A 507 4.46 -25.87 10.85
CA ARG A 507 3.18 -26.21 10.24
C ARG A 507 2.85 -27.68 10.48
N TYR A 508 3.78 -28.57 10.13
CA TYR A 508 3.52 -30.00 10.21
C TYR A 508 3.38 -30.51 11.65
N ARG A 509 4.08 -29.87 12.59
CA ARG A 509 3.96 -30.21 14.02
C ARG A 509 2.58 -29.84 14.54
N LEU A 510 1.98 -28.81 13.93
CA LEU A 510 0.69 -28.27 14.32
C LEU A 510 -0.50 -28.85 13.52
N VAL A 511 -0.20 -29.60 12.47
CA VAL A 511 -1.26 -30.15 11.61
C VAL A 511 -2.34 -30.92 12.40
N PRO A 512 -1.95 -31.83 13.32
CA PRO A 512 -3.04 -32.52 14.04
C PRO A 512 -3.99 -31.54 14.75
N TYR A 513 -3.45 -30.55 15.45
CA TYR A 513 -4.27 -29.53 16.13
C TYR A 513 -5.10 -28.67 15.17
N LEU A 514 -4.45 -28.16 14.12
CA LEU A 514 -5.11 -27.31 13.14
C LEU A 514 -6.24 -28.04 12.44
N TYR A 515 -5.99 -29.31 12.08
CA TYR A 515 -7.03 -30.14 11.44
C TYR A 515 -8.19 -30.38 12.41
N SER A 516 -7.84 -30.79 13.62
CA SER A 516 -8.83 -31.01 14.69
C SER A 516 -9.71 -29.77 14.87
N GLU A 517 -9.08 -28.60 15.01
CA GLU A 517 -9.85 -27.37 15.19
C GLU A 517 -10.74 -27.07 13.98
N TYR A 518 -10.21 -27.25 12.78
CA TYR A 518 -10.99 -27.05 11.57
C TYR A 518 -12.24 -27.93 11.54
N MSE A 519 -12.05 -29.22 11.80
CA MSE A 519 -13.13 -30.20 11.81
C MSE A 519 -14.19 -29.91 12.85
O MSE A 519 -15.38 -29.93 12.52
CB MSE A 519 -12.60 -31.64 11.99
CG MSE A 519 -11.66 -32.14 10.86
SE MSE A 519 -12.43 -31.97 9.05
CE MSE A 519 -14.05 -33.00 9.39
N LYS A 520 -13.80 -29.65 14.09
CA LYS A 520 -14.78 -29.29 15.12
C LYS A 520 -15.60 -28.05 14.73
N ALA A 521 -14.93 -27.05 14.17
CA ALA A 521 -15.59 -25.83 13.75
C ALA A 521 -16.55 -26.05 12.57
N ALA A 522 -16.07 -26.71 11.52
CA ALA A 522 -16.91 -27.04 10.36
C ALA A 522 -18.16 -27.86 10.74
N LEU A 523 -17.97 -28.89 11.56
CA LEU A 523 -19.05 -29.81 11.93
C LEU A 523 -20.08 -29.20 12.88
N ASN A 524 -19.69 -28.12 13.57
CA ASN A 524 -20.60 -27.43 14.49
C ASN A 524 -20.96 -26.00 14.07
N ASP A 525 -20.72 -25.68 12.79
CA ASP A 525 -21.03 -24.36 12.24
C ASP A 525 -20.41 -23.20 13.06
N ASP A 526 -19.14 -23.37 13.42
CA ASP A 526 -18.43 -22.44 14.27
C ASP A 526 -17.23 -21.85 13.50
N MSE A 527 -16.51 -20.92 14.14
CA MSE A 527 -15.38 -20.23 13.49
C MSE A 527 -14.04 -20.86 13.82
O MSE A 527 -13.79 -21.23 14.96
CB MSE A 527 -15.37 -18.75 13.87
CG MSE A 527 -16.58 -17.97 13.37
SE MSE A 527 -16.66 -16.25 14.24
CE MSE A 527 -15.43 -15.34 13.03
N TYR A 528 -13.19 -20.96 12.81
CA TYR A 528 -11.77 -21.33 12.99
C TYR A 528 -10.96 -20.14 13.54
N PHE A 529 -10.89 -19.05 12.78
CA PHE A 529 -10.35 -17.77 13.26
C PHE A 529 -11.46 -16.89 13.82
N LYS A 530 -11.16 -16.21 14.93
CA LYS A 530 -12.10 -15.24 15.55
C LYS A 530 -11.36 -13.96 15.88
N PRO A 531 -12.04 -12.80 15.75
CA PRO A 531 -11.46 -11.58 16.32
C PRO A 531 -11.43 -11.68 17.84
N LEU A 532 -10.48 -11.00 18.48
CA LEU A 532 -10.38 -11.00 19.94
C LEU A 532 -11.69 -10.57 20.59
N GLY A 533 -12.38 -9.64 19.94
CA GLY A 533 -13.64 -9.12 20.46
C GLY A 533 -14.77 -10.15 20.59
N PHE A 534 -14.69 -11.23 19.83
CA PHE A 534 -15.68 -12.31 19.92
C PHE A 534 -15.42 -13.19 21.15
N VAL A 535 -14.16 -13.30 21.55
CA VAL A 535 -13.79 -14.11 22.72
C VAL A 535 -13.82 -13.27 24.01
N TYR A 536 -13.49 -11.99 23.90
CA TYR A 536 -13.45 -11.06 25.05
C TYR A 536 -14.31 -9.83 24.79
N PRO A 537 -15.65 -10.02 24.74
CA PRO A 537 -16.53 -8.95 24.33
C PRO A 537 -16.64 -7.81 25.35
N ASP A 538 -16.32 -8.08 26.62
CA ASP A 538 -16.34 -7.04 27.68
C ASP A 538 -15.02 -6.28 27.83
N ASP A 539 -14.04 -6.57 26.99
CA ASP A 539 -12.75 -5.92 27.14
C ASP A 539 -12.63 -4.89 26.01
N LYS A 540 -12.71 -3.60 26.37
CA LYS A 540 -12.71 -2.50 25.36
C LYS A 540 -11.41 -2.42 24.57
N MSE A 541 -10.31 -2.85 25.17
CA MSE A 541 -9.05 -2.94 24.43
C MSE A 541 -9.10 -4.09 23.41
O MSE A 541 -8.84 -3.88 22.21
CB MSE A 541 -7.89 -3.16 25.40
CG MSE A 541 -6.54 -3.22 24.72
SE MSE A 541 -5.94 -1.48 24.13
CE MSE A 541 -6.75 -0.39 25.50
N ALA A 542 -9.46 -5.28 23.89
CA ALA A 542 -9.52 -6.48 23.06
C ALA A 542 -10.33 -6.29 21.79
N ILE A 543 -11.47 -5.61 21.91
CA ILE A 543 -12.39 -5.44 20.75
C ILE A 543 -11.79 -4.57 19.63
N ARG A 544 -10.79 -3.76 19.96
CA ARG A 544 -10.19 -2.88 18.94
C ARG A 544 -8.93 -3.48 18.30
N VAL A 545 -8.50 -4.65 18.78
CA VAL A 545 -7.28 -5.27 18.24
C VAL A 545 -7.57 -5.87 16.89
N GLU A 546 -6.78 -5.48 15.89
CA GLU A 546 -6.96 -5.97 14.53
C GLU A 546 -5.79 -6.74 13.97
N ASP A 547 -4.73 -6.90 14.74
CA ASP A 547 -3.55 -7.55 14.22
C ASP A 547 -3.19 -8.82 15.01
N GLN A 548 -4.16 -9.39 15.73
CA GLN A 548 -3.99 -10.68 16.40
C GLN A 548 -5.31 -11.37 16.18
N LEU A 549 -5.30 -12.70 16.16
CA LEU A 549 -6.53 -13.49 16.06
C LEU A 549 -6.54 -14.66 17.01
N MSE A 550 -7.74 -15.03 17.46
CA MSE A 550 -7.95 -16.27 18.19
C MSE A 550 -8.16 -17.40 17.21
O MSE A 550 -8.76 -17.19 16.15
CB MSE A 550 -9.18 -16.14 19.12
CG MSE A 550 -9.20 -14.89 20.00
SE MSE A 550 -7.58 -14.56 21.02
CE MSE A 550 -7.60 -16.04 22.28
N LEU A 551 -7.62 -18.58 17.52
CA LEU A 551 -7.79 -19.76 16.67
C LEU A 551 -8.35 -20.89 17.52
N GLY A 552 -9.45 -21.50 17.08
CA GLY A 552 -10.17 -22.50 17.91
C GLY A 552 -10.54 -21.95 19.27
N ASN A 553 -10.36 -22.75 20.31
CA ASN A 553 -10.57 -22.28 21.68
C ASN A 553 -9.33 -22.31 22.56
N GLU A 554 -8.17 -22.54 21.95
CA GLU A 554 -6.95 -22.82 22.72
C GLU A 554 -5.89 -21.71 22.60
N ILE A 555 -5.81 -21.07 21.44
CA ILE A 555 -4.65 -20.23 21.14
C ILE A 555 -4.96 -18.87 20.54
N MSE A 556 -3.95 -18.01 20.54
CA MSE A 556 -3.98 -16.74 19.86
C MSE A 556 -2.74 -16.66 18.97
O MSE A 556 -1.65 -17.14 19.37
CB MSE A 556 -3.97 -15.60 20.87
CG MSE A 556 -4.12 -14.20 20.24
SE MSE A 556 -4.32 -12.86 21.62
CE MSE A 556 -2.43 -12.74 22.07
N ILE A 557 -2.90 -16.08 17.79
CA ILE A 557 -1.76 -15.80 16.93
C ILE A 557 -1.52 -14.28 16.85
N ALA A 558 -0.26 -13.92 16.62
CA ALA A 558 0.15 -12.52 16.48
C ALA A 558 1.42 -12.47 15.65
N PRO A 559 1.27 -12.59 14.31
CA PRO A 559 2.46 -12.63 13.43
C PRO A 559 3.21 -11.28 13.34
N VAL A 560 4.52 -11.35 13.13
CA VAL A 560 5.31 -10.15 12.83
C VAL A 560 5.05 -9.78 11.36
N TYR A 561 4.72 -8.51 11.09
CA TYR A 561 4.40 -8.08 9.72
C TYR A 561 5.17 -6.85 9.24
N GLU A 562 6.23 -6.52 9.96
CA GLU A 562 7.06 -5.36 9.63
C GLU A 562 8.46 -5.79 9.24
N GLN A 563 8.99 -5.22 8.16
CA GLN A 563 10.34 -5.56 7.74
C GLN A 563 11.37 -5.06 8.76
N ASN A 564 12.41 -5.86 8.95
CA ASN A 564 13.50 -5.58 9.88
C ASN A 564 13.12 -5.65 11.35
N ALA A 565 11.86 -5.94 11.66
CA ALA A 565 11.45 -6.10 13.05
C ALA A 565 11.96 -7.42 13.65
N ARG A 566 12.39 -7.36 14.91
CA ARG A 566 12.89 -8.52 15.65
C ARG A 566 11.88 -8.94 16.71
N GLY A 567 10.71 -8.31 16.67
CA GLY A 567 9.63 -8.56 17.62
C GLY A 567 8.45 -7.69 17.26
N ARG A 568 7.46 -7.64 18.15
CA ARG A 568 6.28 -6.83 17.95
C ARG A 568 5.54 -6.64 19.27
N TYR A 569 4.66 -5.64 19.30
CA TYR A 569 3.78 -5.44 20.44
C TYR A 569 2.60 -6.39 20.37
N VAL A 570 2.13 -6.84 21.54
CA VAL A 570 0.92 -7.64 21.65
C VAL A 570 0.10 -7.19 22.85
N TYR A 571 -1.21 -7.38 22.77
CA TYR A 571 -2.10 -7.24 23.92
C TYR A 571 -2.69 -8.62 24.29
N LEU A 572 -2.46 -9.06 25.53
CA LEU A 572 -3.08 -10.27 26.02
C LEU A 572 -4.26 -9.91 26.93
N PRO A 573 -5.50 -10.33 26.56
CA PRO A 573 -6.69 -10.12 27.40
C PRO A 573 -6.78 -11.03 28.64
N GLU A 574 -5.95 -12.06 28.72
CA GLU A 574 -5.84 -12.91 29.92
C GLU A 574 -4.42 -13.44 29.97
N GLU A 575 -4.07 -14.13 31.05
CA GLU A 575 -2.79 -14.81 31.12
C GLU A 575 -2.65 -15.85 30.01
N MSE A 576 -1.49 -15.88 29.35
CA MSE A 576 -1.22 -16.83 28.27
C MSE A 576 0.23 -17.34 28.32
O MSE A 576 1.11 -16.63 28.81
CB MSE A 576 -1.49 -16.19 26.92
CG MSE A 576 -2.92 -15.67 26.73
SE MSE A 576 -3.35 -15.35 24.92
CE MSE A 576 -4.90 -14.20 25.13
N LYS A 577 0.47 -18.56 27.82
CA LYS A 577 1.84 -19.02 27.60
C LYS A 577 2.35 -18.63 26.22
N PHE A 578 3.35 -17.77 26.19
CA PHE A 578 4.03 -17.40 24.94
C PHE A 578 4.94 -18.52 24.48
N ILE A 579 4.57 -19.09 23.34
CA ILE A 579 5.21 -20.25 22.74
C ILE A 579 5.92 -19.87 21.46
N LYS A 580 7.13 -20.40 21.28
CA LYS A 580 7.81 -20.31 19.99
C LYS A 580 8.43 -21.63 19.54
N PHE A 581 8.08 -22.05 18.32
CA PHE A 581 8.81 -23.14 17.67
C PHE A 581 10.16 -22.60 17.27
N MSE A 582 11.19 -23.25 17.77
CA MSE A 582 12.56 -22.80 17.58
C MSE A 582 13.20 -23.53 16.41
O MSE A 582 12.75 -24.60 16.02
CB MSE A 582 13.35 -22.99 18.88
CG MSE A 582 12.78 -22.20 20.07
SE MSE A 582 12.92 -20.26 19.95
CE MSE A 582 14.86 -20.15 19.80
N PRO A 583 14.25 -22.93 15.81
CA PRO A 583 14.88 -23.56 14.65
C PRO A 583 15.65 -24.85 14.96
N ASP A 584 15.99 -25.10 16.22
CA ASP A 584 16.68 -26.35 16.58
C ASP A 584 15.69 -27.48 16.89
N GLY A 585 14.40 -27.24 16.67
CA GLY A 585 13.37 -28.23 16.96
C GLY A 585 12.80 -28.21 18.38
N SER A 586 13.26 -27.29 19.22
CA SER A 586 12.68 -27.20 20.56
C SER A 586 11.49 -26.23 20.59
N ILE A 587 10.86 -26.10 21.76
CA ILE A 587 9.74 -25.17 21.92
C ILE A 587 9.99 -24.30 23.15
N SER A 588 10.15 -22.99 22.95
CA SER A 588 10.35 -22.09 24.09
C SER A 588 9.00 -21.72 24.67
N GLU A 589 8.96 -21.50 25.97
CA GLU A 589 7.71 -21.27 26.67
C GLU A 589 7.89 -20.24 27.78
N GLU A 590 6.99 -19.27 27.84
CA GLU A 590 7.04 -18.22 28.87
C GLU A 590 5.63 -17.77 29.26
N VAL A 591 5.30 -17.80 30.56
CA VAL A 591 4.01 -17.26 31.04
C VAL A 591 4.03 -15.73 31.01
N LEU A 592 3.04 -15.13 30.35
CA LEU A 592 2.88 -13.67 30.31
C LEU A 592 1.48 -13.27 30.81
N GLU A 593 1.45 -12.27 31.67
CA GLU A 593 0.22 -11.85 32.30
C GLU A 593 -0.64 -10.96 31.38
N LYS A 594 -1.93 -10.84 31.70
CA LYS A 594 -2.82 -9.93 30.98
C LYS A 594 -2.15 -8.55 30.82
N GLY A 595 -2.40 -7.90 29.68
CA GLY A 595 -1.81 -6.57 29.43
C GLY A 595 -0.97 -6.50 28.17
N VAL A 596 -0.28 -5.38 28.04
CA VAL A 596 0.52 -5.04 26.86
C VAL A 596 1.95 -5.57 26.98
N HIS A 597 2.45 -6.20 25.92
CA HIS A 597 3.82 -6.70 25.92
C HIS A 597 4.49 -6.43 24.56
N TYR A 598 5.81 -6.31 24.58
CA TYR A 598 6.61 -6.42 23.36
C TYR A 598 7.24 -7.80 23.44
N VAL A 599 7.07 -8.61 22.40
CA VAL A 599 7.67 -9.95 22.43
C VAL A 599 8.71 -10.07 21.32
N ASP A 600 9.78 -10.82 21.57
CA ASP A 600 10.82 -11.07 20.55
C ASP A 600 10.45 -12.26 19.67
N VAL A 601 10.56 -12.07 18.37
CA VAL A 601 10.28 -13.13 17.40
C VAL A 601 11.23 -13.02 16.21
N ALA A 602 12.19 -13.94 16.15
CA ALA A 602 13.16 -13.98 15.06
C ALA A 602 12.53 -14.50 13.78
N LEU A 603 13.16 -14.17 12.65
CA LEU A 603 12.72 -14.63 11.32
C LEU A 603 12.50 -16.12 11.20
N ASN A 604 13.31 -16.91 11.91
CA ASN A 604 13.19 -18.36 11.87
C ASN A 604 12.39 -18.96 13.03
N GLU A 605 11.65 -18.12 13.75
CA GLU A 605 10.80 -18.52 14.89
C GLU A 605 9.30 -18.37 14.59
N VAL A 606 8.48 -19.35 15.02
CA VAL A 606 7.02 -19.29 14.81
C VAL A 606 6.26 -19.15 16.16
N PRO A 607 5.71 -17.96 16.43
CA PRO A 607 5.12 -17.73 17.74
C PRO A 607 3.63 -18.07 17.81
N LEU A 608 3.16 -18.39 19.01
CA LEU A 608 1.73 -18.39 19.31
C LEU A 608 1.57 -18.28 20.83
N PHE A 609 0.34 -18.10 21.28
CA PHE A 609 0.05 -17.99 22.71
C PHE A 609 -1.05 -18.96 23.06
N ILE A 610 -0.84 -19.73 24.13
CA ILE A 610 -1.85 -20.66 24.61
C ILE A 610 -2.61 -20.04 25.78
N ARG A 611 -3.92 -20.00 25.66
CA ARG A 611 -4.77 -19.47 26.71
C ARG A 611 -4.66 -20.21 28.04
N SER A 612 -4.72 -19.43 29.13
CA SER A 612 -4.86 -19.93 30.49
C SER A 612 -5.90 -21.05 30.57
N GLY A 613 -5.51 -22.17 31.20
CA GLY A 613 -6.42 -23.29 31.38
C GLY A 613 -6.65 -24.15 30.15
N LYS A 614 -5.79 -24.03 29.14
CA LYS A 614 -5.90 -24.77 27.88
C LYS A 614 -4.57 -25.46 27.56
N CYS A 615 -4.65 -26.43 26.65
CA CYS A 615 -3.46 -27.03 26.06
C CYS A 615 -3.69 -27.48 24.61
N ILE A 616 -2.60 -27.62 23.86
CA ILE A 616 -2.65 -28.19 22.51
C ILE A 616 -1.66 -29.36 22.33
N PRO A 617 -2.01 -30.35 21.50
CA PRO A 617 -1.05 -31.40 21.21
C PRO A 617 -0.11 -30.95 20.07
N VAL A 618 1.16 -31.34 20.15
CA VAL A 618 2.16 -30.98 19.17
C VAL A 618 2.88 -32.26 18.78
N ALA A 619 2.92 -32.53 17.48
CA ALA A 619 3.57 -33.74 16.99
C ALA A 619 5.02 -33.43 16.68
N GLU A 620 5.82 -34.46 16.51
CA GLU A 620 7.18 -34.29 15.97
C GLU A 620 7.07 -33.96 14.49
N ALA A 621 8.08 -33.27 13.96
CA ALA A 621 8.08 -32.84 12.57
C ALA A 621 8.17 -34.03 11.64
N ALA A 622 7.30 -34.06 10.64
CA ALA A 622 7.35 -35.08 9.61
C ALA A 622 7.28 -34.38 8.26
N GLU A 623 7.65 -35.08 7.20
CA GLU A 623 7.80 -34.48 5.88
C GLU A 623 6.55 -34.57 5.00
N CYS A 624 5.53 -35.30 5.47
CA CYS A 624 4.22 -35.29 4.81
C CYS A 624 3.12 -35.65 5.80
N VAL A 625 1.89 -35.29 5.45
CA VAL A 625 0.73 -35.50 6.32
C VAL A 625 0.55 -36.98 6.75
N LYS A 626 0.70 -37.89 5.79
CA LYS A 626 0.60 -39.33 6.03
C LYS A 626 1.56 -39.80 7.12
N ASP A 627 2.76 -39.23 7.16
CA ASP A 627 3.79 -39.69 8.11
C ASP A 627 3.80 -39.02 9.50
N ILE A 628 2.85 -38.14 9.77
CA ILE A 628 2.78 -37.53 11.10
C ILE A 628 2.44 -38.60 12.15
N ASP A 629 3.27 -38.71 13.18
CA ASP A 629 3.00 -39.61 14.28
C ASP A 629 2.07 -38.94 15.31
N THR A 630 0.79 -39.29 15.29
CA THR A 630 -0.16 -38.72 16.27
C THR A 630 -0.33 -39.64 17.48
N GLU A 631 0.45 -40.71 17.53
CA GLU A 631 0.24 -41.74 18.55
C GLU A 631 0.40 -41.19 19.97
N ASN A 632 1.56 -40.59 20.25
CA ASN A 632 1.80 -40.07 21.59
C ASN A 632 2.43 -38.68 21.47
N MSE A 633 1.58 -37.70 21.13
CA MSE A 633 2.05 -36.34 20.91
C MSE A 633 2.36 -35.65 22.24
O MSE A 633 1.79 -35.99 23.27
CB MSE A 633 0.99 -35.55 20.15
CG MSE A 633 0.91 -35.90 18.66
SE MSE A 633 -0.49 -34.89 17.79
CE MSE A 633 -2.00 -35.76 18.64
N GLN A 634 3.27 -34.68 22.17
CA GLN A 634 3.54 -33.77 23.26
C GLN A 634 2.35 -32.83 23.48
N LEU A 635 1.97 -32.66 24.75
CA LEU A 635 0.98 -31.66 25.15
C LEU A 635 1.66 -30.40 25.70
N ILE A 636 1.29 -29.27 25.14
CA ILE A 636 1.94 -27.98 25.39
C ILE A 636 0.89 -27.03 25.97
N GLY A 637 1.24 -26.28 27.00
CA GLY A 637 0.29 -25.40 27.68
C GLY A 637 0.21 -25.65 29.19
N TYR A 638 -1.00 -25.53 29.74
CA TYR A 638 -1.22 -25.56 31.19
C TYR A 638 -1.52 -26.94 31.75
N GLU A 639 -0.79 -27.31 32.79
CA GLU A 639 -1.00 -28.58 33.47
C GLU A 639 -2.44 -28.66 33.96
N GLY A 640 -3.05 -29.85 33.81
CA GLY A 640 -4.41 -30.09 34.29
C GLY A 640 -5.52 -29.79 33.29
N SER A 641 -5.17 -29.21 32.15
CA SER A 641 -6.16 -28.94 31.12
C SER A 641 -6.35 -30.14 30.20
N SER A 642 -7.48 -30.13 29.49
CA SER A 642 -7.83 -31.18 28.56
C SER A 642 -8.00 -30.61 27.19
N TYR A 643 -7.73 -31.43 26.19
CA TYR A 643 -8.04 -31.07 24.81
C TYR A 643 -8.80 -32.21 24.12
N THR A 644 -9.90 -31.87 23.47
CA THR A 644 -10.64 -32.83 22.67
C THR A 644 -10.07 -32.89 21.26
N LEU A 645 -9.36 -33.97 20.95
CA LEU A 645 -8.76 -34.13 19.64
C LEU A 645 -9.76 -34.81 18.70
N TYR A 646 -10.06 -34.16 17.57
CA TYR A 646 -10.77 -34.80 16.47
C TYR A 646 -9.75 -35.38 15.49
N GLU A 647 -9.86 -36.68 15.20
CA GLU A 647 -9.12 -37.26 14.07
C GLU A 647 -9.91 -38.34 13.34
N ASP A 648 -9.84 -38.33 12.02
CA ASP A 648 -10.44 -39.39 11.21
C ASP A 648 -9.40 -39.83 10.18
N ASP A 649 -9.82 -40.56 9.16
CA ASP A 649 -8.87 -41.06 8.18
C ASP A 649 -8.36 -39.95 7.23
N GLY A 650 -9.04 -38.79 7.27
CA GLY A 650 -8.68 -37.64 6.44
C GLY A 650 -9.09 -37.73 4.97
N ILE A 651 -9.70 -38.83 4.58
CA ILE A 651 -9.97 -39.14 3.17
C ILE A 651 -11.47 -39.16 2.85
N HIS A 652 -12.26 -39.77 3.75
CA HIS A 652 -13.69 -39.97 3.55
C HIS A 652 -14.58 -39.03 4.38
N LYS A 653 -15.87 -39.33 4.48
CA LYS A 653 -16.82 -38.42 5.10
C LYS A 653 -17.53 -39.03 6.30
N ASP A 654 -16.81 -39.89 7.01
CA ASP A 654 -17.34 -40.60 8.19
C ASP A 654 -17.14 -39.72 9.43
N TYR A 655 -17.84 -38.59 9.43
CA TYR A 655 -17.64 -37.54 10.43
C TYR A 655 -18.21 -37.86 11.81
N ASP A 656 -19.22 -38.73 11.88
CA ASP A 656 -20.00 -38.93 13.12
C ASP A 656 -19.56 -40.06 14.06
N LYS A 657 -18.50 -40.78 13.72
CA LYS A 657 -17.96 -41.77 14.64
C LYS A 657 -17.56 -41.12 15.97
N LYS A 658 -18.07 -41.67 17.07
CA LYS A 658 -17.58 -41.35 18.42
C LYS A 658 -16.05 -41.50 18.55
N GLU A 659 -15.50 -42.51 17.89
CA GLU A 659 -14.06 -42.80 17.87
C GLU A 659 -13.24 -41.70 17.22
N ASN A 660 -13.91 -40.77 16.53
CA ASN A 660 -13.24 -39.62 15.94
C ASN A 660 -12.71 -38.68 17.03
N TYR A 661 -13.25 -38.79 18.25
CA TYR A 661 -12.98 -37.85 19.33
C TYR A 661 -12.23 -38.52 20.48
N ARG A 662 -11.14 -37.89 20.91
CA ARG A 662 -10.31 -38.40 21.98
C ARG A 662 -9.98 -37.26 22.95
N VAL A 663 -10.22 -37.47 24.24
CA VAL A 663 -9.89 -36.46 25.24
C VAL A 663 -8.44 -36.65 25.64
N LEU A 664 -7.64 -35.62 25.46
CA LEU A 664 -6.23 -35.62 25.88
C LEU A 664 -6.10 -34.79 27.16
N THR A 665 -5.20 -35.18 28.05
CA THR A 665 -5.05 -34.43 29.31
C THR A 665 -3.60 -34.24 29.72
N LYS A 666 -3.26 -33.00 29.98
CA LYS A 666 -1.90 -32.63 30.32
C LYS A 666 -1.63 -32.86 31.81
N ALA B 3 39.39 16.30 8.10
CA ALA B 3 40.19 15.35 8.94
C ALA B 3 39.45 14.01 9.06
N MSE B 4 38.18 14.08 9.42
CA MSE B 4 37.32 12.92 9.56
C MSE B 4 36.61 12.59 8.23
O MSE B 4 35.80 11.65 8.17
CB MSE B 4 36.29 13.18 10.66
CG MSE B 4 36.90 13.45 12.02
SE MSE B 4 37.43 11.82 12.92
CE MSE B 4 35.77 11.47 13.85
N ILE B 5 36.91 13.36 7.18
CA ILE B 5 36.31 13.14 5.87
C ILE B 5 37.39 13.06 4.79
N ARG B 6 37.36 11.99 4.01
CA ARG B 6 38.25 11.85 2.87
C ARG B 6 37.43 11.67 1.60
N LYS B 7 37.95 12.17 0.50
CA LYS B 7 37.29 12.15 -0.79
C LYS B 7 38.08 11.25 -1.73
N TYR B 8 37.40 10.24 -2.29
CA TYR B 8 38.00 9.35 -3.29
C TYR B 8 37.40 9.62 -4.68
N ARG B 9 38.28 9.94 -5.63
CA ARG B 9 37.86 10.34 -6.96
C ARG B 9 38.02 9.22 -7.97
N TYR B 10 36.96 8.97 -8.73
CA TYR B 10 36.99 8.00 -9.80
C TYR B 10 36.70 8.68 -11.14
N GLY B 11 37.58 8.45 -12.12
CA GLY B 11 37.47 9.02 -13.46
C GLY B 11 37.43 10.53 -13.45
N ALA B 12 36.52 11.11 -14.25
CA ALA B 12 36.38 12.56 -14.35
C ALA B 12 34.97 13.03 -13.96
N PRO B 13 34.73 13.22 -12.64
CA PRO B 13 33.37 13.50 -12.21
C PRO B 13 32.86 14.87 -12.62
N PHE B 14 31.56 14.94 -12.92
CA PHE B 14 30.93 16.22 -13.17
C PHE B 14 30.84 16.97 -11.84
N ASP B 15 31.12 18.28 -11.85
CA ASP B 15 31.07 19.05 -10.61
C ASP B 15 29.62 19.39 -10.27
N THR B 16 29.05 18.72 -9.29
CA THR B 16 27.66 18.95 -8.89
C THR B 16 27.47 20.15 -7.96
N GLU B 17 28.55 20.55 -7.27
CA GLU B 17 28.51 21.66 -6.30
C GLU B 17 27.65 21.34 -5.06
N ALA B 18 27.53 20.05 -4.76
CA ALA B 18 26.80 19.57 -3.58
C ALA B 18 27.45 20.01 -2.27
N LEU B 19 28.78 19.85 -2.16
CA LEU B 19 29.53 20.32 -1.00
C LEU B 19 29.96 21.78 -1.13
N THR B 20 29.91 22.54 -0.03
CA THR B 20 30.51 23.89 -0.05
C THR B 20 31.96 23.85 0.43
N GLU B 21 32.32 22.80 1.16
CA GLU B 21 33.67 22.62 1.66
C GLU B 21 34.53 21.89 0.63
N LYS B 22 35.70 22.47 0.35
CA LYS B 22 36.66 21.86 -0.56
C LYS B 22 37.47 20.79 0.20
N ILE B 23 37.34 19.54 -0.22
CA ILE B 23 38.13 18.44 0.35
C ILE B 23 39.12 17.94 -0.70
N GLU B 24 40.35 17.67 -0.28
CA GLU B 24 41.40 17.19 -1.18
C GLU B 24 41.16 15.72 -1.57
N THR B 25 41.60 15.36 -2.77
CA THR B 25 41.57 13.98 -3.25
C THR B 25 42.54 13.09 -2.47
N ALA B 26 42.02 12.05 -1.83
CA ALA B 26 42.82 11.06 -1.10
C ALA B 26 43.62 10.19 -2.06
N GLU B 27 44.75 9.68 -1.60
CA GLU B 27 45.63 8.86 -2.44
C GLU B 27 45.64 7.38 -2.07
N GLU B 28 45.14 7.05 -0.89
CA GLU B 28 45.24 5.68 -0.38
C GLU B 28 44.09 4.78 -0.87
N ALA B 29 44.22 3.48 -0.58
CA ALA B 29 43.21 2.47 -0.92
C ALA B 29 41.85 2.80 -0.30
N PHE B 30 40.77 2.45 -0.99
CA PHE B 30 39.45 2.70 -0.45
C PHE B 30 39.31 1.92 0.87
N PRO B 31 38.87 2.61 1.95
CA PRO B 31 39.05 2.06 3.30
C PRO B 31 38.07 0.97 3.74
N TYR B 32 36.94 0.85 3.04
CA TYR B 32 35.91 -0.12 3.38
C TYR B 32 35.48 -0.89 2.14
N GLY B 33 35.36 -2.20 2.26
CA GLY B 33 34.79 -3.06 1.21
C GLY B 33 35.65 -3.21 -0.02
N GLU B 34 35.01 -3.35 -1.18
CA GLU B 34 35.71 -3.55 -2.45
C GLU B 34 35.16 -2.67 -3.54
N ILE B 35 36.05 -2.06 -4.31
CA ILE B 35 35.66 -1.27 -5.47
C ILE B 35 35.96 -2.06 -6.74
N SER B 36 35.01 -2.06 -7.66
CA SER B 36 35.21 -2.71 -8.95
C SER B 36 34.74 -1.82 -10.09
N GLN B 37 35.48 -1.84 -11.20
CA GLN B 37 35.11 -1.08 -12.40
C GLN B 37 34.87 -1.97 -13.63
N LYS B 38 34.67 -3.26 -13.42
CA LYS B 38 34.49 -4.20 -14.53
C LYS B 38 33.18 -3.95 -15.28
N GLU B 39 32.14 -3.57 -14.55
CA GLU B 39 30.80 -3.40 -15.14
C GLU B 39 30.24 -1.99 -14.94
N GLY B 40 31.02 -0.98 -15.30
CA GLY B 40 30.73 0.39 -14.93
C GLY B 40 31.41 0.68 -13.60
N PHE B 41 30.62 0.88 -12.53
CA PHE B 41 31.20 1.09 -11.22
C PHE B 41 30.42 0.33 -10.14
N ALA B 42 31.14 -0.35 -9.24
CA ALA B 42 30.49 -1.03 -8.12
C ALA B 42 31.28 -0.99 -6.81
N PHE B 43 30.60 -0.56 -5.74
CA PHE B 43 31.12 -0.65 -4.34
C PHE B 43 30.39 -1.79 -3.65
N THR B 44 31.13 -2.71 -3.03
CA THR B 44 30.51 -3.87 -2.37
C THR B 44 31.00 -4.02 -0.91
N TYR B 45 30.06 -4.17 0.01
CA TYR B 45 30.37 -4.26 1.43
C TYR B 45 29.62 -5.42 2.10
N ILE B 46 30.34 -6.23 2.87
CA ILE B 46 29.67 -7.29 3.63
C ILE B 46 29.31 -6.78 5.03
N MSE B 47 28.01 -6.71 5.31
CA MSE B 47 27.47 -6.21 6.59
C MSE B 47 27.40 -7.26 7.71
O MSE B 47 27.13 -8.45 7.47
CB MSE B 47 26.05 -5.67 6.37
CG MSE B 47 25.97 -4.38 5.58
SE MSE B 47 24.14 -3.78 5.28
CE MSE B 47 23.65 -5.18 3.98
N ASP B 48 27.63 -6.81 8.93
CA ASP B 48 27.32 -7.60 10.13
C ASP B 48 25.80 -7.74 10.26
N GLU B 49 25.35 -8.87 10.81
CA GLU B 49 23.93 -9.17 11.04
C GLU B 49 23.18 -8.07 11.81
N ASP B 50 23.87 -7.43 12.74
CA ASP B 50 23.24 -6.37 13.52
C ASP B 50 23.34 -4.95 12.96
N ASP B 51 24.05 -4.78 11.83
CA ASP B 51 24.22 -3.45 11.23
C ASP B 51 22.86 -2.86 10.86
N ILE B 52 22.75 -1.55 11.00
CA ILE B 52 21.60 -0.80 10.51
C ILE B 52 22.15 0.11 9.42
N VAL B 53 21.34 0.42 8.42
CA VAL B 53 21.75 1.37 7.38
C VAL B 53 20.78 2.55 7.32
N TYR B 54 21.29 3.75 7.59
CA TYR B 54 20.48 4.94 7.58
C TYR B 54 20.75 5.70 6.28
N GLY B 55 19.82 6.56 5.91
CA GLY B 55 20.11 7.57 4.90
C GLY B 55 19.19 7.53 3.70
N LEU B 56 19.71 8.03 2.58
CA LEU B 56 19.00 8.07 1.31
C LEU B 56 17.83 9.06 1.29
N GLY B 57 17.72 9.89 2.32
CA GLY B 57 16.82 11.04 2.27
C GLY B 57 15.43 10.63 1.84
N GLU B 58 14.97 11.22 0.73
CA GLU B 58 13.67 10.91 0.17
C GLU B 58 13.78 9.61 -0.63
N SER B 59 13.59 8.49 0.07
CA SER B 59 13.51 7.18 -0.58
C SER B 59 12.45 6.35 0.11
N ASN B 60 12.16 5.20 -0.48
CA ASN B 60 11.11 4.35 -0.01
C ASN B 60 11.43 3.62 1.31
N ARG B 61 10.37 3.06 1.90
CA ARG B 61 10.44 2.16 3.06
C ARG B 61 10.88 2.86 4.34
N GLY B 62 11.66 2.18 5.17
CA GLY B 62 11.86 2.61 6.55
C GLY B 62 13.15 3.35 6.88
N ILE B 63 13.35 3.60 8.17
CA ILE B 63 14.55 4.29 8.65
C ILE B 63 15.78 3.41 8.49
N ASN B 64 15.63 2.14 8.84
CA ASN B 64 16.62 1.13 8.53
C ASN B 64 16.36 0.70 7.08
N LYS B 65 17.32 1.02 6.20
CA LYS B 65 17.16 0.76 4.76
C LYS B 65 17.40 -0.69 4.32
N ARG B 66 17.97 -1.53 5.20
CA ARG B 66 18.20 -2.92 4.84
C ARG B 66 16.97 -3.67 4.32
N GLY B 67 17.22 -4.60 3.41
CA GLY B 67 16.19 -5.45 2.85
C GLY B 67 15.49 -4.94 1.61
N TYR B 68 16.09 -3.97 0.91
CA TYR B 68 15.46 -3.48 -0.34
C TYR B 68 16.44 -2.82 -1.31
N CYS B 69 15.94 -2.51 -2.50
CA CYS B 69 16.73 -1.88 -3.53
C CYS B 69 16.17 -0.49 -3.84
N TYR B 70 17.06 0.49 -3.82
CA TYR B 70 16.71 1.90 -4.00
C TYR B 70 17.50 2.46 -5.16
N ILE B 71 16.83 3.16 -6.07
CA ILE B 71 17.53 3.74 -7.20
C ILE B 71 17.41 5.25 -7.19
N SER B 72 18.56 5.92 -7.16
CA SER B 72 18.57 7.38 -7.22
C SER B 72 18.40 7.81 -8.66
N ASN B 73 17.19 8.28 -8.96
CA ASN B 73 16.80 8.63 -10.31
C ASN B 73 15.49 9.38 -10.22
N CYS B 74 15.57 10.72 -10.14
CA CYS B 74 14.38 11.57 -9.95
C CYS B 74 13.33 11.27 -11.01
N THR B 75 12.18 10.75 -10.59
CA THR B 75 11.13 10.32 -11.52
C THR B 75 9.76 10.47 -10.86
N ASP B 76 8.75 10.86 -11.65
CA ASP B 76 7.35 10.80 -11.24
C ASP B 76 6.71 9.54 -11.81
N ASP B 77 6.72 8.46 -11.03
CA ASP B 77 6.22 7.16 -11.46
C ASP B 77 4.71 7.08 -11.11
N PRO B 78 3.83 6.81 -12.10
CA PRO B 78 2.38 6.81 -11.78
C PRO B 78 1.89 5.43 -11.28
N ILE B 79 2.48 4.96 -10.17
CA ILE B 79 2.13 3.68 -9.55
C ILE B 79 2.02 3.90 -8.04
N HIS B 80 1.40 2.95 -7.33
CA HIS B 80 1.45 2.96 -5.85
C HIS B 80 2.91 3.01 -5.38
N THR B 81 3.15 3.77 -4.30
CA THR B 81 4.49 3.94 -3.76
C THR B 81 5.16 2.62 -3.35
N GLU B 82 4.37 1.62 -2.99
CA GLU B 82 4.95 0.39 -2.48
C GLU B 82 5.78 -0.33 -3.55
N ASP B 83 5.51 -0.03 -4.82
CA ASP B 83 6.24 -0.65 -5.93
C ASP B 83 7.46 0.16 -6.42
N LYS B 84 7.65 1.35 -5.87
CA LYS B 84 8.64 2.31 -6.41
C LYS B 84 10.07 2.02 -5.99
N ARG B 85 10.94 1.96 -6.99
CA ARG B 85 12.38 1.89 -6.83
C ARG B 85 12.97 3.28 -6.58
N SER B 86 12.31 4.29 -7.15
CA SER B 86 12.81 5.66 -7.18
C SER B 86 11.71 6.66 -6.82
N LEU B 87 12.04 7.64 -5.97
CA LEU B 87 11.10 8.73 -5.69
C LEU B 87 11.56 9.99 -6.44
N TYR B 88 11.23 11.17 -5.93
CA TYR B 88 11.54 12.40 -6.65
C TYR B 88 12.91 12.98 -6.31
N GLY B 89 13.55 12.47 -5.27
CA GLY B 89 14.82 13.02 -4.84
C GLY B 89 15.96 12.06 -5.05
N ALA B 90 17.17 12.58 -5.15
CA ALA B 90 18.35 11.74 -5.25
C ALA B 90 19.33 12.16 -4.17
N HIS B 91 19.31 11.46 -3.04
CA HIS B 91 20.07 11.87 -1.87
C HIS B 91 21.03 10.78 -1.47
N ASN B 92 22.24 10.86 -2.03
CA ASN B 92 23.18 9.73 -2.08
C ASN B 92 24.07 9.52 -0.87
N PHE B 93 23.50 9.75 0.31
CA PHE B 93 24.25 9.67 1.59
C PHE B 93 23.71 8.49 2.40
N ILE B 94 24.58 7.53 2.73
CA ILE B 94 24.23 6.42 3.62
C ILE B 94 25.18 6.28 4.80
N ILE B 95 24.69 5.69 5.88
CA ILE B 95 25.53 5.42 7.04
C ILE B 95 25.38 3.95 7.42
N VAL B 96 26.49 3.23 7.45
CA VAL B 96 26.49 1.89 8.00
C VAL B 96 26.78 2.02 9.47
N SER B 97 25.88 1.49 10.29
CA SER B 97 25.96 1.64 11.72
C SER B 97 25.93 0.30 12.47
N GLY B 98 27.00 -0.01 13.19
CA GLY B 98 27.10 -1.26 13.94
C GLY B 98 28.45 -1.37 14.62
N LYS B 99 29.02 -2.57 14.63
CA LYS B 99 30.36 -2.76 15.20
C LYS B 99 31.37 -1.91 14.42
N THR B 100 31.27 -1.93 13.09
CA THR B 100 31.98 -0.96 12.25
C THR B 100 30.98 0.07 11.74
N THR B 101 31.30 1.36 11.90
CA THR B 101 30.40 2.46 11.53
C THR B 101 31.10 3.51 10.64
N PHE B 102 30.44 3.96 9.58
CA PHE B 102 30.99 4.96 8.66
C PHE B 102 29.92 5.51 7.75
N GLY B 103 30.19 6.69 7.18
CA GLY B 103 29.26 7.30 6.26
C GLY B 103 29.86 7.40 4.86
N LEU B 104 29.01 7.28 3.85
CA LEU B 104 29.40 7.42 2.45
C LEU B 104 28.51 8.42 1.73
N PHE B 105 29.10 9.44 1.10
CA PHE B 105 28.37 10.26 0.14
C PHE B 105 28.89 9.97 -1.26
N PHE B 106 27.99 9.50 -2.14
CA PHE B 106 28.28 9.23 -3.54
C PHE B 106 27.91 10.44 -4.36
N ASP B 107 28.92 11.23 -4.73
CA ASP B 107 28.66 12.43 -5.50
C ASP B 107 28.67 12.06 -6.98
N TYR B 108 27.49 11.67 -7.47
CA TYR B 108 27.27 11.15 -8.82
C TYR B 108 25.87 11.59 -9.22
N PRO B 109 25.77 12.30 -10.35
CA PRO B 109 24.53 12.99 -10.79
C PRO B 109 23.54 12.14 -11.60
N SER B 110 23.84 10.87 -11.81
CA SER B 110 23.04 10.00 -12.68
C SER B 110 22.51 8.78 -11.90
N LYS B 111 21.95 7.80 -12.62
CA LYS B 111 21.26 6.66 -12.03
C LYS B 111 22.20 5.81 -11.16
N LEU B 112 21.94 5.82 -9.85
CA LEU B 112 22.79 5.15 -8.87
C LEU B 112 21.96 4.14 -8.08
N THR B 113 22.36 2.88 -8.14
CA THR B 113 21.55 1.80 -7.57
C THR B 113 22.09 1.40 -6.21
N PHE B 114 21.24 1.48 -5.19
CA PHE B 114 21.59 1.02 -3.84
C PHE B 114 20.92 -0.34 -3.58
N ASP B 115 21.69 -1.41 -3.68
CA ASP B 115 21.20 -2.77 -3.37
C ASP B 115 21.58 -3.09 -1.92
N ILE B 116 20.69 -2.75 -0.99
CA ILE B 116 20.99 -2.90 0.45
C ILE B 116 20.42 -4.21 1.04
N GLY B 117 21.14 -5.31 0.83
CA GLY B 117 20.71 -6.62 1.30
C GLY B 117 19.56 -7.22 0.52
N TYR B 118 19.27 -6.66 -0.64
CA TYR B 118 18.15 -7.09 -1.48
C TYR B 118 18.46 -8.38 -2.24
N THR B 119 19.60 -8.41 -2.94
CA THR B 119 20.01 -9.59 -3.70
C THR B 119 20.48 -10.68 -2.74
N ARG B 120 21.35 -10.28 -1.82
CA ARG B 120 21.89 -11.15 -0.82
C ARG B 120 21.88 -10.39 0.50
N MSE B 121 21.34 -11.02 1.55
CA MSE B 121 21.03 -10.32 2.80
C MSE B 121 22.20 -9.61 3.50
O MSE B 121 21.99 -8.54 4.10
CB MSE B 121 20.29 -11.27 3.77
CG MSE B 121 19.92 -10.65 5.11
SE MSE B 121 21.20 -11.26 6.47
CE MSE B 121 20.51 -13.10 6.61
N ASP B 122 23.38 -10.16 3.41
CA ASP B 122 24.57 -9.60 4.08
C ASP B 122 25.36 -8.61 3.20
N THR B 123 24.85 -8.32 2.01
CA THR B 123 25.61 -7.58 1.02
C THR B 123 25.01 -6.24 0.67
N LEU B 124 25.82 -5.20 0.86
CA LEU B 124 25.49 -3.86 0.39
C LEU B 124 26.28 -3.63 -0.91
N LYS B 125 25.57 -3.38 -2.00
CA LYS B 125 26.20 -3.07 -3.29
C LYS B 125 25.65 -1.75 -3.82
N VAL B 126 26.55 -0.83 -4.15
CA VAL B 126 26.19 0.45 -4.74
C VAL B 126 26.83 0.52 -6.11
N SER B 127 26.01 0.73 -7.15
CA SER B 127 26.55 0.70 -8.52
C SER B 127 26.01 1.77 -9.48
N CYS B 128 26.74 2.01 -10.56
CA CYS B 128 26.29 2.92 -11.61
C CYS B 128 27.00 2.57 -12.92
N GLU B 129 26.55 3.15 -14.03
CA GLU B 129 27.06 2.81 -15.36
C GLU B 129 28.45 3.34 -15.63
N ASN B 130 28.80 4.46 -15.01
CA ASN B 130 30.05 5.18 -15.30
C ASN B 130 30.88 5.39 -14.03
N ALA B 131 32.15 5.05 -14.10
CA ALA B 131 33.07 5.26 -12.99
C ALA B 131 33.61 6.69 -13.03
N ASP B 132 32.70 7.67 -12.95
CA ASP B 132 33.04 9.09 -12.91
C ASP B 132 32.31 9.77 -11.75
N LEU B 133 32.93 9.75 -10.57
CA LEU B 133 32.29 10.19 -9.35
C LEU B 133 33.29 10.40 -8.21
N ASP B 134 32.86 11.18 -7.21
CA ASP B 134 33.57 11.30 -5.97
C ASP B 134 32.82 10.55 -4.89
N ILE B 135 33.56 9.77 -4.12
CA ILE B 135 33.01 9.14 -2.94
C ILE B 135 33.65 9.72 -1.69
N TYR B 136 32.84 10.31 -0.83
CA TYR B 136 33.29 10.83 0.46
C TYR B 136 33.06 9.78 1.54
N VAL B 137 34.13 9.45 2.27
CA VAL B 137 34.03 8.58 3.43
C VAL B 137 34.08 9.44 4.69
N ILE B 138 33.09 9.30 5.56
CA ILE B 138 33.01 10.06 6.81
C ILE B 138 33.17 9.11 7.99
N GLU B 139 34.18 9.36 8.82
CA GLU B 139 34.43 8.60 10.06
C GLU B 139 33.78 9.24 11.28
N GLY B 140 33.52 8.44 12.32
CA GLY B 140 32.92 8.95 13.55
C GLY B 140 32.49 7.83 14.46
N GLU B 141 32.32 8.16 15.75
CA GLU B 141 32.04 7.17 16.79
C GLU B 141 30.63 6.56 16.72
N ASN B 142 29.72 7.30 16.08
CA ASN B 142 28.35 6.84 15.88
C ASN B 142 27.69 7.58 14.70
N ALA B 143 26.49 7.12 14.32
CA ALA B 143 25.80 7.66 13.15
C ALA B 143 25.46 9.13 13.25
N TYR B 144 25.01 9.55 14.43
CA TYR B 144 24.62 10.94 14.65
C TYR B 144 25.81 11.90 14.44
N ASP B 145 26.96 11.50 15.00
CA ASP B 145 28.26 12.19 14.84
C ASP B 145 28.63 12.31 13.36
N ILE B 146 28.38 11.25 12.59
CA ILE B 146 28.70 11.24 11.16
C ILE B 146 27.75 12.19 10.41
N VAL B 147 26.48 12.22 10.82
CA VAL B 147 25.51 13.12 10.20
C VAL B 147 25.93 14.57 10.38
N LYS B 148 26.28 14.95 11.60
CA LYS B 148 26.66 16.32 11.93
C LYS B 148 27.88 16.76 11.11
N GLN B 149 28.87 15.89 11.01
CA GLN B 149 29.99 16.07 10.09
C GLN B 149 29.55 16.41 8.68
N PHE B 150 28.68 15.56 8.14
CA PHE B 150 28.20 15.72 6.80
C PHE B 150 27.43 17.04 6.62
N ARG B 151 26.55 17.36 7.58
CA ARG B 151 25.77 18.60 7.53
C ARG B 151 26.65 19.86 7.53
N ARG B 152 27.80 19.80 8.21
CA ARG B 152 28.78 20.88 8.15
C ARG B 152 29.29 21.17 6.73
N VAL B 153 29.74 20.14 6.01
CA VAL B 153 30.39 20.32 4.71
C VAL B 153 29.45 20.61 3.53
N ILE B 154 28.17 20.33 3.69
CA ILE B 154 27.19 20.62 2.60
C ILE B 154 26.58 22.02 2.68
N GLY B 155 26.94 22.75 3.73
CA GLY B 155 26.48 24.12 3.90
C GLY B 155 25.12 24.24 4.58
N ARG B 156 24.87 25.40 5.16
CA ARG B 156 23.70 25.63 5.98
C ARG B 156 22.38 25.42 5.21
N SER B 157 21.42 24.77 5.86
CA SER B 157 20.12 24.51 5.25
C SER B 157 19.36 25.82 5.04
N TYR B 158 18.52 25.81 4.03
CA TYR B 158 17.56 26.85 3.73
C TYR B 158 16.77 27.23 4.99
N ILE B 159 16.54 28.54 5.16
CA ILE B 159 15.72 29.07 6.24
C ILE B 159 14.46 29.79 5.70
N PRO B 160 13.26 29.25 5.96
CA PRO B 160 12.04 29.91 5.44
C PRO B 160 11.58 31.12 6.27
N PRO B 161 10.74 31.98 5.68
CA PRO B 161 10.10 33.04 6.49
C PRO B 161 9.21 32.39 7.56
N LYS B 162 9.05 33.07 8.70
CA LYS B 162 8.26 32.51 9.81
C LYS B 162 6.82 32.17 9.42
N PHE B 163 6.19 32.99 8.57
CA PHE B 163 4.77 32.74 8.21
C PHE B 163 4.56 31.34 7.59
N ALA B 164 5.62 30.81 6.99
CA ALA B 164 5.62 29.48 6.36
C ALA B 164 5.55 28.34 7.38
N PHE B 165 5.67 28.70 8.66
CA PHE B 165 5.42 27.74 9.74
C PHE B 165 3.97 27.74 10.18
N GLY B 166 3.15 28.53 9.50
CA GLY B 166 1.71 28.46 9.68
C GLY B 166 1.10 27.32 8.91
N PHE B 167 -0.18 27.41 8.62
CA PHE B 167 -0.91 26.38 7.90
C PHE B 167 -1.34 26.93 6.54
N GLY B 168 -1.43 26.04 5.56
CA GLY B 168 -1.72 26.41 4.19
C GLY B 168 -2.77 25.52 3.55
N GLN B 169 -3.58 26.12 2.70
CA GLN B 169 -4.62 25.41 1.96
C GLN B 169 -4.45 25.65 0.46
N SER B 170 -4.64 24.60 -0.35
CA SER B 170 -4.65 24.75 -1.80
C SER B 170 -5.61 23.76 -2.45
N ARG B 171 -5.70 23.86 -3.77
CA ARG B 171 -6.44 22.91 -4.57
C ARG B 171 -6.11 23.12 -6.06
N TRP B 172 -5.77 22.01 -6.73
CA TRP B 172 -5.74 21.99 -8.18
C TRP B 172 -7.19 22.20 -8.64
N GLY B 173 -7.49 23.41 -9.10
CA GLY B 173 -8.86 23.77 -9.40
C GLY B 173 -9.28 25.16 -8.93
N TYR B 174 -8.65 25.70 -7.87
CA TYR B 174 -8.88 27.11 -7.50
C TYR B 174 -8.45 27.94 -8.70
N THR B 175 -9.38 28.66 -9.32
CA THR B 175 -9.05 29.40 -10.54
C THR B 175 -9.56 30.87 -10.61
N THR B 176 -10.65 31.16 -9.90
CA THR B 176 -11.20 32.51 -9.87
C THR B 176 -10.97 33.23 -8.53
N LYS B 177 -11.07 34.56 -8.54
CA LYS B 177 -11.08 35.35 -7.29
C LYS B 177 -12.11 34.80 -6.29
N GLU B 178 -13.28 34.45 -6.80
CA GLU B 178 -14.35 33.85 -6.01
C GLU B 178 -13.93 32.55 -5.29
N ASP B 179 -13.15 31.70 -5.98
CA ASP B 179 -12.61 30.47 -5.39
C ASP B 179 -11.72 30.75 -4.17
N PHE B 180 -10.80 31.70 -4.33
CA PHE B 180 -9.88 32.06 -3.26
C PHE B 180 -10.59 32.79 -2.10
N ARG B 181 -11.57 33.63 -2.43
CA ARG B 181 -12.34 34.40 -1.45
C ARG B 181 -13.17 33.49 -0.58
N ALA B 182 -13.71 32.44 -1.19
CA ALA B 182 -14.49 31.44 -0.47
C ALA B 182 -13.62 30.69 0.52
N VAL B 183 -12.38 30.38 0.13
CA VAL B 183 -11.42 29.73 1.06
C VAL B 183 -11.12 30.64 2.24
N ALA B 184 -10.84 31.91 1.95
CA ALA B 184 -10.52 32.91 2.98
C ALA B 184 -11.67 33.06 3.98
N LYS B 185 -12.88 33.21 3.45
CA LYS B 185 -14.08 33.31 4.25
C LYS B 185 -14.33 32.03 5.07
N GLY B 186 -14.10 30.86 4.45
CA GLY B 186 -14.38 29.56 5.05
C GLY B 186 -13.49 29.28 6.26
N TYR B 187 -12.23 29.73 6.20
CA TYR B 187 -11.31 29.60 7.33
C TYR B 187 -11.55 30.69 8.35
N ARG B 188 -11.58 31.94 7.89
CA ARG B 188 -11.59 33.07 8.80
C ARG B 188 -12.91 33.21 9.57
N GLU B 189 -14.03 32.94 8.92
CA GLU B 189 -15.33 33.02 9.60
C GLU B 189 -15.54 31.89 10.59
N ASN B 190 -14.84 30.77 10.40
CA ASN B 190 -14.92 29.65 11.33
C ASN B 190 -13.78 29.64 12.35
N HIS B 191 -12.99 30.70 12.34
CA HIS B 191 -11.86 30.87 13.27
C HIS B 191 -10.87 29.72 13.22
N ILE B 192 -10.63 29.21 12.00
CA ILE B 192 -9.61 28.19 11.79
C ILE B 192 -8.33 28.90 11.37
N PRO B 193 -7.24 28.68 12.11
CA PRO B 193 -6.01 29.37 11.75
C PRO B 193 -5.49 28.98 10.35
N ILE B 194 -4.88 29.96 9.67
CA ILE B 194 -4.28 29.77 8.34
C ILE B 194 -3.40 30.99 7.98
N ASP B 195 -2.32 30.74 7.25
CA ASP B 195 -1.42 31.81 6.80
C ASP B 195 -1.26 31.88 5.28
N MSE B 196 -1.57 30.79 4.59
CA MSE B 196 -1.24 30.65 3.16
C MSE B 196 -2.35 29.99 2.36
O MSE B 196 -2.99 29.04 2.83
CB MSE B 196 0.06 29.82 2.96
CG MSE B 196 1.35 30.49 3.38
SE MSE B 196 2.76 29.19 3.67
CE MSE B 196 2.21 28.49 5.40
N ILE B 197 -2.54 30.46 1.14
CA ILE B 197 -3.32 29.76 0.14
C ILE B 197 -2.43 29.52 -1.08
N TYR B 198 -2.34 28.27 -1.51
CA TYR B 198 -1.54 27.94 -2.67
C TYR B 198 -2.33 28.17 -3.94
N MSE B 199 -1.62 28.57 -4.98
CA MSE B 199 -2.20 28.74 -6.31
C MSE B 199 -1.58 27.67 -7.18
O MSE B 199 -0.35 27.69 -7.43
CB MSE B 199 -1.91 30.13 -6.89
CG MSE B 199 -2.14 31.30 -5.93
SE MSE B 199 -2.02 33.01 -6.85
CE MSE B 199 -3.71 33.10 -7.73
N ASP B 200 -2.41 26.75 -7.63
CA ASP B 200 -1.98 25.71 -8.55
C ASP B 200 -2.06 26.22 -9.98
N ILE B 201 -1.77 25.33 -10.95
CA ILE B 201 -1.51 25.73 -12.34
C ILE B 201 -2.60 26.55 -13.04
N ASP B 202 -3.82 26.54 -12.52
CA ASP B 202 -4.90 27.29 -13.17
C ASP B 202 -4.84 28.82 -13.05
N TYR B 203 -3.94 29.35 -12.18
CA TYR B 203 -3.75 30.80 -12.09
C TYR B 203 -3.03 31.44 -13.28
N MSE B 204 -2.25 30.64 -14.01
CA MSE B 204 -1.53 31.15 -15.19
C MSE B 204 -2.48 31.41 -16.39
O MSE B 204 -3.59 30.88 -16.44
CB MSE B 204 -0.40 30.19 -15.58
CG MSE B 204 0.69 30.01 -14.54
SE MSE B 204 2.00 28.62 -14.99
CE MSE B 204 1.10 27.10 -14.37
N GLN B 205 -2.04 32.23 -17.34
CA GLN B 205 -2.66 32.29 -18.66
C GLN B 205 -2.21 31.06 -19.45
N ASP B 206 -3.15 30.14 -19.72
CA ASP B 206 -2.88 28.90 -20.48
C ASP B 206 -1.60 28.14 -20.07
N PHE B 207 -1.43 27.93 -18.78
CA PHE B 207 -0.27 27.18 -18.25
C PHE B 207 1.12 27.78 -18.62
N LYS B 208 1.15 29.08 -18.90
CA LYS B 208 2.41 29.76 -19.21
C LYS B 208 3.09 30.33 -17.96
N ASP B 209 4.30 29.84 -17.67
CA ASP B 209 5.13 30.31 -16.56
C ASP B 209 5.24 31.83 -16.60
N PHE B 210 5.15 32.46 -15.44
CA PHE B 210 5.36 33.92 -15.26
C PHE B 210 4.29 34.75 -15.97
N THR B 211 3.10 34.17 -16.04
CA THR B 211 1.92 34.92 -16.43
C THR B 211 0.91 34.69 -15.35
N VAL B 212 -0.14 35.53 -15.37
CA VAL B 212 -1.35 35.30 -14.60
C VAL B 212 -2.52 35.39 -15.57
N ASN B 213 -3.55 34.60 -15.34
CA ASN B 213 -4.73 34.60 -16.18
C ASN B 213 -5.33 36.02 -16.22
N GLU B 214 -5.32 36.63 -17.41
CA GLU B 214 -5.77 38.02 -17.58
C GLU B 214 -7.27 38.25 -17.37
N LYS B 215 -8.08 37.28 -17.78
CA LYS B 215 -9.52 37.29 -17.56
C LYS B 215 -9.91 37.17 -16.06
N ASN B 216 -9.26 36.24 -15.35
CA ASN B 216 -9.57 36.00 -13.94
C ASN B 216 -8.89 36.94 -12.96
N PHE B 217 -7.74 37.50 -13.35
CA PHE B 217 -6.97 38.37 -12.46
C PHE B 217 -6.47 39.63 -13.16
N PRO B 218 -7.42 40.53 -13.56
CA PRO B 218 -7.06 41.76 -14.26
C PRO B 218 -6.32 42.80 -13.40
N ASP B 219 -6.52 42.75 -12.08
CA ASP B 219 -5.80 43.62 -11.15
C ASP B 219 -5.18 42.75 -10.04
N PHE B 220 -4.19 41.94 -10.44
CA PHE B 220 -3.57 40.96 -9.56
C PHE B 220 -2.87 41.56 -8.32
N PRO B 221 -2.11 42.65 -8.47
CA PRO B 221 -1.53 43.31 -7.27
C PRO B 221 -2.58 43.65 -6.18
N GLU B 222 -3.73 44.17 -6.61
CA GLU B 222 -4.84 44.47 -5.70
C GLU B 222 -5.33 43.23 -4.99
N PHE B 223 -5.51 42.14 -5.74
CA PHE B 223 -6.06 40.92 -5.13
C PHE B 223 -5.06 40.28 -4.16
N VAL B 224 -3.77 40.39 -4.47
CA VAL B 224 -2.72 39.88 -3.58
C VAL B 224 -2.76 40.63 -2.25
N LYS B 225 -3.02 41.94 -2.34
CA LYS B 225 -3.14 42.78 -1.16
C LYS B 225 -4.45 42.52 -0.39
N GLU B 226 -5.55 42.31 -1.11
CA GLU B 226 -6.81 41.89 -0.49
C GLU B 226 -6.60 40.67 0.41
N MSE B 227 -5.86 39.70 -0.09
CA MSE B 227 -5.52 38.50 0.67
C MSE B 227 -4.54 38.78 1.81
O MSE B 227 -4.73 38.32 2.94
CB MSE B 227 -4.95 37.42 -0.27
CG MSE B 227 -5.98 36.84 -1.24
SE MSE B 227 -7.47 35.78 -0.45
CE MSE B 227 -8.90 37.07 -0.37
N LYS B 228 -3.49 39.55 1.51
CA LYS B 228 -2.46 39.84 2.51
C LYS B 228 -2.99 40.65 3.68
N ASP B 229 -3.91 41.59 3.42
CA ASP B 229 -4.57 42.36 4.50
C ASP B 229 -5.30 41.48 5.51
N GLN B 230 -5.60 40.24 5.10
CA GLN B 230 -6.24 39.27 5.98
C GLN B 230 -5.22 38.22 6.45
N GLU B 231 -3.94 38.54 6.33
CA GLU B 231 -2.84 37.60 6.62
C GLU B 231 -2.92 36.28 5.82
N LEU B 232 -3.29 36.40 4.55
CA LEU B 232 -3.24 35.26 3.67
C LEU B 232 -2.27 35.58 2.56
N ARG B 233 -1.21 34.80 2.53
CA ARG B 233 -0.18 34.95 1.52
C ARG B 233 -0.38 33.92 0.43
N LEU B 234 -0.53 34.42 -0.80
CA LEU B 234 -0.66 33.55 -1.97
C LEU B 234 0.68 32.99 -2.40
N ILE B 235 0.70 31.67 -2.63
CA ILE B 235 1.91 30.92 -2.96
C ILE B 235 1.74 30.18 -4.30
N PRO B 236 2.15 30.82 -5.40
CA PRO B 236 1.90 30.23 -6.72
C PRO B 236 2.98 29.23 -7.16
N ILE B 237 2.53 28.28 -7.95
CA ILE B 237 3.38 27.22 -8.49
C ILE B 237 4.12 27.72 -9.74
N ILE B 238 5.35 27.25 -9.94
CA ILE B 238 6.08 27.43 -11.20
C ILE B 238 6.53 26.07 -11.72
N ASP B 239 6.30 25.81 -13.02
CA ASP B 239 6.68 24.55 -13.66
C ASP B 239 8.00 24.65 -14.45
N ALA B 240 8.68 23.53 -14.64
CA ALA B 240 9.90 23.47 -15.46
C ALA B 240 9.69 23.77 -16.95
N GLY B 241 8.55 23.37 -17.51
CA GLY B 241 8.32 23.52 -18.95
C GLY B 241 7.78 24.87 -19.33
N VAL B 242 8.44 25.53 -20.30
CA VAL B 242 8.03 26.82 -20.84
C VAL B 242 7.26 26.59 -22.15
N LYS B 243 5.98 26.98 -22.19
CA LYS B 243 5.12 26.75 -23.36
C LYS B 243 5.69 27.32 -24.65
N VAL B 244 5.71 26.50 -25.69
CA VAL B 244 6.01 26.94 -27.04
C VAL B 244 4.80 27.73 -27.52
N GLU B 245 4.96 29.04 -27.72
CA GLU B 245 3.87 29.91 -28.19
C GLU B 245 4.44 31.20 -28.77
N LYS B 246 4.08 31.52 -30.00
CA LYS B 246 4.45 32.78 -30.66
C LYS B 246 4.08 33.99 -29.80
N GLY B 247 5.01 34.94 -29.66
CA GLY B 247 4.73 36.20 -28.96
C GLY B 247 4.76 36.10 -27.44
N TYR B 248 4.93 34.89 -26.91
CA TYR B 248 5.08 34.69 -25.46
C TYR B 248 6.56 34.96 -25.13
N GLU B 249 6.80 36.01 -24.36
CA GLU B 249 8.15 36.57 -24.19
C GLU B 249 9.16 35.59 -23.55
N VAL B 250 8.71 34.79 -22.61
CA VAL B 250 9.60 33.81 -21.99
C VAL B 250 10.08 32.81 -23.06
N TYR B 251 9.14 32.25 -23.82
CA TYR B 251 9.49 31.42 -24.97
C TYR B 251 10.43 32.12 -25.99
N GLU B 252 10.03 33.31 -26.47
CA GLU B 252 10.81 34.01 -27.51
C GLU B 252 12.26 34.29 -27.08
N GLU B 253 12.45 34.73 -25.84
CA GLU B 253 13.77 35.05 -25.29
C GLU B 253 14.59 33.78 -25.10
N GLY B 254 13.93 32.71 -24.68
CA GLY B 254 14.58 31.43 -24.49
C GLY B 254 15.11 30.90 -25.81
N VAL B 255 14.30 31.02 -26.85
CA VAL B 255 14.72 30.63 -28.20
C VAL B 255 15.89 31.49 -28.73
N LYS B 256 15.73 32.82 -28.71
CA LYS B 256 16.69 33.74 -29.32
C LYS B 256 18.05 33.69 -28.66
N ASN B 257 18.06 33.50 -27.34
CA ASN B 257 19.32 33.47 -26.61
C ASN B 257 19.92 32.10 -26.32
N ASN B 258 19.32 31.05 -26.90
CA ASN B 258 19.76 29.66 -26.68
C ASN B 258 19.81 29.29 -25.20
N TYR B 259 18.75 29.62 -24.46
CA TYR B 259 18.64 29.25 -23.04
C TYR B 259 17.88 27.91 -22.78
N PHE B 260 17.43 27.25 -23.85
CA PHE B 260 16.70 25.98 -23.73
C PHE B 260 17.59 24.75 -23.97
N CYS B 261 17.21 23.61 -23.39
CA CYS B 261 17.90 22.35 -23.66
C CYS B 261 17.65 21.96 -25.11
N LYS B 262 18.70 21.48 -25.75
CA LYS B 262 18.69 21.22 -27.18
C LYS B 262 18.98 19.76 -27.50
N ARG B 263 18.46 19.33 -28.64
CA ARG B 263 18.81 18.04 -29.22
C ARG B 263 20.27 18.14 -29.72
N GLU B 264 20.89 17.00 -30.04
CA GLU B 264 22.29 17.04 -30.51
C GLU B 264 22.51 17.87 -31.77
N ASP B 265 21.50 18.00 -32.63
CA ASP B 265 21.58 18.88 -33.81
C ASP B 265 21.42 20.37 -33.47
N GLY B 266 21.23 20.68 -32.20
CA GLY B 266 21.03 22.06 -31.78
C GLY B 266 19.60 22.60 -31.82
N SER B 267 18.64 21.79 -32.26
CA SER B 267 17.22 22.23 -32.18
C SER B 267 16.73 22.24 -30.72
N ASP B 268 15.77 23.12 -30.43
CA ASP B 268 15.16 23.18 -29.12
C ASP B 268 14.32 21.95 -28.86
N PHE B 269 14.68 21.18 -27.83
CA PHE B 269 13.97 19.96 -27.53
C PHE B 269 12.54 20.26 -27.07
N VAL B 270 11.58 19.48 -27.59
CA VAL B 270 10.17 19.63 -27.26
C VAL B 270 9.65 18.54 -26.33
N ALA B 271 9.11 18.95 -25.19
CA ALA B 271 8.40 18.00 -24.32
C ALA B 271 6.98 18.49 -24.05
N ALA B 272 5.99 17.60 -24.11
CA ALA B 272 4.62 17.95 -23.72
C ALA B 272 4.43 17.85 -22.19
N VAL B 273 3.91 18.92 -21.60
CA VAL B 273 3.47 18.91 -20.19
C VAL B 273 2.14 19.66 -20.15
N TRP B 274 1.76 20.26 -19.02
CA TRP B 274 0.44 20.92 -18.94
C TRP B 274 0.09 21.85 -20.14
N PRO B 275 1.05 22.65 -20.64
CA PRO B 275 0.64 23.55 -21.74
C PRO B 275 0.62 22.91 -23.14
N GLY B 276 0.81 21.60 -23.22
CA GLY B 276 1.15 20.96 -24.51
C GLY B 276 2.67 21.05 -24.67
N ASP B 277 3.11 21.34 -25.89
CA ASP B 277 4.53 21.45 -26.20
C ASP B 277 5.21 22.55 -25.40
N THR B 278 6.37 22.20 -24.82
CA THR B 278 7.21 23.16 -24.06
C THR B 278 8.69 22.92 -24.38
N HIS B 279 9.53 23.85 -23.97
CA HIS B 279 10.98 23.63 -23.93
C HIS B 279 11.41 23.68 -22.47
N PHE B 280 12.53 23.05 -22.17
CA PHE B 280 13.09 23.10 -20.82
C PHE B 280 14.23 24.11 -20.76
N PRO B 281 14.15 25.07 -19.81
CA PRO B 281 15.30 25.95 -19.59
C PRO B 281 16.51 25.11 -19.21
N ASP B 282 17.67 25.52 -19.72
CA ASP B 282 18.90 24.77 -19.56
C ASP B 282 19.46 25.12 -18.18
N MSE B 283 18.92 24.45 -17.15
CA MSE B 283 19.25 24.77 -15.75
C MSE B 283 20.74 24.67 -15.38
O MSE B 283 21.13 25.22 -14.34
CB MSE B 283 18.43 23.91 -14.78
CG MSE B 283 16.92 24.03 -14.94
SE MSE B 283 16.24 25.82 -14.74
CE MSE B 283 14.37 25.39 -15.15
N LEU B 284 21.54 23.99 -16.20
CA LEU B 284 22.97 23.84 -15.93
C LEU B 284 23.86 24.89 -16.63
N ASN B 285 23.24 25.70 -17.47
CA ASN B 285 23.88 26.88 -18.06
CA ASN B 285 23.86 26.89 -18.10
C ASN B 285 23.72 28.09 -17.14
N PRO B 286 24.87 28.63 -16.63
CA PRO B 286 24.75 29.73 -15.66
C PRO B 286 23.96 30.94 -16.18
N GLU B 287 24.15 31.33 -17.45
CA GLU B 287 23.37 32.45 -17.97
C GLU B 287 21.87 32.13 -18.08
N ALA B 288 21.54 30.88 -18.42
CA ALA B 288 20.14 30.51 -18.55
C ALA B 288 19.51 30.47 -17.14
N ARG B 289 20.29 30.06 -16.14
CA ARG B 289 19.85 30.08 -14.74
C ARG B 289 19.52 31.48 -14.25
N LYS B 290 20.38 32.43 -14.62
CA LYS B 290 20.22 33.81 -14.21
C LYS B 290 18.94 34.36 -14.83
N TRP B 291 18.81 34.15 -16.15
CA TRP B 291 17.61 34.54 -16.89
C TRP B 291 16.32 33.97 -16.34
N PHE B 292 16.29 32.65 -16.11
CA PHE B 292 15.08 31.99 -15.61
C PHE B 292 14.73 32.49 -14.20
N GLY B 293 15.71 32.49 -13.30
CA GLY B 293 15.53 33.02 -11.95
C GLY B 293 15.04 34.46 -11.90
N ASP B 294 15.60 35.33 -12.73
CA ASP B 294 15.17 36.75 -12.77
C ASP B 294 13.68 36.93 -13.10
N LYS B 295 13.07 35.94 -13.75
CA LYS B 295 11.66 36.01 -14.14
C LYS B 295 10.72 36.00 -12.94
N TYR B 296 11.19 35.46 -11.82
CA TYR B 296 10.41 35.44 -10.60
C TYR B 296 10.09 36.86 -10.15
N ARG B 297 10.89 37.83 -10.60
CA ARG B 297 10.66 39.21 -10.25
C ARG B 297 9.24 39.65 -10.64
N PHE B 298 8.72 39.13 -11.75
CA PHE B 298 7.35 39.44 -12.24
C PHE B 298 6.31 39.23 -11.13
N LEU B 299 6.48 38.19 -10.34
CA LEU B 299 5.54 37.88 -9.29
C LEU B 299 5.86 38.59 -7.96
N ILE B 300 7.14 38.65 -7.61
CA ILE B 300 7.60 39.35 -6.38
C ILE B 300 7.18 40.82 -6.39
N ASP B 301 7.27 41.47 -7.56
CA ASP B 301 6.88 42.87 -7.74
C ASP B 301 5.37 43.08 -7.52
N GLN B 302 4.58 42.01 -7.62
CA GLN B 302 3.14 42.08 -7.35
C GLN B 302 2.75 41.74 -5.91
N GLY B 303 3.73 41.46 -5.07
CA GLY B 303 3.50 41.28 -3.64
C GLY B 303 3.55 39.81 -3.23
N ILE B 304 4.10 38.97 -4.09
CA ILE B 304 4.21 37.52 -3.83
C ILE B 304 5.48 37.28 -3.01
N GLU B 305 5.37 36.42 -2.00
CA GLU B 305 6.45 36.21 -1.04
C GLU B 305 6.95 34.77 -0.97
N GLY B 306 6.52 33.93 -1.93
CA GLY B 306 6.93 32.54 -1.91
C GLY B 306 6.35 31.76 -3.06
N PHE B 307 7.02 30.63 -3.38
CA PHE B 307 6.75 29.85 -4.57
C PHE B 307 6.96 28.36 -4.28
N TRP B 308 6.36 27.53 -5.14
CA TRP B 308 6.79 26.14 -5.23
C TRP B 308 7.13 25.74 -6.68
N ASN B 309 8.26 25.04 -6.87
CA ASN B 309 8.71 24.54 -8.18
C ASN B 309 8.26 23.09 -8.41
N ASP B 310 7.65 22.82 -9.55
CA ASP B 310 7.06 21.51 -9.77
C ASP B 310 7.41 20.95 -11.15
N MSE B 311 7.17 19.64 -11.33
CA MSE B 311 7.40 18.93 -12.61
C MSE B 311 8.85 19.01 -13.06
O MSE B 311 9.17 18.95 -14.27
CB MSE B 311 6.50 19.48 -13.71
CG MSE B 311 5.05 19.69 -13.30
SE MSE B 311 4.13 18.06 -12.76
CE MSE B 311 3.89 17.26 -14.48
N ASN B 312 9.74 19.17 -12.08
CA ASN B 312 11.12 19.51 -12.40
C ASN B 312 12.13 18.39 -12.31
N GLU B 313 11.66 17.16 -12.54
CA GLU B 313 12.55 15.99 -12.78
C GLU B 313 13.55 16.14 -13.94
N PRO B 314 13.12 16.69 -15.11
CA PRO B 314 11.81 17.20 -15.58
C PRO B 314 10.85 16.12 -16.09
N ALA B 315 9.60 16.24 -15.69
CA ALA B 315 8.51 15.40 -16.17
C ALA B 315 8.27 15.62 -17.66
N ILE B 316 8.01 14.53 -18.36
CA ILE B 316 7.69 14.55 -19.79
C ILE B 316 6.49 13.63 -20.03
N PHE B 317 5.35 14.20 -20.45
CA PHE B 317 4.17 13.38 -20.77
C PHE B 317 4.50 12.54 -22.01
N TYR B 318 5.22 13.19 -22.95
CA TYR B 318 5.73 12.60 -24.18
C TYR B 318 6.58 13.64 -24.89
N SER B 319 7.52 13.16 -25.70
CA SER B 319 8.29 14.01 -26.60
C SER B 319 7.65 13.92 -27.98
N SER B 320 8.04 14.80 -28.91
CA SER B 320 7.57 14.70 -30.29
C SER B 320 7.95 13.36 -30.94
N GLU B 321 9.12 12.84 -30.60
CA GLU B 321 9.61 11.55 -31.11
C GLU B 321 8.77 10.40 -30.54
N GLY B 322 8.51 10.43 -29.22
CA GLY B 322 7.69 9.40 -28.58
C GLY B 322 6.25 9.38 -29.11
N LEU B 323 5.68 10.55 -29.31
CA LEU B 323 4.32 10.69 -29.82
C LEU B 323 4.16 10.07 -31.21
N ALA B 324 5.14 10.30 -32.09
CA ALA B 324 5.13 9.73 -33.45
C ALA B 324 5.29 8.21 -33.48
N GLU B 325 6.24 7.66 -32.71
CA GLU B 325 6.33 6.19 -32.53
C GLU B 325 5.02 5.60 -32.01
N ALA B 326 4.42 6.26 -31.03
CA ALA B 326 3.14 5.80 -30.48
C ALA B 326 2.02 5.77 -31.52
N LYS B 327 1.90 6.83 -32.33
CA LYS B 327 0.86 6.93 -33.35
C LYS B 327 1.06 5.93 -34.49
N GLU B 328 2.33 5.67 -34.80
CA GLU B 328 2.69 4.67 -35.81
C GLU B 328 2.27 3.28 -35.35
N PHE B 329 2.62 2.94 -34.10
CA PHE B 329 2.24 1.65 -33.52
C PHE B 329 0.71 1.52 -33.43
N ALA B 330 0.03 2.64 -33.20
CA ALA B 330 -1.42 2.65 -33.07
C ALA B 330 -2.10 2.33 -34.39
N GLY B 331 -1.58 2.90 -35.48
CA GLY B 331 -2.01 2.59 -36.84
C GLY B 331 -1.82 1.13 -37.22
N GLU B 332 -0.67 0.56 -36.84
CA GLU B 332 -0.43 -0.88 -36.99
C GLU B 332 -1.51 -1.72 -36.28
N PHE B 333 -1.70 -1.46 -34.98
CA PHE B 333 -2.75 -2.08 -34.16
C PHE B 333 -4.14 -1.95 -34.78
N ALA B 334 -4.46 -0.74 -35.25
CA ALA B 334 -5.75 -0.47 -35.90
C ALA B 334 -5.99 -1.35 -37.11
N LYS B 335 -4.93 -1.60 -37.89
CA LYS B 335 -5.04 -2.33 -39.15
C LYS B 335 -4.80 -3.84 -39.01
N ASP B 336 -4.26 -4.26 -37.86
CA ASP B 336 -4.00 -5.68 -37.58
C ASP B 336 -5.28 -6.55 -37.66
N THR B 337 -5.30 -7.49 -38.60
CA THR B 337 -6.43 -8.41 -38.75
C THR B 337 -6.07 -9.85 -38.33
N GLU B 338 -4.78 -10.18 -38.36
CA GLU B 338 -4.31 -11.53 -38.00
C GLU B 338 -4.04 -11.71 -36.49
N GLY B 339 -4.26 -10.66 -35.70
CA GLY B 339 -4.09 -10.71 -34.25
C GLY B 339 -2.66 -10.83 -33.76
N LYS B 340 -1.72 -10.13 -34.40
CA LYS B 340 -0.31 -10.15 -33.99
C LYS B 340 0.04 -9.07 -32.96
N ILE B 341 -0.85 -8.10 -32.80
CA ILE B 341 -0.65 -7.00 -31.87
C ILE B 341 -1.77 -7.00 -30.82
N HIS B 342 -1.41 -7.38 -29.60
CA HIS B 342 -2.37 -7.49 -28.50
C HIS B 342 -2.60 -6.13 -27.84
N PRO B 343 -3.82 -5.90 -27.33
CA PRO B 343 -4.16 -4.65 -26.63
C PRO B 343 -3.17 -4.29 -25.52
N TRP B 344 -2.60 -5.30 -24.85
CA TRP B 344 -1.63 -5.07 -23.76
C TRP B 344 -0.25 -4.58 -24.26
N ALA B 345 0.11 -4.90 -25.50
CA ALA B 345 1.31 -4.34 -26.13
C ALA B 345 1.07 -2.86 -26.43
N MSE B 346 -0.17 -2.55 -26.77
CA MSE B 346 -0.59 -1.20 -27.05
C MSE B 346 -0.65 -0.36 -25.76
O MSE B 346 -0.16 0.77 -25.73
CB MSE B 346 -1.94 -1.25 -27.77
CG MSE B 346 -2.46 0.06 -28.15
SE MSE B 346 -1.66 0.71 -29.81
CE MSE B 346 -2.98 2.13 -29.90
N GLN B 347 -1.23 -0.93 -24.68
CA GLN B 347 -1.16 -0.32 -23.34
C GLN B 347 0.27 -0.03 -22.89
N ALA B 348 1.15 -1.01 -23.12
CA ALA B 348 2.57 -0.90 -22.74
C ALA B 348 3.27 0.25 -23.49
N LYS B 349 2.95 0.41 -24.77
CA LYS B 349 3.53 1.48 -25.61
C LYS B 349 3.13 2.87 -25.13
N MSE B 350 1.85 3.02 -24.75
CA MSE B 350 1.33 4.29 -24.28
C MSE B 350 2.00 4.70 -22.98
O MSE B 350 2.35 5.87 -22.81
CB MSE B 350 -0.19 4.23 -24.09
CG MSE B 350 -1.01 4.02 -25.36
SE MSE B 350 -0.50 5.20 -26.85
CE MSE B 350 0.32 3.91 -28.04
N LYS B 351 2.21 3.73 -22.08
CA LYS B 351 2.92 3.94 -20.82
C LYS B 351 4.39 4.32 -21.01
N ASP B 352 5.08 3.57 -21.87
CA ASP B 352 6.50 3.74 -22.17
C ASP B 352 6.95 5.15 -22.64
N ILE B 353 6.06 5.91 -23.31
CA ILE B 353 6.41 7.26 -23.78
C ILE B 353 6.41 8.34 -22.69
N VAL B 354 5.93 7.99 -21.49
CA VAL B 354 5.90 8.90 -20.32
C VAL B 354 7.20 8.80 -19.52
N ASN B 355 7.86 9.94 -19.29
CA ASN B 355 9.17 9.98 -18.61
C ASN B 355 10.12 8.89 -19.13
N SER B 356 10.20 8.77 -20.44
CA SER B 356 10.95 7.73 -21.12
C SER B 356 12.47 7.90 -20.95
N PRO B 357 13.17 6.82 -20.55
CA PRO B 357 14.64 6.90 -20.48
C PRO B 357 15.23 7.30 -21.83
N GLU B 358 14.60 6.87 -22.92
CA GLU B 358 15.02 7.33 -24.25
C GLU B 358 14.97 8.86 -24.39
N ASP B 359 13.87 9.48 -23.95
CA ASP B 359 13.75 10.94 -24.00
C ASP B 359 14.82 11.70 -23.23
N TYR B 360 15.23 11.16 -22.08
CA TYR B 360 16.32 11.75 -21.29
C TYR B 360 17.72 11.65 -21.94
N LYS B 361 17.85 10.79 -22.96
CA LYS B 361 19.08 10.72 -23.77
C LYS B 361 19.03 11.59 -25.03
N ARG B 362 17.89 12.25 -25.24
CA ARG B 362 17.65 13.03 -26.45
C ARG B 362 18.03 14.52 -26.39
N PHE B 363 18.25 15.06 -25.18
CA PHE B 363 18.63 16.46 -25.04
C PHE B 363 19.84 16.68 -24.16
N TYR B 364 20.43 17.87 -24.31
CA TYR B 364 21.74 18.21 -23.78
C TYR B 364 21.72 19.51 -23.00
N HIS B 365 22.57 19.61 -21.97
CA HIS B 365 22.89 20.88 -21.35
C HIS B 365 24.17 21.51 -21.91
N ASN B 366 24.17 22.83 -21.99
CA ASN B 366 25.33 23.59 -22.42
C ASN B 366 26.01 24.21 -21.22
N VAL B 367 27.08 23.58 -20.73
CA VAL B 367 27.84 24.11 -19.60
C VAL B 367 29.09 24.83 -20.07
N ASN B 368 28.98 26.17 -20.17
CA ASN B 368 30.03 27.04 -20.74
C ASN B 368 30.62 26.54 -22.08
N GLY B 369 29.75 26.20 -23.02
CA GLY B 369 30.19 25.72 -24.33
C GLY B 369 30.27 24.20 -24.47
N LYS B 370 30.40 23.50 -23.35
CA LYS B 370 30.51 22.03 -23.34
C LYS B 370 29.15 21.36 -23.24
N LYS B 371 28.82 20.52 -24.22
CA LYS B 371 27.52 19.83 -24.25
C LYS B 371 27.55 18.56 -23.41
N ILE B 372 26.56 18.38 -22.55
CA ILE B 372 26.40 17.14 -21.79
C ILE B 372 24.99 16.55 -21.89
N ARG B 373 24.92 15.25 -22.16
CA ARG B 373 23.65 14.58 -22.43
C ARG B 373 22.91 14.50 -21.12
N HIS B 374 21.62 14.82 -21.16
CA HIS B 374 20.86 15.05 -19.95
C HIS B 374 20.88 13.86 -18.98
N ASP B 375 20.75 12.63 -19.51
CA ASP B 375 20.77 11.44 -18.65
C ASP B 375 22.01 11.39 -17.73
N LYS B 376 23.14 11.88 -18.22
CA LYS B 376 24.39 11.90 -17.44
C LYS B 376 24.32 12.80 -16.20
N VAL B 377 23.38 13.76 -16.20
CA VAL B 377 23.29 14.75 -15.11
C VAL B 377 21.85 14.91 -14.65
N HIS B 378 21.05 13.86 -14.92
CA HIS B 378 19.61 13.90 -14.74
C HIS B 378 19.16 14.40 -13.38
N ASN B 379 19.86 13.99 -12.32
CA ASN B 379 19.42 14.28 -10.97
C ASN B 379 19.72 15.70 -10.49
N LEU B 380 20.36 16.49 -11.33
CA LEU B 380 20.68 17.87 -11.00
C LEU B 380 19.67 18.89 -11.51
N PHE B 381 18.70 18.46 -12.30
CA PHE B 381 17.79 19.42 -12.92
C PHE B 381 16.94 20.25 -11.94
N GLY B 382 16.18 19.58 -11.07
CA GLY B 382 15.30 20.27 -10.11
C GLY B 382 16.13 21.14 -9.18
N TYR B 383 17.22 20.56 -8.70
CA TYR B 383 18.20 21.23 -7.86
C TYR B 383 18.63 22.58 -8.47
N ASN B 384 19.08 22.57 -9.71
CA ASN B 384 19.52 23.79 -10.35
C ASN B 384 18.42 24.79 -10.70
N MSE B 385 17.21 24.28 -10.90
CA MSE B 385 16.03 25.14 -11.07
C MSE B 385 15.73 25.93 -9.78
O MSE B 385 15.41 27.13 -9.80
CB MSE B 385 14.81 24.32 -11.46
CG MSE B 385 13.57 25.17 -11.71
SE MSE B 385 11.96 24.16 -12.05
CE MSE B 385 10.66 25.58 -12.08
N THR B 386 15.83 25.21 -8.66
CA THR B 386 15.59 25.81 -7.37
C THR B 386 16.74 26.74 -6.99
N ARG B 387 17.96 26.36 -7.35
CA ARG B 387 19.11 27.24 -7.21
C ARG B 387 18.94 28.53 -8.02
N ALA B 388 18.43 28.43 -9.26
CA ALA B 388 18.21 29.64 -10.07
C ALA B 388 17.28 30.63 -9.35
N ALA B 389 16.19 30.10 -8.80
CA ALA B 389 15.23 30.94 -8.11
C ALA B 389 15.87 31.52 -6.82
N GLY B 390 16.51 30.66 -6.03
CA GLY B 390 17.21 31.09 -4.80
C GLY B 390 18.21 32.23 -5.01
N GLU B 391 19.00 32.11 -6.08
CA GLU B 391 20.01 33.10 -6.40
C GLU B 391 19.42 34.40 -6.92
N ALA B 392 18.32 34.29 -7.68
CA ALA B 392 17.56 35.46 -8.09
C ALA B 392 16.98 36.22 -6.89
N PHE B 393 16.37 35.51 -5.93
CA PHE B 393 15.86 36.17 -4.72
C PHE B 393 16.94 37.04 -4.03
N GLU B 394 18.17 36.53 -3.93
CA GLU B 394 19.30 37.28 -3.36
C GLU B 394 19.63 38.56 -4.13
N ARG B 395 19.52 38.55 -5.47
CA ARG B 395 19.70 39.75 -6.28
C ARG B 395 18.50 40.70 -6.20
N ILE B 396 17.31 40.15 -6.11
CA ILE B 396 16.08 40.93 -6.11
C ILE B 396 15.85 41.67 -4.77
N ASP B 397 16.06 40.97 -3.66
CA ASP B 397 15.89 41.56 -2.32
C ASP B 397 16.68 40.77 -1.29
N PRO B 398 17.97 41.12 -1.14
CA PRO B 398 18.91 40.34 -0.35
C PRO B 398 18.57 40.27 1.15
N GLU B 399 17.80 41.21 1.67
CA GLU B 399 17.46 41.21 3.10
C GLU B 399 16.34 40.24 3.44
N LYS B 400 15.57 39.83 2.43
CA LYS B 400 14.30 39.13 2.65
C LYS B 400 14.34 37.61 2.42
N ARG B 401 13.74 36.87 3.35
CA ARG B 401 13.45 35.44 3.14
C ARG B 401 12.20 35.26 2.29
N PHE B 402 12.25 34.27 1.40
CA PHE B 402 11.12 33.86 0.59
C PHE B 402 10.84 32.40 0.86
N LEU B 403 9.56 32.05 0.78
CA LEU B 403 9.18 30.65 0.86
C LEU B 403 9.51 29.98 -0.50
N MSE B 404 10.17 28.83 -0.44
CA MSE B 404 10.59 28.13 -1.65
C MSE B 404 10.65 26.66 -1.29
O MSE B 404 11.28 26.31 -0.28
CB MSE B 404 11.97 28.64 -2.11
CG MSE B 404 12.58 27.92 -3.30
SE MSE B 404 11.88 28.57 -4.98
CE MSE B 404 10.53 27.26 -5.20
N PHE B 405 9.95 25.83 -2.06
CA PHE B 405 10.16 24.35 -2.00
C PHE B 405 9.96 23.70 -3.38
N SER B 406 10.47 22.48 -3.53
CA SER B 406 10.58 21.84 -4.84
C SER B 406 10.19 20.36 -4.78
N ARG B 407 9.75 19.80 -5.91
CA ARG B 407 9.48 18.38 -6.02
C ARG B 407 10.79 17.57 -6.12
N SER B 408 11.55 17.83 -7.18
CA SER B 408 12.81 17.12 -7.44
C SER B 408 13.95 17.79 -6.71
N SER B 409 14.96 17.01 -6.25
CA SER B 409 16.12 17.58 -5.55
C SER B 409 17.37 16.67 -5.58
N TYR B 410 18.50 17.27 -5.19
CA TYR B 410 19.77 16.57 -5.06
C TYR B 410 20.45 17.28 -3.92
N ILE B 411 21.35 16.61 -3.20
CA ILE B 411 22.05 17.26 -2.09
C ILE B 411 22.81 18.51 -2.59
N GLY B 412 22.68 19.63 -1.85
CA GLY B 412 23.11 20.95 -2.36
C GLY B 412 21.90 21.87 -2.53
N MSE B 413 20.79 21.31 -2.99
CA MSE B 413 19.55 22.08 -3.16
C MSE B 413 18.99 22.47 -1.80
O MSE B 413 18.23 23.42 -1.69
CB MSE B 413 18.49 21.30 -3.93
CG MSE B 413 17.43 22.22 -4.55
SE MSE B 413 15.79 21.37 -4.99
CE MSE B 413 15.00 21.47 -3.18
N HIS B 414 19.41 21.76 -0.74
CA HIS B 414 18.91 22.02 0.60
C HIS B 414 19.28 23.42 1.06
N ARG B 415 20.21 24.06 0.36
CA ARG B 415 20.66 25.41 0.73
C ARG B 415 19.68 26.48 0.20
N TYR B 416 18.82 26.08 -0.72
CA TYR B 416 18.01 27.05 -1.49
C TYR B 416 16.49 26.92 -1.28
N GLY B 417 16.05 25.73 -0.87
CA GLY B 417 14.62 25.47 -0.72
C GLY B 417 14.31 24.20 0.05
N GLY B 418 13.04 24.02 0.40
CA GLY B 418 12.56 22.82 1.06
C GLY B 418 12.08 21.77 0.08
N ILE B 419 11.47 20.70 0.60
CA ILE B 419 11.01 19.57 -0.23
C ILE B 419 9.55 19.26 0.00
N TRP B 420 8.81 19.12 -1.09
CA TRP B 420 7.46 18.57 -1.12
C TRP B 420 7.67 17.07 -1.20
N MSE B 421 7.31 16.34 -0.15
CA MSE B 421 7.69 14.93 -0.04
C MSE B 421 6.93 13.97 -0.94
O MSE B 421 7.38 12.84 -1.16
CB MSE B 421 7.59 14.44 1.41
CG MSE B 421 8.64 15.06 2.30
SE MSE B 421 8.13 15.01 4.16
CE MSE B 421 8.33 13.13 4.43
N GLY B 422 5.81 14.40 -1.49
CA GLY B 422 5.03 13.51 -2.32
C GLY B 422 3.55 13.61 -2.02
N ASP B 423 2.76 12.93 -2.84
CA ASP B 423 1.30 12.89 -2.68
C ASP B 423 0.82 11.59 -1.98
N ASN B 424 0.32 11.73 -0.75
CA ASN B 424 -0.22 10.59 -0.01
C ASN B 424 -1.56 10.12 -0.60
N LYS B 425 -2.08 10.87 -1.57
CA LYS B 425 -3.40 10.68 -2.14
C LYS B 425 -4.42 10.51 -1.02
N SER B 426 -5.00 9.32 -0.88
CA SER B 426 -5.91 9.04 0.23
C SER B 426 -5.47 7.78 0.94
N TRP B 427 -4.16 7.53 1.01
CA TRP B 427 -3.62 6.29 1.55
C TRP B 427 -3.26 6.41 3.03
N TRP B 428 -3.95 5.66 3.88
CA TRP B 428 -3.55 5.51 5.29
C TRP B 428 -2.09 5.08 5.46
N SER B 429 -1.63 4.20 4.58
CA SER B 429 -0.25 3.67 4.65
C SER B 429 0.81 4.78 4.56
N HIS B 430 0.46 5.89 3.94
CA HIS B 430 1.42 6.97 3.74
C HIS B 430 1.68 7.87 4.95
N ILE B 431 0.83 7.80 5.97
CA ILE B 431 1.11 8.56 7.19
C ILE B 431 2.41 8.07 7.78
N LEU B 432 2.55 6.74 7.90
CA LEU B 432 3.74 6.14 8.46
C LEU B 432 4.95 6.33 7.53
N LEU B 433 4.72 6.21 6.22
CA LEU B 433 5.78 6.45 5.24
C LEU B 433 6.38 7.86 5.40
N ASN B 434 5.51 8.86 5.53
CA ASN B 434 5.93 10.24 5.78
C ASN B 434 6.78 10.35 7.02
N LEU B 435 6.29 9.77 8.12
CA LEU B 435 7.00 9.78 9.38
C LEU B 435 8.41 9.21 9.27
N LYS B 436 8.55 8.10 8.55
CA LYS B 436 9.84 7.42 8.43
C LYS B 436 10.90 8.20 7.62
N MSE B 437 10.42 8.88 6.58
CA MSE B 437 11.24 9.70 5.69
C MSE B 437 11.84 10.94 6.37
O MSE B 437 12.89 11.43 5.93
CB MSE B 437 10.35 10.17 4.52
CG MSE B 437 11.10 10.85 3.42
SE MSE B 437 10.03 11.06 1.81
CE MSE B 437 9.45 9.26 1.54
N LEU B 438 11.16 11.47 7.38
CA LEU B 438 11.56 12.75 7.98
C LEU B 438 13.02 12.84 8.48
N PRO B 439 13.47 11.85 9.31
CA PRO B 439 14.83 11.96 9.82
C PRO B 439 15.87 11.80 8.70
N SER B 440 15.62 10.90 7.76
CA SER B 440 16.51 10.69 6.61
C SER B 440 16.68 11.95 5.77
N LEU B 441 15.60 12.68 5.54
CA LEU B 441 15.70 13.96 4.87
C LEU B 441 16.58 14.94 5.65
N ASN B 442 16.38 14.97 6.97
CA ASN B 442 17.17 15.81 7.87
C ASN B 442 18.67 15.51 7.83
N MSE B 443 19.03 14.23 7.68
CA MSE B 443 20.44 13.84 7.60
C MSE B 443 21.10 14.42 6.35
O MSE B 443 22.32 14.66 6.32
CB MSE B 443 20.58 12.32 7.54
CG MSE B 443 20.01 11.57 8.71
SE MSE B 443 20.12 9.64 8.40
CE MSE B 443 18.83 9.10 9.74
N CYS B 444 20.32 14.63 5.31
CA CYS B 444 20.81 15.12 4.02
C CYS B 444 20.63 16.62 3.83
N GLY B 445 20.23 17.32 4.88
CA GLY B 445 20.18 18.79 4.85
C GLY B 445 18.80 19.37 4.64
N PHE B 446 17.82 18.54 4.32
CA PHE B 446 16.47 19.01 4.04
C PHE B 446 15.57 18.96 5.26
N MSE B 447 15.27 20.12 5.82
CA MSE B 447 14.48 20.19 7.03
C MSE B 447 13.10 20.81 6.82
O MSE B 447 12.14 20.42 7.48
CB MSE B 447 15.28 20.94 8.10
CG MSE B 447 16.62 20.21 8.45
SE MSE B 447 17.32 20.94 10.09
CE MSE B 447 17.63 22.67 9.45
N TYR B 448 12.99 21.76 5.89
CA TYR B 448 11.67 22.32 5.59
C TYR B 448 10.95 21.37 4.63
N THR B 449 10.15 20.46 5.19
CA THR B 449 9.57 19.39 4.41
C THR B 449 8.17 19.06 4.90
N GLY B 450 7.37 18.47 4.02
CA GLY B 450 6.04 17.97 4.36
C GLY B 450 5.46 17.25 3.17
N ALA B 451 4.37 16.52 3.38
CA ALA B 451 3.74 15.77 2.32
C ALA B 451 2.34 16.30 2.07
N ASP B 452 1.77 15.96 0.91
CA ASP B 452 0.37 16.28 0.57
C ASP B 452 -0.58 15.10 0.77
N LEU B 453 -1.84 15.41 1.06
CA LEU B 453 -2.91 14.42 0.98
C LEU B 453 -3.85 14.94 -0.11
N GLY B 454 -3.43 14.73 -1.35
CA GLY B 454 -4.12 15.29 -2.52
C GLY B 454 -5.41 14.56 -2.83
N GLY B 455 -5.65 13.44 -2.13
CA GLY B 455 -6.88 12.68 -2.31
C GLY B 455 -6.97 11.89 -3.62
N PHE B 456 -8.10 11.18 -3.77
CA PHE B 456 -8.32 10.25 -4.88
C PHE B 456 -9.80 9.92 -4.96
N GLY B 457 -10.46 10.44 -5.98
CA GLY B 457 -11.94 10.41 -6.03
C GLY B 457 -12.49 10.95 -4.71
N ASP B 458 -13.41 10.23 -4.08
CA ASP B 458 -13.92 10.65 -2.78
C ASP B 458 -13.28 9.95 -1.57
N ASP B 459 -12.10 9.36 -1.76
CA ASP B 459 -11.52 8.44 -0.77
C ASP B 459 -10.94 9.07 0.50
N THR B 460 -10.66 10.37 0.48
CA THR B 460 -10.23 11.06 1.70
C THR B 460 -11.45 11.27 2.64
N THR B 461 -11.53 10.42 3.65
CA THR B 461 -12.55 10.55 4.68
C THR B 461 -12.07 11.52 5.79
N ARG B 462 -13.02 12.08 6.52
CA ARG B 462 -12.79 12.90 7.70
C ARG B 462 -11.67 12.43 8.69
N ASP B 463 -11.73 11.19 9.15
CA ASP B 463 -10.69 10.65 10.06
C ASP B 463 -9.30 10.57 9.41
N LEU B 464 -9.23 10.21 8.13
CA LEU B 464 -7.92 10.23 7.46
C LEU B 464 -7.30 11.64 7.47
N LEU B 465 -8.08 12.64 7.08
CA LEU B 465 -7.57 14.00 7.08
C LEU B 465 -7.17 14.43 8.50
N LEU B 466 -8.01 14.20 9.50
CA LEU B 466 -7.61 14.49 10.89
C LEU B 466 -6.28 13.87 11.34
N ARG B 467 -6.09 12.58 11.07
CA ARG B 467 -4.81 11.93 11.45
C ARG B 467 -3.62 12.48 10.66
N PHE B 468 -3.85 12.78 9.39
CA PHE B 468 -2.81 13.36 8.52
C PHE B 468 -2.36 14.72 9.06
N LEU B 469 -3.33 15.58 9.36
CA LEU B 469 -3.07 16.90 9.91
C LEU B 469 -2.38 16.80 11.27
N ALA B 470 -2.65 15.74 12.02
CA ALA B 470 -2.06 15.66 13.37
C ALA B 470 -0.57 15.28 13.35
N LEU B 471 -0.14 14.55 12.33
CA LEU B 471 1.30 14.47 12.03
C LEU B 471 1.82 15.79 11.44
N GLY B 472 1.03 16.38 10.54
CA GLY B 472 1.38 17.66 9.86
C GLY B 472 1.68 18.81 10.83
N VAL B 473 1.10 18.72 12.02
CA VAL B 473 1.38 19.66 13.11
C VAL B 473 2.89 19.83 13.33
N PHE B 474 3.62 18.73 13.24
CA PHE B 474 5.04 18.76 13.53
C PHE B 474 5.94 18.96 12.30
N THR B 475 5.38 18.85 11.10
CA THR B 475 6.19 18.97 9.89
C THR B 475 6.25 20.44 9.44
N PRO B 476 7.47 20.99 9.24
CA PRO B 476 7.54 22.42 8.93
C PRO B 476 6.64 22.86 7.76
N LEU B 477 6.56 22.06 6.70
CA LEU B 477 5.57 22.30 5.65
C LEU B 477 4.26 21.57 5.98
N MSE B 478 3.24 22.35 6.33
CA MSE B 478 1.94 21.78 6.71
C MSE B 478 0.84 22.34 5.83
O MSE B 478 0.46 23.53 5.93
CB MSE B 478 1.62 22.08 8.20
CG MSE B 478 0.32 21.42 8.69
SE MSE B 478 -0.28 22.17 10.40
CE MSE B 478 -1.91 21.16 10.75
N ARG B 479 0.33 21.51 4.93
CA ARG B 479 -0.73 22.00 4.06
C ARG B 479 -1.76 20.95 3.70
N ASP B 480 -2.95 21.46 3.38
CA ASP B 480 -4.08 20.69 2.89
C ASP B 480 -4.27 21.11 1.44
N HIS B 481 -3.80 20.29 0.51
CA HIS B 481 -3.83 20.64 -0.92
C HIS B 481 -4.43 19.54 -1.81
N ALA B 482 -5.69 19.68 -2.22
CA ALA B 482 -6.33 18.63 -3.04
C ALA B 482 -5.76 18.59 -4.47
N ALA B 483 -5.51 17.39 -4.96
CA ALA B 483 -4.97 17.21 -6.29
C ALA B 483 -5.98 16.38 -7.04
N GLU B 484 -5.85 15.05 -6.99
CA GLU B 484 -6.81 14.17 -7.66
C GLU B 484 -8.15 14.04 -6.92
N GLY B 485 -8.15 14.32 -5.62
CA GLY B 485 -9.37 14.25 -4.79
C GLY B 485 -10.52 15.06 -5.38
N THR B 486 -11.71 14.47 -5.37
CA THR B 486 -12.92 15.13 -5.88
C THR B 486 -13.90 15.52 -4.74
N ARG B 487 -13.68 14.96 -3.55
CA ARG B 487 -14.41 15.42 -2.37
C ARG B 487 -13.82 16.76 -1.91
N GLU B 488 -14.70 17.74 -1.59
CA GLU B 488 -14.26 19.00 -1.01
CA GLU B 488 -14.28 19.01 -0.99
C GLU B 488 -13.53 18.68 0.29
N GLN B 489 -12.28 19.10 0.39
CA GLN B 489 -11.48 18.72 1.58
C GLN B 489 -10.84 19.84 2.42
N GLU B 490 -11.28 21.08 2.22
CA GLU B 490 -10.93 22.16 3.16
C GLU B 490 -11.50 21.82 4.54
N CYS B 491 -10.82 22.28 5.59
CA CYS B 491 -11.21 21.95 6.96
C CYS B 491 -12.67 22.27 7.30
N TYR B 492 -13.22 23.32 6.68
CA TYR B 492 -14.60 23.73 6.92
C TYR B 492 -15.68 22.94 6.14
N GLN B 493 -15.26 21.85 5.45
CA GLN B 493 -16.17 21.06 4.59
C GLN B 493 -16.63 19.73 5.19
N PHE B 494 -16.25 19.48 6.44
CA PHE B 494 -16.65 18.24 7.11
C PHE B 494 -17.55 18.49 8.32
N GLU B 495 -18.26 17.45 8.76
CA GLU B 495 -18.98 17.47 10.03
C GLU B 495 -18.05 17.85 11.19
N ASN B 496 -18.60 18.63 12.11
CA ASN B 496 -17.94 19.02 13.35
C ASN B 496 -16.58 19.69 13.14
N ILE B 497 -16.65 20.90 12.57
CA ILE B 497 -15.48 21.72 12.25
C ILE B 497 -14.56 21.89 13.45
N GLU B 498 -15.14 21.91 14.65
CA GLU B 498 -14.37 22.11 15.88
C GLU B 498 -13.15 21.19 16.01
N ASP B 499 -13.25 19.97 15.49
CA ASP B 499 -12.13 19.01 15.52
C ASP B 499 -10.94 19.43 14.67
N PHE B 500 -11.23 19.98 13.49
CA PHE B 500 -10.20 20.51 12.62
C PHE B 500 -9.57 21.77 13.24
N ARG B 501 -10.41 22.64 13.76
CA ARG B 501 -9.93 23.80 14.47
C ARG B 501 -9.00 23.41 15.61
N SER B 502 -9.35 22.36 16.36
CA SER B 502 -8.55 21.90 17.49
C SER B 502 -7.16 21.47 17.05
N VAL B 503 -7.09 20.71 15.97
CA VAL B 503 -5.79 20.18 15.50
C VAL B 503 -4.92 21.33 14.97
N ILE B 504 -5.52 22.23 14.22
CA ILE B 504 -4.78 23.33 13.67
C ILE B 504 -4.41 24.32 14.76
N ASN B 505 -5.29 24.49 15.75
CA ASN B 505 -4.93 25.27 16.94
C ASN B 505 -3.65 24.73 17.58
N ALA B 506 -3.51 23.41 17.64
CA ALA B 506 -2.34 22.81 18.26
C ALA B 506 -1.06 23.21 17.52
N ARG B 507 -1.10 23.21 16.20
CA ARG B 507 0.02 23.72 15.42
C ARG B 507 0.37 25.16 15.81
N TYR B 508 -0.63 26.04 15.83
CA TYR B 508 -0.32 27.45 16.08
C TYR B 508 0.19 27.69 17.50
N ARG B 509 -0.26 26.88 18.46
CA ARG B 509 0.27 26.95 19.82
C ARG B 509 1.73 26.49 19.89
N LEU B 510 2.10 25.57 19.01
CA LEU B 510 3.46 25.04 18.96
C LEU B 510 4.41 25.80 18.05
N VAL B 511 3.89 26.73 17.25
CA VAL B 511 4.73 27.48 16.29
C VAL B 511 5.98 28.13 16.93
N PRO B 512 5.85 28.82 18.10
CA PRO B 512 7.10 29.41 18.60
C PRO B 512 8.15 28.36 18.96
N TYR B 513 7.74 27.21 19.48
CA TYR B 513 8.68 26.13 19.80
C TYR B 513 9.23 25.48 18.52
N LEU B 514 8.35 25.17 17.58
CA LEU B 514 8.79 24.52 16.34
C LEU B 514 9.73 25.39 15.50
N TYR B 515 9.40 26.66 15.35
CA TYR B 515 10.28 27.63 14.70
C TYR B 515 11.63 27.75 15.43
N SER B 516 11.59 27.89 16.75
CA SER B 516 12.82 27.97 17.55
C SER B 516 13.76 26.80 17.31
N GLU B 517 13.22 25.58 17.41
CA GLU B 517 14.02 24.37 17.17
C GLU B 517 14.52 24.26 15.73
N TYR B 518 13.72 24.69 14.75
CA TYR B 518 14.15 24.71 13.36
C TYR B 518 15.38 25.64 13.21
N MSE B 519 15.25 26.86 13.73
CA MSE B 519 16.28 27.89 13.62
C MSE B 519 17.55 27.44 14.30
O MSE B 519 18.64 27.57 13.73
CB MSE B 519 15.82 29.23 14.20
CG MSE B 519 14.70 29.92 13.39
SE MSE B 519 15.08 30.15 11.49
CE MSE B 519 16.62 31.28 11.64
N LYS B 520 17.43 26.92 15.53
CA LYS B 520 18.60 26.36 16.24
C LYS B 520 19.26 25.25 15.44
N ALA B 521 18.47 24.31 14.94
CA ALA B 521 18.98 23.22 14.09
C ALA B 521 19.69 23.73 12.83
N ALA B 522 19.04 24.66 12.10
CA ALA B 522 19.63 25.15 10.85
C ALA B 522 20.92 25.93 11.10
N LEU B 523 20.91 26.78 12.11
CA LEU B 523 22.05 27.63 12.38
C LEU B 523 23.21 26.85 12.97
N ASN B 524 22.94 25.68 13.54
CA ASN B 524 24.01 24.87 14.13
C ASN B 524 24.30 23.59 13.33
N ASP B 525 23.75 23.50 12.11
CA ASP B 525 23.96 22.32 11.25
C ASP B 525 23.54 21.01 11.95
N ASP B 526 22.39 21.05 12.63
CA ASP B 526 21.93 19.91 13.39
C ASP B 526 20.58 19.40 12.83
N MSE B 527 20.10 18.30 13.39
CA MSE B 527 18.82 17.73 12.95
C MSE B 527 17.63 18.30 13.72
O MSE B 527 17.72 18.53 14.92
CB MSE B 527 18.87 16.21 13.11
CG MSE B 527 19.94 15.60 12.25
SE MSE B 527 20.12 13.75 12.61
CE MSE B 527 18.58 13.09 11.63
N TYR B 528 16.52 18.47 13.01
CA TYR B 528 15.22 18.83 13.60
C TYR B 528 14.49 17.57 14.12
N PHE B 529 14.27 16.59 13.25
CA PHE B 529 13.79 15.27 13.64
C PHE B 529 14.97 14.30 13.75
N LYS B 530 14.91 13.38 14.71
CA LYS B 530 15.99 12.39 14.93
C LYS B 530 15.38 11.02 15.17
N PRO B 531 15.97 9.95 14.59
CA PRO B 531 15.57 8.60 15.03
C PRO B 531 15.90 8.43 16.51
N LEU B 532 15.10 7.61 17.20
CA LEU B 532 15.35 7.33 18.63
C LEU B 532 16.79 6.88 18.92
N GLY B 533 17.37 6.12 18.00
CA GLY B 533 18.71 5.57 18.16
C GLY B 533 19.79 6.61 18.23
N PHE B 534 19.56 7.75 17.57
CA PHE B 534 20.50 8.89 17.63
C PHE B 534 20.56 9.51 19.02
N VAL B 535 19.43 9.48 19.73
CA VAL B 535 19.33 10.09 21.06
C VAL B 535 19.62 9.06 22.16
N TYR B 536 19.27 7.80 21.92
CA TYR B 536 19.49 6.73 22.92
C TYR B 536 20.29 5.57 22.34
N PRO B 537 21.57 5.84 22.00
CA PRO B 537 22.32 4.85 21.20
C PRO B 537 22.68 3.56 21.93
N ASP B 538 22.64 3.55 23.26
CA ASP B 538 22.94 2.32 24.03
C ASP B 538 21.71 1.49 24.42
N ASP B 539 20.53 1.95 23.98
CA ASP B 539 19.29 1.23 24.22
C ASP B 539 18.96 0.38 22.98
N LYS B 540 19.08 -0.95 23.11
CA LYS B 540 18.90 -1.87 21.99
C LYS B 540 17.50 -1.84 21.36
N MSE B 541 16.51 -1.49 22.18
CA MSE B 541 15.12 -1.43 21.76
C MSE B 541 14.87 -0.12 20.99
O MSE B 541 14.31 -0.13 19.89
CB MSE B 541 14.23 -1.55 22.99
CG MSE B 541 12.78 -1.34 22.73
SE MSE B 541 11.97 -2.92 21.97
CE MSE B 541 10.31 -2.04 21.45
N ALA B 542 15.33 0.99 21.59
CA ALA B 542 15.24 2.32 21.00
C ALA B 542 15.81 2.41 19.59
N ILE B 543 16.97 1.78 19.34
CA ILE B 543 17.59 1.86 18.01
C ILE B 543 16.78 1.21 16.87
N ARG B 544 15.83 0.34 17.21
CA ARG B 544 15.03 -0.35 16.21
C ARG B 544 13.63 0.27 16.06
N VAL B 545 13.32 1.32 16.84
CA VAL B 545 12.01 1.96 16.79
C VAL B 545 11.87 2.78 15.53
N GLU B 546 10.78 2.60 14.79
CA GLU B 546 10.64 3.32 13.52
C GLU B 546 9.40 4.16 13.36
N ASP B 547 8.47 4.09 14.31
CA ASP B 547 7.22 4.86 14.18
C ASP B 547 7.10 5.96 15.23
N GLN B 548 8.25 6.38 15.74
CA GLN B 548 8.40 7.49 16.71
C GLN B 548 9.64 8.30 16.32
N LEU B 549 9.59 9.61 16.55
CA LEU B 549 10.73 10.51 16.30
C LEU B 549 10.97 11.47 17.47
N MSE B 550 12.25 11.77 17.72
CA MSE B 550 12.63 12.84 18.60
C MSE B 550 12.62 14.14 17.80
O MSE B 550 12.97 14.13 16.61
CB MSE B 550 14.02 12.61 19.18
CG MSE B 550 14.27 11.19 19.75
SE MSE B 550 12.91 10.60 20.98
CE MSE B 550 13.15 11.90 22.39
N LEU B 551 12.17 15.23 18.41
CA LEU B 551 12.20 16.54 17.75
C LEU B 551 13.01 17.48 18.66
N GLY B 552 14.05 18.08 18.08
CA GLY B 552 14.98 18.90 18.88
C GLY B 552 15.55 18.09 20.05
N ASN B 553 15.59 18.71 21.22
CA ASN B 553 16.16 18.06 22.39
C ASN B 553 15.15 17.91 23.50
N GLU B 554 13.90 18.27 23.21
CA GLU B 554 12.88 18.36 24.27
C GLU B 554 11.77 17.32 24.14
N ILE B 555 11.37 16.98 22.89
CA ILE B 555 10.15 16.18 22.72
C ILE B 555 10.31 14.91 21.87
N MSE B 556 9.27 14.07 21.93
CA MSE B 556 9.14 12.90 21.11
C MSE B 556 7.73 12.95 20.53
O MSE B 556 6.78 13.35 21.22
CB MSE B 556 9.31 11.62 21.94
CG MSE B 556 9.31 10.34 21.07
SE MSE B 556 9.80 8.76 22.09
CE MSE B 556 8.12 8.59 23.07
N ILE B 557 7.61 12.58 19.26
CA ILE B 557 6.27 12.49 18.63
C ILE B 557 5.94 11.05 18.27
N ALA B 558 4.66 10.71 18.27
CA ALA B 558 4.21 9.34 17.99
C ALA B 558 2.79 9.37 17.47
N PRO B 559 2.59 9.74 16.19
CA PRO B 559 1.25 9.88 15.62
C PRO B 559 0.52 8.54 15.50
N VAL B 560 -0.81 8.58 15.59
CA VAL B 560 -1.62 7.42 15.30
C VAL B 560 -1.74 7.37 13.75
N TYR B 561 -1.52 6.20 13.17
CA TYR B 561 -1.50 6.06 11.72
C TYR B 561 -2.37 4.91 11.22
N GLU B 562 -3.24 4.41 12.09
CA GLU B 562 -4.13 3.30 11.77
C GLU B 562 -5.58 3.80 11.84
N GLN B 563 -6.39 3.42 10.84
CA GLN B 563 -7.80 3.82 10.81
C GLN B 563 -8.55 3.12 11.93
N ASN B 564 -9.52 3.84 12.51
CA ASN B 564 -10.36 3.36 13.62
C ASN B 564 -9.60 3.13 14.94
N ALA B 565 -8.35 3.55 15.01
CA ALA B 565 -7.58 3.36 16.23
C ALA B 565 -7.92 4.45 17.23
N ARG B 566 -7.97 4.08 18.50
CA ARG B 566 -8.23 5.02 19.58
C ARG B 566 -7.00 5.27 20.42
N GLY B 567 -5.87 4.79 19.91
CA GLY B 567 -4.57 4.96 20.56
C GLY B 567 -3.55 4.11 19.84
N ARG B 568 -2.37 3.93 20.45
CA ARG B 568 -1.30 3.16 19.85
C ARG B 568 -0.28 2.74 20.88
N TYR B 569 0.59 1.79 20.52
CA TYR B 569 1.73 1.42 21.38
C TYR B 569 2.90 2.38 21.21
N VAL B 570 3.61 2.64 22.30
CA VAL B 570 4.84 3.41 22.23
C VAL B 570 5.89 2.78 23.12
N TYR B 571 7.15 3.07 22.82
CA TYR B 571 8.24 2.73 23.69
C TYR B 571 8.91 4.01 24.18
N LEU B 572 9.09 4.15 25.48
CA LEU B 572 9.78 5.32 26.06
C LEU B 572 11.15 4.91 26.58
N PRO B 573 12.24 5.45 25.99
CA PRO B 573 13.57 5.10 26.48
C PRO B 573 13.94 5.82 27.78
N GLU B 574 13.09 6.74 28.22
CA GLU B 574 13.28 7.36 29.54
C GLU B 574 11.93 7.84 30.00
N GLU B 575 11.86 8.29 31.25
CA GLU B 575 10.63 8.86 31.79
C GLU B 575 10.26 10.09 30.99
N MSE B 576 8.97 10.23 30.65
CA MSE B 576 8.50 11.37 29.87
C MSE B 576 7.12 11.80 30.35
O MSE B 576 6.42 11.04 31.03
CB MSE B 576 8.44 11.06 28.36
CG MSE B 576 9.74 10.56 27.72
SE MSE B 576 9.81 10.64 25.76
CE MSE B 576 11.47 9.67 25.47
N LYS B 577 6.72 13.04 30.02
CA LYS B 577 5.36 13.49 30.27
C LYS B 577 4.56 13.39 28.98
N PHE B 578 3.54 12.55 29.01
CA PHE B 578 2.64 12.35 27.85
C PHE B 578 1.63 13.48 27.87
N ILE B 579 1.60 14.23 26.78
CA ILE B 579 0.90 15.50 26.69
C ILE B 579 -0.11 15.37 25.57
N LYS B 580 -1.34 15.84 25.77
CA LYS B 580 -2.26 15.95 24.64
C LYS B 580 -2.96 17.30 24.60
N PHE B 581 -2.97 17.92 23.43
CA PHE B 581 -3.81 19.06 23.15
C PHE B 581 -5.22 18.55 22.98
N MSE B 582 -6.10 18.99 23.87
CA MSE B 582 -7.48 18.51 23.97
C MSE B 582 -8.41 19.43 23.18
O MSE B 582 -8.10 20.61 23.00
CB MSE B 582 -7.93 18.49 25.45
CG MSE B 582 -7.22 17.50 26.38
SE MSE B 582 -7.18 15.64 25.75
CE MSE B 582 -7.88 14.76 27.30
N PRO B 583 -9.56 18.90 22.73
CA PRO B 583 -10.46 19.70 21.90
C PRO B 583 -11.08 20.90 22.60
N ASP B 584 -11.11 20.90 23.94
CA ASP B 584 -11.64 22.04 24.69
C ASP B 584 -10.60 23.14 24.94
N GLY B 585 -9.45 23.04 24.27
CA GLY B 585 -8.38 24.02 24.45
C GLY B 585 -7.41 23.70 25.58
N SER B 586 -7.71 22.69 26.40
CA SER B 586 -6.80 22.34 27.50
C SER B 586 -5.65 21.42 27.04
N ILE B 587 -4.67 21.25 27.92
CA ILE B 587 -3.56 20.33 27.70
C ILE B 587 -3.55 19.32 28.86
N SER B 588 -3.66 18.03 28.53
CA SER B 588 -3.61 17.01 29.58
C SER B 588 -2.16 16.54 29.75
N GLU B 589 -1.80 16.17 30.97
CA GLU B 589 -0.43 15.72 31.28
C GLU B 589 -0.45 14.44 32.09
N GLU B 590 0.44 13.52 31.75
CA GLU B 590 0.58 12.28 32.53
C GLU B 590 2.02 11.79 32.46
N VAL B 591 2.62 11.53 33.62
CA VAL B 591 4.00 11.02 33.68
C VAL B 591 4.00 9.52 33.38
N LEU B 592 4.82 9.11 32.43
CA LEU B 592 4.97 7.69 32.11
C LEU B 592 6.43 7.27 32.25
N GLU B 593 6.65 6.16 32.93
CA GLU B 593 8.01 5.65 33.12
C GLU B 593 8.56 5.05 31.84
N LYS B 594 9.88 4.90 31.79
CA LYS B 594 10.58 4.19 30.72
C LYS B 594 9.93 2.82 30.45
N GLY B 595 9.83 2.45 29.18
CA GLY B 595 9.29 1.14 28.82
C GLY B 595 8.13 1.21 27.83
N VAL B 596 7.46 0.07 27.67
CA VAL B 596 6.36 -0.09 26.74
C VAL B 596 5.03 0.38 27.35
N HIS B 597 4.26 1.13 26.56
CA HIS B 597 2.93 1.60 26.94
C HIS B 597 1.97 1.58 25.78
N TYR B 598 0.69 1.36 26.08
CA TYR B 598 -0.38 1.72 25.15
C TYR B 598 -0.96 3.06 25.60
N VAL B 599 -1.03 4.04 24.69
CA VAL B 599 -1.59 5.36 25.04
C VAL B 599 -2.86 5.67 24.23
N ASP B 600 -3.87 6.23 24.90
CA ASP B 600 -5.12 6.64 24.24
C ASP B 600 -4.93 7.97 23.52
N VAL B 601 -5.26 8.01 22.23
CA VAL B 601 -5.24 9.24 21.44
C VAL B 601 -6.52 9.30 20.55
N ALA B 602 -7.46 10.17 20.92
CA ALA B 602 -8.70 10.32 20.13
C ALA B 602 -8.41 11.02 18.81
N LEU B 603 -9.35 10.97 17.87
CA LEU B 603 -9.20 11.65 16.57
C LEU B 603 -8.91 13.13 16.65
N ASN B 604 -9.50 13.78 17.65
CA ASN B 604 -9.41 15.23 17.80
C ASN B 604 -8.39 15.71 18.86
N GLU B 605 -7.42 14.84 19.16
CA GLU B 605 -6.38 15.10 20.17
C GLU B 605 -4.99 14.98 19.52
N VAL B 606 -4.09 15.91 19.86
CA VAL B 606 -2.73 15.89 19.32
C VAL B 606 -1.71 15.50 20.41
N PRO B 607 -1.04 14.36 20.25
CA PRO B 607 -0.14 13.86 21.28
C PRO B 607 1.32 14.25 21.07
N LEU B 608 2.05 14.37 22.18
CA LEU B 608 3.51 14.45 22.18
C LEU B 608 4.03 14.03 23.56
N PHE B 609 5.34 13.87 23.68
CA PHE B 609 5.96 13.51 24.97
C PHE B 609 7.09 14.49 25.26
N ILE B 610 7.15 14.98 26.50
CA ILE B 610 8.25 15.86 26.95
C ILE B 610 9.27 15.02 27.72
N ARG B 611 10.54 15.08 27.31
CA ARG B 611 11.58 14.32 27.98
C ARG B 611 11.82 14.76 29.44
N SER B 612 12.17 13.79 30.28
CA SER B 612 12.68 14.09 31.62
C SER B 612 13.67 15.27 31.60
N GLY B 613 13.50 16.19 32.54
CA GLY B 613 14.42 17.33 32.71
C GLY B 613 14.29 18.45 31.68
N LYS B 614 13.22 18.40 30.89
CA LYS B 614 12.96 19.37 29.80
C LYS B 614 11.63 20.07 29.93
N CYS B 615 11.49 21.19 29.22
CA CYS B 615 10.21 21.86 29.07
C CYS B 615 10.12 22.56 27.70
N ILE B 616 8.89 22.86 27.29
CA ILE B 616 8.66 23.59 26.06
C ILE B 616 7.67 24.73 26.32
N PRO B 617 7.77 25.83 25.54
CA PRO B 617 6.75 26.87 25.64
C PRO B 617 5.57 26.61 24.70
N VAL B 618 4.38 26.91 25.19
CA VAL B 618 3.16 26.76 24.42
C VAL B 618 2.46 28.11 24.45
N ALA B 619 2.21 28.69 23.28
CA ALA B 619 1.42 29.92 23.20
C ALA B 619 -0.07 29.59 23.22
N GLU B 620 -0.89 30.60 23.50
CA GLU B 620 -2.34 30.49 23.33
C GLU B 620 -2.63 30.46 21.84
N ALA B 621 -3.74 29.84 21.45
CA ALA B 621 -4.10 29.68 20.06
C ALA B 621 -4.30 31.04 19.38
N ALA B 622 -3.69 31.26 18.22
CA ALA B 622 -3.97 32.44 17.40
C ALA B 622 -4.28 31.98 15.99
N GLU B 623 -4.87 32.87 15.19
CA GLU B 623 -5.37 32.52 13.85
C GLU B 623 -4.41 32.80 12.70
N CYS B 624 -3.29 33.48 12.99
CA CYS B 624 -2.22 33.67 12.01
C CYS B 624 -0.88 33.83 12.75
N VAL B 625 0.23 33.56 12.05
CA VAL B 625 1.54 33.63 12.71
C VAL B 625 1.83 35.01 13.36
N LYS B 626 1.47 36.08 12.64
CA LYS B 626 1.61 37.46 13.11
C LYS B 626 1.01 37.69 14.50
N ASP B 627 -0.16 37.11 14.75
CA ASP B 627 -0.88 37.38 15.99
C ASP B 627 -0.54 36.46 17.17
N ILE B 628 0.45 35.59 17.02
CA ILE B 628 0.86 34.74 18.14
C ILE B 628 1.52 35.57 19.23
N ASP B 629 1.02 35.44 20.46
CA ASP B 629 1.52 36.18 21.62
C ASP B 629 2.63 35.35 22.26
N THR B 630 3.88 35.76 22.05
CA THR B 630 5.02 35.01 22.59
C THR B 630 5.55 35.56 23.93
N GLU B 631 4.87 36.58 24.46
CA GLU B 631 5.30 37.27 25.68
C GLU B 631 5.07 36.47 26.95
N ASN B 632 3.86 35.96 27.13
CA ASN B 632 3.62 35.08 28.26
C ASN B 632 3.00 33.76 27.82
N MSE B 633 3.89 32.84 27.46
CA MSE B 633 3.50 31.49 27.09
C MSE B 633 3.66 30.62 28.34
O MSE B 633 4.59 30.83 29.13
CB MSE B 633 4.42 30.95 25.99
CG MSE B 633 4.56 31.88 24.80
SE MSE B 633 5.39 30.99 23.31
CE MSE B 633 7.26 31.40 23.61
N GLN B 634 2.77 29.67 28.54
CA GLN B 634 2.99 28.72 29.62
C GLN B 634 4.08 27.74 29.23
N LEU B 635 4.81 27.29 30.24
CA LEU B 635 5.83 26.28 30.11
C LEU B 635 5.30 24.94 30.60
N ILE B 636 5.48 23.94 29.76
CA ILE B 636 4.92 22.60 29.96
C ILE B 636 6.10 21.63 30.02
N GLY B 637 6.09 20.76 31.01
CA GLY B 637 7.20 19.83 31.20
C GLY B 637 7.62 19.75 32.65
N TYR B 638 8.92 19.58 32.86
CA TYR B 638 9.46 19.25 34.18
C TYR B 638 9.86 20.46 35.00
N GLU B 639 9.53 20.39 36.29
CA GLU B 639 9.63 21.53 37.20
C GLU B 639 10.99 22.25 37.31
N GLY B 640 12.10 21.52 37.26
CA GLY B 640 13.41 22.20 37.45
C GLY B 640 14.00 22.87 36.22
N SER B 641 13.33 22.72 35.09
CA SER B 641 13.96 22.88 33.79
C SER B 641 13.85 24.27 33.16
N SER B 642 14.66 24.45 32.13
CA SER B 642 14.65 25.67 31.36
C SER B 642 14.73 25.36 29.87
N TYR B 643 14.37 26.35 29.05
CA TYR B 643 14.37 26.21 27.59
C TYR B 643 14.88 27.51 26.96
N THR B 644 15.81 27.37 26.01
CA THR B 644 16.34 28.50 25.28
C THR B 644 15.56 28.76 23.99
N LEU B 645 14.77 29.83 24.00
CA LEU B 645 13.93 30.20 22.88
C LEU B 645 14.72 31.03 21.89
N TYR B 646 14.71 30.60 20.63
CA TYR B 646 15.16 31.43 19.50
C TYR B 646 13.92 32.14 18.92
N GLU B 647 14.00 33.46 18.79
CA GLU B 647 12.94 34.26 18.17
C GLU B 647 13.57 35.46 17.45
N ASP B 648 13.15 35.70 16.21
CA ASP B 648 13.61 36.88 15.47
C ASP B 648 12.38 37.50 14.83
N ASP B 649 12.56 38.40 13.86
CA ASP B 649 11.39 39.04 13.26
C ASP B 649 10.69 38.15 12.23
N GLY B 650 11.34 37.04 11.89
CA GLY B 650 10.81 36.06 10.97
C GLY B 650 10.76 36.45 9.51
N ILE B 651 11.37 37.60 9.19
CA ILE B 651 11.28 38.19 7.86
C ILE B 651 12.68 38.37 7.21
N HIS B 652 13.63 38.87 7.99
CA HIS B 652 14.95 39.21 7.47
C HIS B 652 15.99 38.12 7.80
N LYS B 653 17.27 38.43 7.57
CA LYS B 653 18.37 37.47 7.67
C LYS B 653 19.41 37.83 8.73
N ASP B 654 18.94 38.49 9.78
CA ASP B 654 19.81 38.85 10.89
C ASP B 654 19.79 37.77 11.97
N TYR B 655 20.56 36.70 11.77
CA TYR B 655 20.49 35.51 12.62
C TYR B 655 21.41 35.51 13.86
N ASP B 656 22.52 36.21 13.75
CA ASP B 656 23.62 36.10 14.72
C ASP B 656 23.32 36.59 16.16
N LYS B 657 22.55 37.66 16.26
CA LYS B 657 22.45 38.50 17.46
C LYS B 657 21.98 37.86 18.77
N LYS B 658 22.53 38.36 19.89
CA LYS B 658 22.18 37.85 21.23
C LYS B 658 20.71 38.10 21.62
N GLU B 659 20.10 39.13 21.06
CA GLU B 659 18.68 39.43 21.28
C GLU B 659 17.72 38.36 20.75
N ASN B 660 18.22 37.46 19.88
CA ASN B 660 17.40 36.36 19.35
C ASN B 660 17.19 35.22 20.33
N TYR B 661 17.91 35.24 21.45
CA TYR B 661 17.85 34.15 22.41
C TYR B 661 17.33 34.64 23.75
N ARG B 662 16.38 33.90 24.33
CA ARG B 662 16.04 34.08 25.72
C ARG B 662 15.75 32.75 26.41
N VAL B 663 16.28 32.66 27.63
CA VAL B 663 16.15 31.51 28.49
C VAL B 663 14.82 31.64 29.24
N LEU B 664 13.97 30.63 29.07
CA LEU B 664 12.69 30.54 29.78
C LEU B 664 12.86 29.44 30.85
N THR B 665 12.44 29.73 32.07
CA THR B 665 12.64 28.80 33.18
C THR B 665 11.30 28.39 33.77
N LYS B 666 11.07 27.09 33.86
CA LYS B 666 9.88 26.58 34.53
C LYS B 666 10.16 26.57 36.03
C1 GOL C . -1.26 -16.70 -12.80
O1 GOL C . -1.21 -17.55 -11.68
C2 GOL C . -2.54 -15.85 -12.86
O2 GOL C . -2.24 -14.54 -13.29
C3 GOL C . -3.24 -15.81 -11.52
O3 GOL C . -4.60 -16.10 -11.77
C1 GOL D . -0.84 20.09 -10.73
O1 GOL D . -0.01 21.21 -10.60
C2 GOL D . -0.43 19.14 -9.62
O2 GOL D . -1.51 18.89 -8.73
C3 GOL D . 0.20 17.88 -10.21
O3 GOL D . 1.61 17.97 -10.02
C1 GOL E . 42.35 4.99 -5.05
O1 GOL E . 41.80 5.62 -3.91
C2 GOL E . 42.24 5.90 -6.27
O2 GOL E . 41.04 6.65 -6.21
C3 GOL E . 42.25 5.04 -7.53
O3 GOL E . 41.68 5.77 -8.61
#